data_7OPO
#
_entry.id   7OPO
#
_cell.length_a   170.290
_cell.length_b   88.621
_cell.length_c   160.346
_cell.angle_alpha   90.000
_cell.angle_beta   95.423
_cell.angle_gamma   90.000
#
_symmetry.space_group_name_H-M   'C 1 2 1'
#
loop_
_entity.id
_entity.type
_entity.pdbx_description
1 polymer 'Ribosomal protein S6 kinase alpha-3'
2 polymer 'Protein ORF45'
3 non-polymer 'PHOSPHOAMINOPHOSPHONIC ACID-ADENYLATE ESTER'
4 water water
#
loop_
_entity_poly.entity_id
_entity_poly.type
_entity_poly.pdbx_seq_one_letter_code
_entity_poly.pdbx_strand_id
1 'polypeptide(L)'
;GSASNPQTEEVSIKEIAITHHVKEGHEKADPSQFELLKVLGQGSFGKVFLVKKISGSDARQLYAMKVLKKATLKVRDRVR
TKMERDILVEVNHPFIVKLHYAFQTEGKLYLILDFLRGGDLFTRLSKEVMFTEEDVKFYLAELALALDHLHSLGIIYRDL
KPENILLDEEGHIKLTDFGLSKESIDHEKKAYSFCGTVEYMAPEVVNRRGHTQSADWWSFGVLMFEMLTGTLPFQGKDRK
ETMTMILKAKLGMPQFLSPEAQSLLRMLFKRNPANRLGAGPDGVEEIKRHSFFSTIDWNKLYRREIHPPFKPATGRP
;
A,C,E,G,I,K
2 'polypeptide(L)' GSRMLPIEGAPRRRPPVKFIFPPPPLSSLPGFGRPRGYAGPTVIDMSAPDDVFAEDTPSPPAT B,D,F,H,J,L
#
loop_
_chem_comp.id
_chem_comp.type
_chem_comp.name
_chem_comp.formula
ANP non-polymer 'PHOSPHOAMINOPHOSPHONIC ACID-ADENYLATE ESTER' 'C10 H17 N6 O12 P3'
#
# COMPACT_ATOMS: atom_id res chain seq x y z
N VAL A 11 -27.60 4.86 27.84
CA VAL A 11 -26.22 4.51 28.20
C VAL A 11 -25.92 3.05 28.13
N SER A 12 -26.81 2.27 27.51
CA SER A 12 -26.80 0.84 27.69
C SER A 12 -25.59 0.12 27.06
N ILE A 13 -24.86 -0.66 27.89
CA ILE A 13 -23.71 -1.45 27.43
C ILE A 13 -24.03 -2.96 27.51
N LYS A 14 -23.71 -3.68 26.43
CA LYS A 14 -23.94 -5.12 26.30
C LYS A 14 -22.64 -5.86 26.02
N GLU A 15 -22.36 -6.90 26.82
CA GLU A 15 -21.18 -7.73 26.63
C GLU A 15 -21.57 -8.98 25.86
N ILE A 16 -20.93 -9.19 24.70
CA ILE A 16 -21.17 -10.36 23.87
C ILE A 16 -19.94 -11.24 24.00
N ALA A 17 -20.11 -12.41 24.58
CA ALA A 17 -19.00 -13.32 24.77
C ALA A 17 -18.69 -13.99 23.44
N ILE A 18 -17.41 -14.05 23.09
CA ILE A 18 -16.99 -14.64 21.83
C ILE A 18 -16.71 -16.10 22.12
N THR A 19 -17.61 -16.98 21.69
CA THR A 19 -17.54 -18.41 21.94
C THR A 19 -17.30 -19.23 20.68
N HIS A 20 -17.98 -18.88 19.59
CA HIS A 20 -17.91 -19.64 18.36
C HIS A 20 -18.26 -18.70 17.21
N HIS A 21 -17.64 -18.94 16.07
CA HIS A 21 -17.92 -18.15 14.88
C HIS A 21 -17.55 -18.90 13.62
N VAL A 22 -18.37 -18.72 12.60
CA VAL A 22 -18.22 -19.26 11.26
C VAL A 22 -19.21 -18.56 10.34
N LYS A 23 -18.83 -18.35 9.08
CA LYS A 23 -19.77 -17.76 8.13
C LYS A 23 -21.05 -18.56 8.14
N GLU A 24 -22.19 -17.86 8.09
CA GLU A 24 -23.46 -18.55 8.21
C GLU A 24 -23.60 -19.55 7.07
N GLY A 25 -23.90 -20.80 7.41
CA GLY A 25 -24.00 -21.87 6.44
C GLY A 25 -22.68 -22.51 6.03
N HIS A 26 -21.58 -22.17 6.69
CA HIS A 26 -20.28 -22.78 6.44
C HIS A 26 -19.94 -23.75 7.56
N GLU A 27 -18.87 -24.51 7.36
CA GLU A 27 -18.48 -25.55 8.28
C GLU A 27 -17.61 -24.99 9.40
N LYS A 28 -18.06 -25.19 10.64
CA LYS A 28 -17.31 -24.75 11.81
C LYS A 28 -15.98 -25.48 11.89
N ALA A 29 -14.96 -24.78 12.39
CA ALA A 29 -13.61 -25.29 12.43
C ALA A 29 -13.25 -25.80 13.82
N ASP A 30 -12.21 -26.63 13.86
CA ASP A 30 -11.73 -27.23 15.10
C ASP A 30 -10.23 -27.36 14.98
N PRO A 31 -9.53 -27.65 16.10
CA PRO A 31 -8.06 -27.63 16.05
C PRO A 31 -7.46 -28.60 15.04
N SER A 32 -8.11 -29.73 14.78
CA SER A 32 -7.55 -30.71 13.85
C SER A 32 -7.45 -30.19 12.43
N GLN A 33 -8.27 -29.21 12.05
CA GLN A 33 -8.28 -28.72 10.68
C GLN A 33 -7.19 -27.70 10.39
N PHE A 34 -6.36 -27.33 11.36
CA PHE A 34 -5.29 -26.38 11.13
C PHE A 34 -3.93 -27.02 11.39
N GLU A 35 -2.93 -26.57 10.63
CA GLU A 35 -1.54 -26.97 10.84
C GLU A 35 -0.73 -25.72 11.16
N LEU A 36 0.01 -25.76 12.26
CA LEU A 36 0.84 -24.63 12.64
C LEU A 36 2.05 -24.50 11.73
N LEU A 37 2.36 -23.26 11.36
CA LEU A 37 3.48 -22.97 10.47
C LEU A 37 4.59 -22.20 11.16
N LYS A 38 4.27 -21.11 11.84
CA LYS A 38 5.27 -20.30 12.54
C LYS A 38 4.57 -19.36 13.50
N VAL A 39 5.38 -18.60 14.25
CA VAL A 39 4.89 -17.54 15.14
C VAL A 39 4.98 -16.21 14.41
N LEU A 40 3.84 -15.55 14.23
CA LEU A 40 3.81 -14.28 13.50
C LEU A 40 4.33 -13.13 14.35
N GLY A 41 3.94 -13.06 15.61
CA GLY A 41 4.38 -11.96 16.46
C GLY A 41 4.00 -12.21 17.90
N GLN A 42 4.43 -11.30 18.76
CA GLN A 42 4.18 -11.39 20.20
C GLN A 42 3.34 -10.20 20.63
N GLY A 43 2.16 -10.49 21.19
CA GLY A 43 1.28 -9.50 21.75
C GLY A 43 1.20 -9.58 23.27
N SER A 44 0.43 -8.64 23.83
CA SER A 44 0.19 -8.63 25.27
C SER A 44 -0.53 -9.88 25.73
N PHE A 45 -1.43 -10.39 24.90
CA PHE A 45 -2.25 -11.54 25.24
C PHE A 45 -1.65 -12.87 24.81
N GLY A 46 -0.48 -12.86 24.19
CA GLY A 46 0.16 -14.10 23.84
C GLY A 46 0.80 -14.01 22.47
N LYS A 47 1.26 -15.15 22.00
CA LYS A 47 1.84 -15.24 20.67
C LYS A 47 0.74 -15.37 19.62
N VAL A 48 1.01 -14.83 18.44
CA VAL A 48 0.12 -14.93 17.29
C VAL A 48 0.75 -15.91 16.32
N PHE A 49 -0.04 -16.88 15.88
CA PHE A 49 0.47 -17.99 15.08
C PHE A 49 -0.01 -17.89 13.65
N LEU A 50 0.75 -18.51 12.77
CA LEU A 50 0.36 -18.71 11.38
C LEU A 50 -0.09 -20.14 11.22
N VAL A 51 -1.30 -20.34 10.71
CA VAL A 51 -1.87 -21.67 10.54
C VAL A 51 -2.32 -21.84 9.10
N LYS A 52 -2.32 -23.09 8.65
CA LYS A 52 -2.77 -23.44 7.32
C LYS A 52 -3.99 -24.33 7.46
N LYS A 53 -5.08 -23.96 6.79
CA LYS A 53 -6.28 -24.79 6.79
C LYS A 53 -6.02 -26.02 5.92
N ILE A 54 -6.20 -27.21 6.50
CA ILE A 54 -5.93 -28.45 5.80
C ILE A 54 -7.20 -29.17 5.37
N SER A 55 -8.37 -28.66 5.74
CA SER A 55 -9.64 -29.30 5.41
C SER A 55 -10.63 -28.25 4.94
N GLY A 56 -11.54 -28.66 4.06
CA GLY A 56 -12.64 -27.81 3.67
C GLY A 56 -12.42 -27.03 2.39
N SER A 57 -13.34 -26.09 2.16
CA SER A 57 -13.29 -25.27 0.95
C SER A 57 -12.12 -24.30 0.93
N ASP A 58 -11.67 -23.84 2.11
CA ASP A 58 -10.53 -22.94 2.19
C ASP A 58 -9.24 -23.69 2.53
N ALA A 59 -9.13 -24.95 2.14
CA ALA A 59 -7.92 -25.70 2.35
C ALA A 59 -6.76 -25.06 1.59
N ARG A 60 -5.58 -25.10 2.20
CA ARG A 60 -4.32 -24.48 1.78
C ARG A 60 -4.27 -22.99 2.09
N GLN A 61 -5.33 -22.39 2.62
CA GLN A 61 -5.30 -20.98 2.95
C GLN A 61 -4.57 -20.75 4.27
N LEU A 62 -3.85 -19.64 4.36
CA LEU A 62 -3.11 -19.27 5.55
C LEU A 62 -3.92 -18.32 6.41
N TYR A 63 -3.87 -18.54 7.72
CA TYR A 63 -4.58 -17.70 8.67
C TYR A 63 -3.66 -17.34 9.84
N ALA A 64 -4.00 -16.25 10.50
CA ALA A 64 -3.38 -15.89 11.77
C ALA A 64 -4.26 -16.38 12.90
N MET A 65 -3.63 -16.89 13.96
CA MET A 65 -4.37 -17.47 15.07
C MET A 65 -3.92 -16.86 16.39
N LYS A 66 -4.90 -16.47 17.20
CA LYS A 66 -4.68 -16.06 18.58
C LYS A 66 -5.30 -17.10 19.51
N VAL A 67 -4.65 -17.34 20.64
CA VAL A 67 -5.14 -18.28 21.65
C VAL A 67 -5.35 -17.52 22.95
N LEU A 68 -6.59 -17.54 23.46
CA LEU A 68 -6.99 -16.78 24.63
C LEU A 68 -7.81 -17.65 25.58
N LYS A 69 -7.88 -17.22 26.84
CA LYS A 69 -8.80 -17.85 27.78
C LYS A 69 -10.25 -17.53 27.44
N LYS A 70 -10.55 -16.26 27.19
CA LYS A 70 -11.86 -15.85 26.72
C LYS A 70 -11.74 -14.46 26.12
N ALA A 71 -12.75 -14.09 25.33
CA ALA A 71 -12.81 -12.76 24.74
C ALA A 71 -14.26 -12.33 24.65
N THR A 72 -14.54 -11.07 25.02
CA THR A 72 -15.87 -10.50 24.95
C THR A 72 -15.81 -9.18 24.19
N LEU A 73 -16.91 -8.85 23.53
CA LEU A 73 -17.03 -7.59 22.80
C LEU A 73 -18.07 -6.73 23.50
N LYS A 74 -17.66 -5.56 23.97
CA LYS A 74 -18.56 -4.61 24.62
C LYS A 74 -19.18 -3.70 23.57
N VAL A 75 -20.51 -3.71 23.48
CA VAL A 75 -21.22 -2.93 22.49
C VAL A 75 -22.21 -2.03 23.21
N ARG A 76 -22.11 -0.73 22.98
CA ARG A 76 -23.09 0.17 23.55
C ARG A 76 -24.21 0.42 22.54
N ASP A 77 -25.28 1.10 22.99
CA ASP A 77 -26.48 1.39 22.19
C ASP A 77 -26.96 0.15 21.40
N ARG A 85 -28.41 -9.72 12.24
CA ARG A 85 -27.04 -9.65 11.71
C ARG A 85 -26.01 -9.84 12.83
N ASP A 86 -25.00 -10.64 12.54
CA ASP A 86 -23.99 -10.97 13.55
C ASP A 86 -23.02 -9.81 13.76
N ILE A 87 -22.73 -9.53 15.04
CA ILE A 87 -21.79 -8.46 15.36
C ILE A 87 -20.41 -8.80 14.82
N LEU A 88 -20.06 -10.09 14.80
CA LEU A 88 -18.76 -10.47 14.24
C LEU A 88 -18.75 -10.30 12.73
N VAL A 89 -19.93 -10.35 12.09
CA VAL A 89 -20.02 -10.06 10.68
C VAL A 89 -20.11 -8.57 10.41
N GLU A 90 -20.77 -7.82 11.28
CA GLU A 90 -20.94 -6.38 11.06
C GLU A 90 -19.62 -5.63 11.18
N VAL A 91 -18.73 -6.07 12.07
CA VAL A 91 -17.44 -5.41 12.26
C VAL A 91 -16.54 -5.53 11.05
N ASN A 92 -16.90 -6.35 10.07
CA ASN A 92 -16.10 -6.49 8.86
C ASN A 92 -15.94 -5.14 8.18
N HIS A 93 -14.70 -4.80 7.83
CA HIS A 93 -14.39 -3.50 7.25
C HIS A 93 -13.18 -3.67 6.36
N PRO A 94 -13.02 -2.82 5.33
CA PRO A 94 -11.84 -2.93 4.47
C PRO A 94 -10.53 -2.80 5.22
N PHE A 95 -10.50 -2.06 6.34
CA PHE A 95 -9.25 -1.78 7.04
C PHE A 95 -9.23 -2.39 8.44
N ILE A 96 -10.01 -3.44 8.68
CA ILE A 96 -10.05 -4.15 9.95
C ILE A 96 -9.88 -5.64 9.67
N VAL A 97 -9.13 -6.32 10.52
CA VAL A 97 -8.94 -7.76 10.35
C VAL A 97 -10.28 -8.46 10.43
N LYS A 98 -10.46 -9.48 9.60
CA LYS A 98 -11.70 -10.24 9.59
C LYS A 98 -11.51 -11.53 10.37
N LEU A 99 -12.47 -11.82 11.24
CA LEU A 99 -12.47 -13.06 12.01
C LEU A 99 -13.18 -14.14 11.18
N HIS A 100 -12.45 -15.19 10.83
CA HIS A 100 -13.01 -16.24 10.01
C HIS A 100 -13.60 -17.38 10.83
N TYR A 101 -12.89 -17.80 11.89
CA TYR A 101 -13.39 -18.86 12.75
C TYR A 101 -13.15 -18.48 14.19
N ALA A 102 -14.04 -18.96 15.06
CA ALA A 102 -13.84 -18.89 16.49
C ALA A 102 -14.34 -20.19 17.06
N PHE A 103 -13.53 -20.83 17.90
CA PHE A 103 -13.95 -22.07 18.51
C PHE A 103 -13.26 -22.18 19.87
N GLN A 104 -13.83 -23.02 20.71
CA GLN A 104 -13.40 -23.16 22.09
C GLN A 104 -12.99 -24.61 22.30
N THR A 105 -11.87 -24.82 22.98
CA THR A 105 -11.45 -26.18 23.25
C THR A 105 -10.54 -26.20 24.46
N GLU A 106 -10.86 -27.06 25.43
CA GLU A 106 -10.05 -27.26 26.63
C GLU A 106 -9.89 -25.96 27.41
N GLY A 107 -10.97 -25.19 27.51
CA GLY A 107 -10.93 -23.93 28.23
C GLY A 107 -10.07 -22.86 27.58
N LYS A 108 -9.87 -22.94 26.27
CA LYS A 108 -9.09 -21.93 25.55
C LYS A 108 -9.91 -21.48 24.35
N LEU A 109 -9.82 -20.19 24.03
CA LEU A 109 -10.54 -19.62 22.91
C LEU A 109 -9.58 -19.41 21.73
N TYR A 110 -9.98 -19.86 20.55
CA TYR A 110 -9.13 -19.82 19.36
C TYR A 110 -9.76 -18.90 18.33
N LEU A 111 -9.04 -17.85 17.95
CA LEU A 111 -9.49 -16.87 16.97
C LEU A 111 -8.71 -17.05 15.68
N ILE A 112 -9.41 -17.37 14.59
CA ILE A 112 -8.80 -17.53 13.27
C ILE A 112 -9.07 -16.27 12.47
N LEU A 113 -8.00 -15.56 12.11
CA LEU A 113 -8.08 -14.22 11.54
C LEU A 113 -7.38 -14.16 10.18
N ASP A 114 -7.54 -13.03 9.50
CA ASP A 114 -6.80 -12.79 8.27
C ASP A 114 -5.31 -12.84 8.54
N PHE A 115 -4.56 -13.48 7.65
CA PHE A 115 -3.10 -13.42 7.73
C PHE A 115 -2.65 -12.14 7.06
N LEU A 116 -2.21 -11.17 7.86
CA LEU A 116 -1.79 -9.87 7.33
C LEU A 116 -0.35 -9.96 6.88
N ARG A 117 -0.14 -9.88 5.56
CA ARG A 117 1.14 -10.13 4.93
C ARG A 117 1.96 -8.87 4.67
N GLY A 118 1.40 -7.69 4.93
CA GLY A 118 2.10 -6.45 4.69
C GLY A 118 3.02 -6.00 5.79
N GLY A 119 2.93 -6.60 6.97
CA GLY A 119 3.70 -6.14 8.10
C GLY A 119 3.04 -4.95 8.75
N ASP A 120 3.73 -4.42 9.75
CA ASP A 120 3.24 -3.26 10.48
C ASP A 120 3.61 -1.95 9.79
N LEU A 121 2.77 -0.94 10.02
CA LEU A 121 3.00 0.36 9.40
C LEU A 121 4.27 1.02 9.91
N PHE A 122 4.57 0.88 11.21
CA PHE A 122 5.70 1.59 11.79
C PHE A 122 7.02 1.09 11.22
N THR A 123 7.14 -0.22 10.96
CA THR A 123 8.35 -0.74 10.32
C THR A 123 8.47 -0.21 8.90
N ARG A 124 7.36 -0.16 8.16
CA ARG A 124 7.41 0.39 6.80
C ARG A 124 7.83 1.85 6.81
N LEU A 125 7.28 2.64 7.72
CA LEU A 125 7.69 4.04 7.84
C LEU A 125 9.16 4.14 8.24
N SER A 126 9.61 3.31 9.17
CA SER A 126 11.02 3.33 9.57
C SER A 126 11.93 2.94 8.41
N LYS A 127 11.48 2.02 7.56
CA LYS A 127 12.28 1.64 6.40
C LYS A 127 12.48 2.82 5.47
N GLU A 128 11.44 3.66 5.31
CA GLU A 128 11.58 4.84 4.46
C GLU A 128 12.44 5.92 5.11
N VAL A 129 12.34 6.08 6.44
CA VAL A 129 13.07 7.08 7.21
C VAL A 129 12.60 8.49 6.90
N MET A 130 12.66 8.88 5.64
CA MET A 130 12.23 10.20 5.21
C MET A 130 10.94 10.05 4.42
N PHE A 131 9.88 10.68 4.89
CA PHE A 131 8.60 10.63 4.19
C PHE A 131 7.87 11.95 4.39
N THR A 132 6.79 12.12 3.65
CA THR A 132 6.02 13.36 3.65
C THR A 132 4.82 13.24 4.57
N GLU A 133 4.21 14.38 4.89
CA GLU A 133 2.96 14.35 5.63
C GLU A 133 1.86 13.69 4.81
N GLU A 134 1.87 13.89 3.49
CA GLU A 134 0.88 13.24 2.64
C GLU A 134 0.97 11.73 2.73
N ASP A 135 2.19 11.19 2.91
CA ASP A 135 2.35 9.75 3.09
C ASP A 135 1.65 9.27 4.35
N VAL A 136 1.93 9.93 5.48
CA VAL A 136 1.27 9.56 6.73
C VAL A 136 -0.23 9.83 6.67
N LYS A 137 -0.64 10.84 5.91
CA LYS A 137 -2.05 11.20 5.81
C LYS A 137 -2.88 10.03 5.30
N PHE A 138 -2.37 9.31 4.30
CA PHE A 138 -3.11 8.18 3.73
C PHE A 138 -3.42 7.15 4.80
N TYR A 139 -2.44 6.82 5.64
CA TYR A 139 -2.65 5.79 6.65
C TYR A 139 -3.58 6.27 7.76
N LEU A 140 -3.47 7.54 8.14
CA LEU A 140 -4.37 8.09 9.15
C LEU A 140 -5.81 8.08 8.65
N ALA A 141 -6.00 8.39 7.36
CA ALA A 141 -7.35 8.44 6.82
C ALA A 141 -7.99 7.05 6.83
N GLU A 142 -7.25 6.03 6.39
CA GLU A 142 -7.77 4.66 6.44
C GLU A 142 -8.01 4.23 7.88
N LEU A 143 -7.13 4.63 8.78
CA LEU A 143 -7.33 4.35 10.20
C LEU A 143 -8.61 5.03 10.72
N ALA A 144 -8.87 6.26 10.26
CA ALA A 144 -10.05 6.98 10.73
C ALA A 144 -11.34 6.28 10.30
N LEU A 145 -11.39 5.78 9.07
CA LEU A 145 -12.57 5.06 8.60
C LEU A 145 -12.83 3.82 9.42
N ALA A 146 -11.77 3.06 9.74
CA ALA A 146 -11.93 1.86 10.53
C ALA A 146 -12.45 2.17 11.93
N LEU A 147 -11.92 3.22 12.56
CA LEU A 147 -12.39 3.60 13.89
C LEU A 147 -13.85 4.02 13.87
N ASP A 148 -14.26 4.81 12.88
CA ASP A 148 -15.65 5.25 12.83
C ASP A 148 -16.59 4.08 12.58
N HIS A 149 -16.17 3.12 11.77
CA HIS A 149 -17.01 1.95 11.51
C HIS A 149 -17.33 1.22 12.81
N LEU A 150 -16.32 1.01 13.66
CA LEU A 150 -16.57 0.41 14.97
C LEU A 150 -17.41 1.33 15.84
N HIS A 151 -17.18 2.65 15.75
CA HIS A 151 -18.00 3.60 16.49
C HIS A 151 -19.44 3.54 16.04
N SER A 152 -19.68 3.36 14.73
CA SER A 152 -21.05 3.34 14.22
C SER A 152 -21.86 2.19 14.82
N LEU A 153 -21.20 1.08 15.14
CA LEU A 153 -21.86 -0.05 15.76
C LEU A 153 -21.78 -0.01 17.29
N GLY A 154 -21.25 1.06 17.86
CA GLY A 154 -21.17 1.20 19.31
C GLY A 154 -19.94 0.58 19.94
N ILE A 155 -18.94 0.23 19.16
CA ILE A 155 -17.73 -0.42 19.66
C ILE A 155 -16.63 0.61 19.84
N ILE A 156 -15.86 0.42 20.90
CA ILE A 156 -14.72 1.27 21.20
C ILE A 156 -13.45 0.46 21.00
N TYR A 157 -12.47 1.05 20.29
CA TYR A 157 -11.21 0.34 20.15
C TYR A 157 -10.45 0.27 21.48
N ARG A 158 -10.53 1.33 22.29
CA ARG A 158 -10.02 1.35 23.66
C ARG A 158 -8.49 1.41 23.74
N ASP A 159 -7.83 0.37 23.25
CA ASP A 159 -6.39 0.22 23.40
C ASP A 159 -5.77 0.18 22.01
N LEU A 160 -5.77 1.33 21.35
CA LEU A 160 -5.18 1.47 20.03
C LEU A 160 -3.70 1.78 20.18
N LYS A 161 -2.86 0.97 19.54
CA LYS A 161 -1.42 1.13 19.64
C LYS A 161 -0.81 0.70 18.32
N PRO A 162 0.46 1.07 18.05
CA PRO A 162 1.07 0.70 16.77
C PRO A 162 1.11 -0.79 16.50
N GLU A 163 1.16 -1.62 17.55
CA GLU A 163 1.18 -3.07 17.34
C GLU A 163 -0.09 -3.54 16.65
N ASN A 164 -1.20 -2.81 16.83
CA ASN A 164 -2.46 -3.18 16.20
C ASN A 164 -2.57 -2.67 14.77
N ILE A 165 -1.66 -1.82 14.31
CA ILE A 165 -1.75 -1.17 13.02
C ILE A 165 -0.86 -1.94 12.05
N LEU A 166 -1.46 -2.80 11.25
CA LEU A 166 -0.74 -3.59 10.26
C LEU A 166 -1.17 -3.22 8.85
N LEU A 167 -0.46 -3.77 7.89
CA LEU A 167 -0.73 -3.56 6.48
C LEU A 167 -1.05 -4.90 5.82
N ASP A 168 -1.76 -4.84 4.70
CA ASP A 168 -2.01 -6.05 3.94
C ASP A 168 -1.01 -6.14 2.80
N GLU A 169 -1.19 -7.13 1.92
CA GLU A 169 -0.26 -7.32 0.82
C GLU A 169 -0.21 -6.09 -0.10
N GLU A 170 -1.35 -5.43 -0.29
CA GLU A 170 -1.39 -4.25 -1.14
C GLU A 170 -0.87 -3.00 -0.45
N GLY A 171 -0.68 -3.03 0.86
CA GLY A 171 -0.18 -1.89 1.59
C GLY A 171 -1.23 -1.07 2.30
N HIS A 172 -2.45 -1.55 2.40
CA HIS A 172 -3.53 -0.84 3.06
C HIS A 172 -3.54 -1.13 4.56
N ILE A 173 -4.08 -0.18 5.33
CA ILE A 173 -4.17 -0.34 6.78
C ILE A 173 -5.05 -1.54 7.14
N LYS A 174 -4.63 -2.29 8.15
CA LYS A 174 -5.43 -3.40 8.69
C LYS A 174 -5.24 -3.44 10.20
N LEU A 175 -6.30 -3.13 10.95
CA LEU A 175 -6.24 -3.24 12.39
C LEU A 175 -6.32 -4.70 12.82
N THR A 176 -5.45 -5.09 13.75
CA THR A 176 -5.39 -6.47 14.20
C THR A 176 -6.54 -6.86 15.13
N ASP A 177 -7.35 -5.90 15.57
CA ASP A 177 -8.46 -6.20 16.47
C ASP A 177 -9.59 -5.23 16.18
N PHE A 178 -10.75 -5.51 16.77
CA PHE A 178 -11.93 -4.67 16.57
C PHE A 178 -12.64 -4.41 17.89
N GLY A 179 -11.88 -4.08 18.93
CA GLY A 179 -12.45 -3.73 20.22
C GLY A 179 -12.67 -4.88 21.16
N LEU A 180 -12.09 -6.05 20.89
CA LEU A 180 -12.27 -7.21 21.75
C LEU A 180 -11.66 -6.97 23.13
N SER A 181 -12.39 -7.40 24.16
CA SER A 181 -11.87 -7.46 25.52
C SER A 181 -11.38 -8.87 25.77
N LYS A 182 -10.07 -9.05 25.89
CA LYS A 182 -9.47 -10.37 25.92
C LYS A 182 -8.80 -10.66 27.26
N GLU A 183 -8.69 -11.95 27.56
CA GLU A 183 -7.95 -12.42 28.72
C GLU A 183 -6.99 -13.52 28.27
N SER A 184 -5.70 -13.34 28.56
CA SER A 184 -4.68 -14.28 28.13
C SER A 184 -4.80 -15.60 28.89
N ILE A 185 -4.20 -16.64 28.32
CA ILE A 185 -4.13 -17.95 28.97
C ILE A 185 -3.15 -17.93 30.13
N ASP A 186 -3.19 -18.97 30.97
CA ASP A 186 -2.40 -18.99 32.20
C ASP A 186 -0.91 -18.91 31.89
N HIS A 187 -0.47 -19.54 30.80
CA HIS A 187 0.93 -19.48 30.42
C HIS A 187 1.37 -18.05 30.14
N GLU A 188 0.48 -17.25 29.55
CA GLU A 188 0.77 -15.87 29.22
C GLU A 188 0.35 -14.91 30.32
N LYS A 189 -0.33 -15.41 31.36
CA LYS A 189 -0.86 -14.54 32.40
C LYS A 189 0.27 -13.80 33.11
N LYS A 190 0.08 -12.51 33.31
CA LYS A 190 1.07 -11.68 34.01
C LYS A 190 0.68 -11.55 35.47
N ALA A 191 1.70 -11.42 36.33
CA ALA A 191 1.41 -11.32 37.76
C ALA A 191 0.70 -10.02 38.08
N TYR A 192 1.16 -8.91 37.51
CA TYR A 192 0.57 -7.60 37.74
C TYR A 192 -0.10 -7.19 36.43
N SER A 193 -1.40 -6.91 36.47
CA SER A 193 -2.06 -6.49 35.24
C SER A 193 -1.63 -5.10 34.83
N PHE A 194 -1.38 -4.23 35.80
CA PHE A 194 -1.05 -2.85 35.54
C PHE A 194 -2.08 -2.28 34.56
N THR A 197 -1.26 0.09 27.76
CA THR A 197 -0.21 1.08 27.52
C THR A 197 -0.76 2.50 27.58
N VAL A 198 -0.22 3.31 28.49
CA VAL A 198 -0.77 4.63 28.77
C VAL A 198 -0.39 5.70 27.74
N GLU A 199 0.65 5.48 26.93
CA GLU A 199 1.13 6.57 26.08
C GLU A 199 0.05 7.09 25.14
N TYR A 200 -0.86 6.22 24.68
CA TYR A 200 -1.91 6.62 23.76
C TYR A 200 -3.25 6.83 24.45
N MET A 201 -3.29 6.79 25.78
CA MET A 201 -4.54 6.92 26.53
C MET A 201 -4.96 8.38 26.65
N ALA A 202 -6.28 8.60 26.59
CA ALA A 202 -6.86 9.92 26.74
C ALA A 202 -6.90 10.32 28.20
N PRO A 203 -6.99 11.64 28.49
CA PRO A 203 -7.01 12.07 29.90
C PRO A 203 -8.15 11.46 30.71
N GLU A 204 -9.34 11.32 30.12
CA GLU A 204 -10.45 10.70 30.83
C GLU A 204 -10.15 9.27 31.20
N VAL A 205 -9.44 8.55 30.33
CA VAL A 205 -9.05 7.17 30.63
C VAL A 205 -8.08 7.15 31.82
N VAL A 206 -7.15 8.11 31.86
CA VAL A 206 -6.21 8.20 32.98
C VAL A 206 -6.97 8.50 34.27
N ASN A 207 -8.00 9.32 34.18
CA ASN A 207 -8.83 9.66 35.32
C ASN A 207 -9.82 8.57 35.67
N ARG A 208 -9.92 7.52 34.84
CA ARG A 208 -10.85 6.42 35.04
C ARG A 208 -12.30 6.91 35.06
N ARG A 209 -12.57 7.95 34.27
CA ARG A 209 -13.90 8.53 34.10
C ARG A 209 -14.74 7.74 33.12
N GLY A 210 -14.16 6.75 32.46
CA GLY A 210 -14.91 6.00 31.49
C GLY A 210 -14.24 6.13 30.15
N HIS A 211 -14.42 5.13 29.31
CA HIS A 211 -13.82 5.14 27.99
C HIS A 211 -14.89 5.47 26.96
N THR A 212 -14.78 6.66 26.39
CA THR A 212 -15.74 7.22 25.45
C THR A 212 -15.21 7.11 24.04
N GLN A 213 -16.09 7.27 23.06
CA GLN A 213 -15.62 7.14 21.69
C GLN A 213 -14.69 8.28 21.31
N SER A 214 -14.74 9.39 22.04
CA SER A 214 -13.78 10.47 21.84
C SER A 214 -12.40 10.08 22.32
N ALA A 215 -12.30 9.06 23.18
CA ALA A 215 -10.98 8.59 23.62
C ALA A 215 -10.19 7.98 22.46
N ASP A 216 -10.87 7.27 21.55
CA ASP A 216 -10.18 6.72 20.39
C ASP A 216 -9.57 7.81 19.52
N TRP A 217 -10.27 8.94 19.36
CA TRP A 217 -9.73 10.01 18.54
C TRP A 217 -8.54 10.68 19.21
N TRP A 218 -8.49 10.68 20.54
CA TRP A 218 -7.27 11.09 21.23
C TRP A 218 -6.12 10.17 20.89
N SER A 219 -6.34 8.86 21.01
CA SER A 219 -5.33 7.89 20.60
C SER A 219 -4.95 8.08 19.15
N PHE A 220 -5.95 8.35 18.29
CA PHE A 220 -5.70 8.69 16.90
C PHE A 220 -4.75 9.87 16.77
N GLY A 221 -4.92 10.89 17.61
CA GLY A 221 -4.06 12.06 17.55
C GLY A 221 -2.64 11.76 17.99
N VAL A 222 -2.48 10.93 19.02
CA VAL A 222 -1.14 10.57 19.49
C VAL A 222 -0.40 9.80 18.42
N LEU A 223 -1.10 8.90 17.71
CA LEU A 223 -0.50 8.18 16.60
C LEU A 223 -0.10 9.13 15.47
N MET A 224 -1.00 10.06 15.13
CA MET A 224 -0.67 11.06 14.11
C MET A 224 0.57 11.86 14.52
N PHE A 225 0.63 12.27 15.79
CA PHE A 225 1.82 12.97 16.28
C PHE A 225 3.05 12.10 16.15
N GLU A 226 2.96 10.85 16.61
CA GLU A 226 4.13 9.96 16.60
C GLU A 226 4.56 9.63 15.18
N MET A 227 3.61 9.41 14.27
CA MET A 227 3.98 9.11 12.89
C MET A 227 4.64 10.30 12.21
N LEU A 228 4.15 11.51 12.48
CA LEU A 228 4.72 12.68 11.83
C LEU A 228 6.00 13.17 12.50
N THR A 229 6.12 13.02 13.82
CA THR A 229 7.29 13.50 14.54
C THR A 229 8.28 12.40 14.88
N GLY A 230 7.84 11.15 14.97
CA GLY A 230 8.70 10.08 15.45
C GLY A 230 8.81 9.97 16.94
N THR A 231 8.11 10.81 17.70
CA THR A 231 8.17 10.82 19.16
C THR A 231 6.77 10.84 19.74
N LEU A 232 6.67 10.40 20.97
CA LEU A 232 5.37 10.48 21.60
C LEU A 232 5.19 11.85 22.24
N PRO A 233 3.96 12.38 22.22
CA PRO A 233 3.74 13.73 22.78
C PRO A 233 4.02 13.81 24.27
N PHE A 234 3.66 12.79 25.02
CA PHE A 234 3.85 12.74 26.46
C PHE A 234 4.86 11.65 26.75
N GLN A 235 6.05 12.03 27.23
CA GLN A 235 7.11 11.06 27.48
C GLN A 235 7.47 11.14 28.95
N GLY A 236 7.40 10.01 29.64
CA GLY A 236 7.78 9.95 31.03
C GLY A 236 8.71 8.76 31.27
N LYS A 237 9.31 8.74 32.46
CA LYS A 237 10.20 7.66 32.80
C LYS A 237 9.44 6.39 33.14
N ASP A 238 8.31 6.53 33.84
CA ASP A 238 7.49 5.38 34.20
C ASP A 238 6.04 5.66 33.83
N ARG A 239 5.19 4.65 34.07
CA ARG A 239 3.77 4.81 33.84
C ARG A 239 3.22 5.97 34.66
N LYS A 240 3.70 6.13 35.90
CA LYS A 240 3.19 7.17 36.77
C LYS A 240 3.45 8.56 36.21
N GLU A 241 4.67 8.81 35.74
CA GLU A 241 5.01 10.14 35.23
C GLU A 241 4.26 10.47 33.95
N THR A 242 4.19 9.52 33.02
CA THR A 242 3.53 9.77 31.74
C THR A 242 2.06 10.11 31.96
N MET A 243 1.40 9.42 32.90
CA MET A 243 0.02 9.72 33.22
C MET A 243 -0.12 11.16 33.71
N THR A 244 0.84 11.61 34.51
CA THR A 244 0.83 13.00 34.97
C THR A 244 0.96 13.96 33.80
N MET A 245 1.80 13.62 32.82
CA MET A 245 2.00 14.47 31.65
C MET A 245 0.73 14.56 30.81
N ILE A 246 0.05 13.43 30.60
CA ILE A 246 -1.20 13.43 29.84
C ILE A 246 -2.20 14.39 30.49
N LEU A 247 -2.27 14.38 31.82
CA LEU A 247 -3.24 15.22 32.52
C LEU A 247 -2.82 16.68 32.58
N LYS A 248 -1.53 16.97 32.75
CA LYS A 248 -1.13 18.33 33.09
C LYS A 248 -0.11 18.98 32.18
N ALA A 249 0.30 18.37 31.09
CA ALA A 249 1.41 18.95 30.34
C ALA A 249 0.91 19.90 29.26
N LYS A 250 1.61 21.01 29.12
CA LYS A 250 1.40 21.97 28.04
C LYS A 250 2.59 21.88 27.12
N LEU A 251 2.33 21.68 25.83
CA LEU A 251 3.37 21.34 24.87
C LEU A 251 3.55 22.45 23.85
N GLY A 252 4.76 22.53 23.32
CA GLY A 252 5.06 23.46 22.25
C GLY A 252 4.96 22.73 20.91
N MET A 253 4.17 23.31 20.01
CA MET A 253 3.94 22.70 18.71
C MET A 253 5.26 22.56 17.95
N PRO A 254 5.59 21.38 17.44
CA PRO A 254 6.76 21.27 16.56
C PRO A 254 6.54 22.11 15.32
N GLN A 255 7.53 22.91 14.98
CA GLN A 255 7.37 23.88 13.90
C GLN A 255 7.63 23.31 12.52
N PHE A 256 8.16 22.09 12.42
CA PHE A 256 8.29 21.47 11.10
C PHE A 256 6.97 20.91 10.59
N LEU A 257 5.94 20.84 11.43
CA LEU A 257 4.63 20.38 11.01
C LEU A 257 3.90 21.47 10.21
N SER A 258 3.09 21.02 9.26
CA SER A 258 2.33 21.93 8.42
C SER A 258 1.21 22.60 9.22
N PRO A 259 0.76 23.77 8.77
CA PRO A 259 -0.36 24.43 9.48
C PRO A 259 -1.61 23.57 9.56
N GLU A 260 -1.90 22.80 8.49
CA GLU A 260 -3.05 21.91 8.52
C GLU A 260 -2.87 20.83 9.58
N ALA A 261 -1.65 20.26 9.68
CA ALA A 261 -1.39 19.22 10.66
C ALA A 261 -1.47 19.77 12.08
N GLN A 262 -0.91 20.96 12.30
CA GLN A 262 -1.00 21.58 13.62
C GLN A 262 -2.44 21.82 14.03
N SER A 263 -3.27 22.27 13.09
CA SER A 263 -4.68 22.53 13.39
C SER A 263 -5.40 21.26 13.83
N LEU A 264 -5.19 20.15 13.09
CA LEU A 264 -5.83 18.89 13.45
C LEU A 264 -5.36 18.40 14.81
N LEU A 265 -4.06 18.48 15.07
CA LEU A 265 -3.54 18.07 16.37
C LEU A 265 -4.13 18.92 17.49
N ARG A 266 -4.24 20.23 17.28
CA ARG A 266 -4.83 21.09 18.30
C ARG A 266 -6.29 20.74 18.55
N MET A 267 -7.06 20.48 17.49
CA MET A 267 -8.46 20.11 17.68
C MET A 267 -8.60 18.72 18.29
N LEU A 268 -7.67 17.81 17.97
CA LEU A 268 -7.73 16.48 18.56
C LEU A 268 -7.23 16.48 19.99
N PHE A 269 -6.20 17.28 20.29
CA PHE A 269 -5.60 17.28 21.64
C PHE A 269 -6.29 18.32 22.52
N LYS A 270 -7.53 18.02 22.90
CA LYS A 270 -8.27 18.78 23.91
C LYS A 270 -8.64 17.83 25.04
N ARG A 271 -8.27 18.20 26.27
CA ARG A 271 -8.40 17.28 27.40
C ARG A 271 -9.86 17.02 27.77
N ASN A 272 -10.76 17.96 27.51
CA ASN A 272 -12.17 17.69 27.75
C ASN A 272 -12.72 16.90 26.58
N PRO A 273 -13.32 15.72 26.82
CA PRO A 273 -13.80 14.91 25.69
C PRO A 273 -14.78 15.64 24.80
N ALA A 274 -15.63 16.48 25.38
CA ALA A 274 -16.63 17.20 24.59
C ALA A 274 -16.01 18.20 23.63
N ASN A 275 -14.89 18.82 24.01
CA ASN A 275 -14.22 19.77 23.12
C ASN A 275 -13.43 19.09 22.01
N ARG A 276 -13.26 17.77 22.07
CA ARG A 276 -12.41 17.07 21.12
C ARG A 276 -13.10 16.95 19.77
N LEU A 277 -12.31 17.05 18.70
CA LEU A 277 -12.86 16.93 17.36
C LEU A 277 -13.39 15.52 17.15
N GLY A 278 -14.52 15.41 16.45
CA GLY A 278 -15.18 14.14 16.30
C GLY A 278 -16.22 13.84 17.35
N ALA A 279 -16.25 14.62 18.45
CA ALA A 279 -17.24 14.45 19.50
C ALA A 279 -18.45 15.37 19.33
N GLY A 280 -18.45 16.20 18.30
CA GLY A 280 -19.59 17.07 18.05
C GLY A 280 -20.71 16.32 17.37
N PRO A 281 -21.77 17.06 17.04
CA PRO A 281 -22.95 16.41 16.43
C PRO A 281 -22.64 15.70 15.11
N ASP A 282 -21.82 16.31 14.24
CA ASP A 282 -21.47 15.63 12.99
C ASP A 282 -20.53 14.45 13.20
N GLY A 283 -19.81 14.40 14.31
CA GLY A 283 -19.02 13.22 14.58
C GLY A 283 -17.79 13.12 13.70
N VAL A 284 -17.64 11.98 13.02
CA VAL A 284 -16.42 11.70 12.27
C VAL A 284 -16.26 12.64 11.07
N GLU A 285 -17.36 13.17 10.54
CA GLU A 285 -17.24 14.07 9.40
C GLU A 285 -16.56 15.38 9.77
N GLU A 286 -16.55 15.72 11.07
CA GLU A 286 -15.70 16.81 11.55
C GLU A 286 -14.25 16.56 11.18
N ILE A 287 -13.77 15.33 11.40
CA ILE A 287 -12.38 15.00 11.12
C ILE A 287 -12.16 14.84 9.62
N LYS A 288 -13.09 14.20 8.92
CA LYS A 288 -12.93 14.01 7.47
C LYS A 288 -12.85 15.35 6.74
N ARG A 289 -13.67 16.31 7.12
CA ARG A 289 -13.70 17.62 6.49
C ARG A 289 -12.56 18.52 6.91
N HIS A 290 -11.71 18.09 7.84
CA HIS A 290 -10.62 18.93 8.31
C HIS A 290 -9.65 19.24 7.19
N SER A 291 -8.95 20.37 7.33
CA SER A 291 -8.02 20.83 6.32
C SER A 291 -6.89 19.83 6.08
N PHE A 292 -6.54 19.04 7.10
CA PHE A 292 -5.48 18.06 6.92
C PHE A 292 -5.84 17.01 5.87
N PHE A 293 -7.04 16.44 5.97
CA PHE A 293 -7.48 15.39 5.05
C PHE A 293 -8.14 15.92 3.78
N SER A 294 -7.81 17.15 3.37
CA SER A 294 -8.43 17.75 2.19
C SER A 294 -8.09 16.99 0.91
N THR A 295 -6.88 16.44 0.82
CA THR A 295 -6.44 15.75 -0.39
C THR A 295 -6.91 14.32 -0.48
N ILE A 296 -7.75 13.87 0.46
CA ILE A 296 -8.22 12.49 0.50
C ILE A 296 -9.63 12.44 -0.07
N ASP A 297 -9.83 11.59 -1.08
CA ASP A 297 -11.18 11.27 -1.56
C ASP A 297 -11.62 10.05 -0.74
N TRP A 298 -12.49 10.29 0.25
CA TRP A 298 -12.79 9.26 1.24
C TRP A 298 -13.55 8.08 0.64
N ASN A 299 -14.36 8.32 -0.37
CA ASN A 299 -15.13 7.23 -0.96
C ASN A 299 -14.22 6.34 -1.80
N LYS A 300 -13.34 6.96 -2.58
CA LYS A 300 -12.30 6.22 -3.29
C LYS A 300 -11.38 5.49 -2.32
N LEU A 301 -11.06 6.13 -1.19
CA LEU A 301 -10.25 5.48 -0.18
C LEU A 301 -10.92 4.22 0.35
N TYR A 302 -12.22 4.31 0.65
CA TYR A 302 -12.96 3.16 1.14
C TYR A 302 -13.02 2.05 0.10
N ARG A 303 -13.07 2.41 -1.18
CA ARG A 303 -13.08 1.43 -2.26
C ARG A 303 -11.69 0.87 -2.55
N ARG A 304 -10.68 1.28 -1.79
CA ARG A 304 -9.30 0.83 -1.97
C ARG A 304 -8.81 1.11 -3.39
N GLU A 305 -9.30 2.20 -3.96
CA GLU A 305 -8.92 2.67 -5.27
C GLU A 305 -7.84 3.75 -5.22
N ILE A 306 -7.34 4.08 -4.03
CA ILE A 306 -6.26 5.03 -3.85
C ILE A 306 -5.02 4.21 -3.49
N HIS A 307 -3.97 4.33 -4.28
CA HIS A 307 -2.79 3.50 -4.04
C HIS A 307 -2.08 3.93 -2.76
N PRO A 308 -1.59 2.98 -1.97
CA PRO A 308 -0.85 3.34 -0.76
C PRO A 308 0.47 3.97 -1.13
N PRO A 309 1.03 4.82 -0.26
CA PRO A 309 2.32 5.43 -0.59
C PRO A 309 3.44 4.42 -0.74
N PHE A 310 3.43 3.35 0.07
CA PHE A 310 4.48 2.35 0.06
C PHE A 310 3.88 0.97 -0.09
N LYS A 311 4.42 0.17 -1.01
CA LYS A 311 4.03 -1.24 -1.15
C LYS A 311 5.00 -2.12 -0.37
N PRO A 312 4.48 -3.10 0.38
CA PRO A 312 5.36 -3.91 1.24
C PRO A 312 6.34 -4.81 0.50
N ALA A 313 5.91 -5.47 -0.58
CA ALA A 313 6.73 -6.46 -1.29
C ALA A 313 8.13 -5.99 -1.68
N THR A 314 8.39 -4.68 -1.75
CA THR A 314 9.69 -4.18 -2.23
C THR A 314 10.89 -4.85 -1.56
N ALA B 10 8.54 22.66 -2.38
CA ALA B 10 9.02 21.81 -1.28
C ALA B 10 8.33 22.17 0.03
N PRO B 11 7.78 21.17 0.72
CA PRO B 11 7.19 21.42 2.04
C PRO B 11 8.28 21.64 3.08
N ARG B 12 7.85 22.09 4.26
CA ARG B 12 8.78 22.32 5.36
C ARG B 12 9.59 21.05 5.62
N ARG B 13 10.89 21.23 5.83
CA ARG B 13 11.79 20.10 6.05
C ARG B 13 11.32 19.26 7.23
N ARG B 14 11.17 17.98 6.99
CA ARG B 14 10.66 17.07 8.00
C ARG B 14 11.80 16.28 8.62
N PRO B 15 11.65 15.80 9.85
CA PRO B 15 12.75 15.11 10.51
C PRO B 15 12.87 13.69 10.00
N PRO B 16 14.05 13.08 10.10
CA PRO B 16 14.16 11.66 9.82
C PRO B 16 13.44 10.91 10.93
N VAL B 17 12.59 9.97 10.55
CA VAL B 17 11.77 9.25 11.52
C VAL B 17 12.11 7.77 11.44
N LYS B 18 12.58 7.22 12.56
CA LYS B 18 12.80 5.79 12.73
C LYS B 18 12.21 5.34 14.05
N PHE B 19 11.60 4.17 14.01
CA PHE B 19 10.93 3.57 15.16
C PHE B 19 11.62 2.26 15.51
N ILE B 20 11.31 1.81 16.72
CA ILE B 20 11.74 0.52 17.23
C ILE B 20 10.46 -0.29 17.34
N PHE B 21 10.27 -1.26 16.46
CA PHE B 21 9.06 -2.04 16.57
C PHE B 21 9.26 -3.17 17.57
N PRO B 22 8.20 -3.87 17.98
CA PRO B 22 8.05 -4.23 19.36
C PRO B 22 8.66 -3.19 20.25
N PRO B 23 7.97 -2.08 20.47
CA PRO B 23 8.50 -0.98 21.27
C PRO B 23 8.88 -1.48 22.64
N PRO B 24 10.04 -1.05 23.15
CA PRO B 24 10.45 -1.52 24.47
C PRO B 24 9.48 -0.98 25.52
N PRO B 25 9.24 -1.74 26.58
CA PRO B 25 8.31 -1.28 27.61
C PRO B 25 8.77 0.03 28.25
N LEU B 26 7.79 0.88 28.56
CA LEU B 26 8.06 2.21 29.09
C LEU B 26 8.76 2.15 30.45
N SER B 27 8.39 1.18 31.29
CA SER B 27 8.96 1.06 32.63
C SER B 27 10.47 0.78 32.61
N SER B 28 10.89 -0.18 31.79
CA SER B 28 12.29 -0.55 31.73
C SER B 28 13.09 0.43 30.89
N LEU B 29 14.42 0.23 30.88
CA LEU B 29 15.35 1.08 30.13
C LEU B 29 15.28 2.54 30.54
N PRO B 30 15.39 2.87 31.82
CA PRO B 30 15.19 4.26 32.27
C PRO B 30 16.25 5.23 31.80
N GLY B 31 17.52 4.90 31.96
CA GLY B 31 18.55 5.85 31.63
C GLY B 31 19.23 5.60 30.30
N PHE B 32 18.79 4.59 29.56
CA PHE B 32 19.43 4.27 28.30
C PHE B 32 19.12 5.34 27.26
N GLY B 33 20.18 5.90 26.67
CA GLY B 33 19.99 6.89 25.64
C GLY B 33 19.47 6.24 24.38
N ARG B 34 18.68 6.98 23.61
CA ARG B 34 18.16 6.43 22.38
C ARG B 34 18.76 7.19 21.21
N PRO B 35 18.71 6.64 19.99
CA PRO B 35 19.46 7.27 18.90
C PRO B 35 18.95 8.66 18.60
N ARG B 36 19.72 9.37 17.77
CA ARG B 36 19.52 10.80 17.63
C ARG B 36 18.39 11.08 16.67
N GLY B 37 17.39 11.82 17.15
CA GLY B 37 16.30 12.23 16.30
C GLY B 37 15.67 13.46 16.89
N TYR B 38 14.39 13.64 16.65
CA TYR B 38 13.71 14.76 17.26
C TYR B 38 13.50 14.41 18.73
N ALA B 39 13.91 15.32 19.61
CA ALA B 39 13.88 14.98 21.04
C ALA B 39 12.46 14.76 21.52
N GLY B 40 11.54 15.60 21.08
CA GLY B 40 10.16 15.51 21.49
C GLY B 40 9.61 16.91 21.67
N PRO B 41 8.31 17.02 21.95
CA PRO B 41 7.74 18.34 22.18
C PRO B 41 8.26 18.92 23.50
N THR B 42 8.52 20.22 23.49
CA THR B 42 8.98 20.89 24.70
C THR B 42 7.81 21.14 25.64
N VAL B 43 8.00 20.79 26.91
CA VAL B 43 6.95 21.00 27.91
C VAL B 43 7.07 22.44 28.39
N ILE B 44 6.14 23.29 27.94
CA ILE B 44 6.19 24.71 28.30
C ILE B 44 5.89 24.89 29.78
N ASP B 45 4.90 24.17 30.30
CA ASP B 45 4.57 24.19 31.72
C ASP B 45 3.65 23.01 31.98
N MET B 46 3.39 22.77 33.27
CA MET B 46 2.45 21.74 33.69
C MET B 46 1.14 22.37 34.19
N SER B 47 0.63 23.34 33.43
CA SER B 47 -0.56 24.09 33.82
C SER B 47 -1.84 23.26 33.75
N ALA B 48 -1.80 22.08 33.15
CA ALA B 48 -2.98 21.25 32.89
C ALA B 48 -4.05 22.00 32.10
N PRO B 49 -3.71 22.68 31.00
CA PRO B 49 -4.74 23.37 30.24
C PRO B 49 -5.55 22.41 29.39
N ASP B 50 -6.79 22.81 29.07
CA ASP B 50 -7.63 22.00 28.21
C ASP B 50 -7.01 21.82 26.83
N ASP B 51 -6.47 22.89 26.26
CA ASP B 51 -5.75 22.81 25.00
C ASP B 51 -4.30 22.42 25.30
N VAL B 52 -3.94 21.20 24.90
CA VAL B 52 -2.63 20.65 25.23
C VAL B 52 -1.52 21.48 24.60
N PHE B 53 -1.71 21.96 23.38
CA PHE B 53 -0.67 22.68 22.67
C PHE B 53 -0.82 24.18 22.88
N ALA B 54 0.31 24.84 23.10
CA ALA B 54 0.27 26.28 23.32
C ALA B 54 0.08 26.98 21.98
N GLU B 55 -0.76 28.01 21.99
CA GLU B 55 -1.08 28.73 20.77
C GLU B 55 0.13 29.50 20.26
N ASP B 56 0.33 29.47 18.95
CA ASP B 56 1.37 30.30 18.32
C ASP B 56 0.91 31.74 18.21
N SER C 12 27.88 -28.45 49.47
CA SER C 12 28.61 -27.19 49.48
C SER C 12 28.07 -26.26 48.39
N ILE C 13 26.79 -25.94 48.44
CA ILE C 13 26.19 -25.10 47.42
C ILE C 13 26.37 -23.65 47.82
N LYS C 14 26.88 -22.84 46.89
CA LYS C 14 27.18 -21.44 47.12
C LYS C 14 26.35 -20.62 46.15
N GLU C 15 25.54 -19.70 46.67
CA GLU C 15 24.71 -18.83 45.84
C GLU C 15 25.40 -17.48 45.69
N ILE C 16 25.65 -17.08 44.45
CA ILE C 16 26.33 -15.83 44.13
C ILE C 16 25.33 -14.89 43.48
N ALA C 17 25.07 -13.76 44.14
CA ALA C 17 24.19 -12.75 43.54
C ALA C 17 25.01 -11.93 42.54
N ILE C 18 24.45 -11.73 41.35
CA ILE C 18 25.10 -10.96 40.30
C ILE C 18 24.58 -9.53 40.36
N THR C 19 25.46 -8.63 40.80
CA THR C 19 25.13 -7.22 40.96
C THR C 19 25.88 -6.33 39.99
N HIS C 20 27.15 -6.62 39.72
CA HIS C 20 28.00 -5.80 38.88
C HIS C 20 29.10 -6.64 38.27
N HIS C 21 29.51 -6.26 37.05
CA HIS C 21 30.62 -6.90 36.35
C HIS C 21 31.16 -5.96 35.29
N VAL C 22 32.49 -5.97 35.13
CA VAL C 22 33.17 -5.23 34.07
C VAL C 22 34.28 -6.12 33.53
N LYS C 23 34.34 -6.25 32.20
CA LYS C 23 35.36 -7.09 31.59
C LYS C 23 36.74 -6.43 31.59
N GLU C 24 37.77 -7.28 31.66
CA GLU C 24 39.15 -6.82 31.73
C GLU C 24 39.51 -5.92 30.54
N GLY C 25 40.24 -4.86 30.84
CA GLY C 25 40.60 -3.83 29.89
C GLY C 25 39.54 -2.79 29.64
N HIS C 26 38.45 -2.81 30.41
CA HIS C 26 37.39 -1.82 30.27
C HIS C 26 37.02 -1.28 31.64
N GLU C 27 36.29 -0.17 31.65
CA GLU C 27 35.80 0.44 32.88
C GLU C 27 34.28 0.29 32.93
N LYS C 28 33.72 0.46 34.15
CA LYS C 28 32.31 0.24 34.40
C LYS C 28 31.40 1.02 33.46
N ALA C 29 30.33 0.36 33.02
CA ALA C 29 29.34 0.88 32.09
C ALA C 29 28.05 1.16 32.83
N ASP C 30 27.21 2.00 32.23
CA ASP C 30 25.93 2.39 32.79
C ASP C 30 24.99 2.68 31.63
N PRO C 31 23.70 2.85 31.89
CA PRO C 31 22.75 3.03 30.77
C PRO C 31 23.07 4.19 29.85
N SER C 32 23.77 5.22 30.34
CA SER C 32 24.08 6.37 29.49
C SER C 32 24.94 5.99 28.30
N GLN C 33 25.74 4.94 28.44
CA GLN C 33 26.69 4.46 27.45
C GLN C 33 26.10 3.55 26.39
N PHE C 34 24.82 3.18 26.49
CA PHE C 34 24.19 2.28 25.55
C PHE C 34 23.01 2.95 24.85
N GLU C 35 22.76 2.53 23.61
CA GLU C 35 21.59 2.96 22.84
C GLU C 35 20.74 1.74 22.53
N LEU C 36 19.46 1.79 22.88
CA LEU C 36 18.59 0.67 22.56
C LEU C 36 18.29 0.73 21.06
N LEU C 37 18.39 -0.41 20.40
CA LEU C 37 18.22 -0.51 18.96
C LEU C 37 17.01 -1.34 18.55
N LYS C 38 16.80 -2.49 19.18
CA LYS C 38 15.72 -3.37 18.78
C LYS C 38 15.39 -4.28 19.95
N VAL C 39 14.28 -5.01 19.81
CA VAL C 39 13.93 -6.08 20.72
C VAL C 39 14.33 -7.37 20.02
N LEU C 40 15.31 -8.07 20.60
CA LEU C 40 15.79 -9.29 19.95
C LEU C 40 14.79 -10.43 20.14
N GLY C 41 14.25 -10.58 21.34
CA GLY C 41 13.29 -11.63 21.58
C GLY C 41 12.66 -11.49 22.94
N GLN C 42 11.71 -12.39 23.20
CA GLN C 42 10.97 -12.47 24.45
C GLN C 42 11.29 -13.81 25.08
N GLY C 43 11.78 -13.79 26.31
CA GLY C 43 11.99 -14.99 27.08
C GLY C 43 10.96 -15.10 28.19
N SER C 44 11.02 -16.23 28.91
CA SER C 44 10.11 -16.41 30.03
C SER C 44 10.36 -15.39 31.13
N PHE C 45 11.63 -15.03 31.35
CA PHE C 45 11.98 -14.06 32.38
C PHE C 45 11.99 -12.62 31.90
N GLY C 46 11.67 -12.38 30.64
CA GLY C 46 11.56 -11.02 30.13
C GLY C 46 12.06 -10.86 28.72
N LYS C 47 12.03 -9.63 28.21
CA LYS C 47 12.47 -9.36 26.85
C LYS C 47 13.97 -9.16 26.77
N VAL C 48 14.54 -9.54 25.63
CA VAL C 48 15.96 -9.38 25.35
C VAL C 48 16.12 -8.29 24.30
N PHE C 49 16.99 -7.32 24.58
CA PHE C 49 17.16 -6.15 23.74
C PHE C 49 18.52 -6.15 23.03
N LEU C 50 18.57 -5.43 21.93
CA LEU C 50 19.82 -5.14 21.21
C LEU C 50 20.24 -3.70 21.53
N VAL C 51 21.46 -3.54 22.01
CA VAL C 51 21.98 -2.23 22.39
C VAL C 51 23.31 -1.98 21.72
N LYS C 52 23.63 -0.71 21.50
CA LYS C 52 24.88 -0.28 20.88
C LYS C 52 25.70 0.51 21.90
N LYS C 53 26.93 0.08 22.13
CA LYS C 53 27.85 0.82 22.98
C LYS C 53 28.36 2.05 22.24
N ILE C 54 28.19 3.23 22.85
CA ILE C 54 28.60 4.49 22.26
C ILE C 54 29.87 5.04 22.88
N SER C 55 30.45 4.33 23.86
CA SER C 55 31.58 4.79 24.63
C SER C 55 32.64 3.69 24.74
N GLY C 56 33.88 4.13 24.89
CA GLY C 56 34.96 3.21 25.23
C GLY C 56 35.65 2.65 24.01
N SER C 57 36.49 1.64 24.27
CA SER C 57 37.15 0.94 23.17
C SER C 57 36.16 0.15 22.35
N ASP C 58 35.05 -0.25 22.97
CA ASP C 58 34.00 -1.02 22.30
C ASP C 58 32.86 -0.14 21.80
N ALA C 59 33.15 1.12 21.48
CA ALA C 59 32.12 1.99 20.90
C ALA C 59 31.71 1.46 19.54
N ARG C 60 30.41 1.55 19.26
CA ARG C 60 29.71 1.04 18.06
C ARG C 60 29.50 -0.47 18.10
N GLN C 61 29.98 -1.17 19.12
CA GLN C 61 29.75 -2.61 19.20
C GLN C 61 28.33 -2.91 19.68
N LEU C 62 27.75 -3.98 19.13
CA LEU C 62 26.40 -4.40 19.46
C LEU C 62 26.41 -5.47 20.54
N TYR C 63 25.49 -5.35 21.49
CA TYR C 63 25.35 -6.30 22.59
C TYR C 63 23.89 -6.68 22.77
N ALA C 64 23.68 -7.85 23.38
CA ALA C 64 22.37 -8.28 23.83
C ALA C 64 22.21 -7.95 25.31
N MET C 65 21.02 -7.49 25.69
CA MET C 65 20.80 -7.06 27.06
C MET C 65 19.55 -7.70 27.63
N LYS C 66 19.67 -8.25 28.84
CA LYS C 66 18.55 -8.74 29.61
C LYS C 66 18.34 -7.84 30.83
N VAL C 67 17.08 -7.63 31.20
CA VAL C 67 16.71 -6.85 32.38
C VAL C 67 15.93 -7.74 33.34
N LEU C 68 16.45 -7.88 34.55
CA LEU C 68 15.89 -8.77 35.56
C LEU C 68 15.81 -8.01 36.88
N LYS C 69 14.95 -8.50 37.77
CA LYS C 69 14.91 -7.96 39.13
C LYS C 69 16.19 -8.32 39.87
N LYS C 70 16.59 -9.58 39.78
CA LYS C 70 17.86 -10.04 40.30
C LYS C 70 18.19 -11.36 39.63
N ALA C 71 19.47 -11.71 39.68
CA ALA C 71 19.92 -12.97 39.12
C ALA C 71 21.00 -13.50 40.03
N THR C 72 20.90 -14.78 40.37
CA THR C 72 21.86 -15.42 41.23
C THR C 72 22.40 -16.64 40.52
N LEU C 73 23.66 -16.94 40.77
CA LEU C 73 24.30 -18.10 40.17
C LEU C 73 24.59 -19.05 41.32
N LYS C 74 23.96 -20.22 41.28
CA LYS C 74 24.16 -21.22 42.31
C LYS C 74 25.31 -22.12 41.89
N VAL C 75 26.36 -22.17 42.73
CA VAL C 75 27.55 -22.95 42.43
C VAL C 75 27.73 -23.97 43.53
N ARG C 76 27.92 -25.22 43.14
CA ARG C 76 28.22 -26.30 44.07
C ARG C 76 29.72 -26.28 44.30
N ASP C 77 30.12 -26.20 45.57
CA ASP C 77 31.52 -26.19 45.93
C ASP C 77 32.23 -24.99 45.29
N ARG C 85 39.39 -16.24 41.79
CA ARG C 85 38.88 -16.51 40.46
C ARG C 85 37.41 -16.11 40.35
N ASP C 86 37.10 -15.22 39.42
CA ASP C 86 35.75 -14.70 39.29
C ASP C 86 34.90 -15.67 38.47
N ILE C 87 33.78 -16.10 39.05
CA ILE C 87 32.90 -17.08 38.42
C ILE C 87 32.32 -16.56 37.11
N LEU C 88 32.10 -15.26 36.98
CA LEU C 88 31.51 -14.75 35.74
C LEU C 88 32.47 -14.85 34.56
N VAL C 89 33.78 -14.80 34.81
CA VAL C 89 34.73 -14.97 33.71
C VAL C 89 35.05 -16.44 33.42
N GLU C 90 35.11 -17.30 34.42
CA GLU C 90 35.44 -18.70 34.12
C GLU C 90 34.32 -19.43 33.39
N VAL C 91 33.06 -19.04 33.60
CA VAL C 91 31.98 -19.67 32.84
C VAL C 91 32.09 -19.35 31.36
N ASN C 92 32.95 -18.39 30.99
CA ASN C 92 33.16 -18.06 29.58
C ASN C 92 33.68 -19.29 28.86
N HIS C 93 33.06 -19.60 27.73
CA HIS C 93 33.31 -20.83 26.99
C HIS C 93 33.04 -20.55 25.52
N PRO C 94 33.66 -21.30 24.61
CA PRO C 94 33.39 -21.08 23.18
C PRO C 94 31.93 -21.18 22.80
N PHE C 95 31.15 -22.00 23.50
CA PHE C 95 29.76 -22.23 23.13
C PHE C 95 28.78 -21.72 24.18
N ILE C 96 29.22 -20.76 24.99
CA ILE C 96 28.37 -20.13 26.00
C ILE C 96 28.47 -18.63 25.82
N VAL C 97 27.33 -17.94 25.97
CA VAL C 97 27.33 -16.48 25.83
C VAL C 97 28.27 -15.87 26.87
N LYS C 98 28.98 -14.82 26.46
CA LYS C 98 29.91 -14.13 27.35
C LYS C 98 29.22 -12.90 27.92
N LEU C 99 29.32 -12.73 29.23
CA LEU C 99 28.78 -11.55 29.90
C LEU C 99 29.85 -10.46 29.89
N HIS C 100 29.55 -9.33 29.26
CA HIS C 100 30.52 -8.26 29.15
C HIS C 100 30.38 -7.22 30.25
N TYR C 101 29.14 -6.84 30.59
CA TYR C 101 28.88 -5.87 31.64
C TYR C 101 27.68 -6.30 32.47
N ALA C 102 27.69 -5.89 33.75
CA ALA C 102 26.53 -6.01 34.63
C ALA C 102 26.46 -4.78 35.52
N PHE C 103 25.28 -4.18 35.61
CA PHE C 103 25.09 -3.03 36.49
C PHE C 103 23.63 -2.94 36.91
N GLN C 104 23.38 -2.20 37.99
CA GLN C 104 22.05 -2.06 38.55
C GLN C 104 21.63 -0.60 38.58
N THR C 105 20.36 -0.37 38.24
CA THR C 105 19.77 0.96 38.27
C THR C 105 18.27 0.80 38.44
N GLU C 106 17.70 1.58 39.36
CA GLU C 106 16.26 1.62 39.59
C GLU C 106 15.73 0.24 40.01
N GLY C 107 16.50 -0.45 40.84
CA GLY C 107 16.08 -1.76 41.32
C GLY C 107 15.98 -2.82 40.24
N LYS C 108 16.72 -2.67 39.14
CA LYS C 108 16.71 -3.63 38.04
C LYS C 108 18.14 -4.00 37.69
N LEU C 109 18.33 -5.25 37.28
CA LEU C 109 19.65 -5.76 36.91
C LEU C 109 19.80 -5.79 35.40
N TYR C 110 20.90 -5.24 34.90
CA TYR C 110 21.15 -5.13 33.47
C TYR C 110 22.37 -5.98 33.10
N LEU C 111 22.15 -6.95 32.21
CA LEU C 111 23.18 -7.87 31.77
C LEU C 111 23.54 -7.56 30.32
N ILE C 112 24.80 -7.21 30.09
CA ILE C 112 25.30 -6.93 28.74
C ILE C 112 26.02 -8.19 28.24
N LEU C 113 25.46 -8.81 27.20
CA LEU C 113 25.84 -10.12 26.72
C LEU C 113 26.24 -10.07 25.26
N ASP C 114 26.80 -11.18 24.77
CA ASP C 114 27.08 -11.32 23.35
C ASP C 114 25.80 -11.19 22.54
N PHE C 115 25.87 -10.44 21.45
CA PHE C 115 24.80 -10.43 20.46
C PHE C 115 25.03 -11.59 19.51
N LEU C 116 24.20 -12.61 19.63
CA LEU C 116 24.31 -13.83 18.83
C LEU C 116 23.57 -13.61 17.52
N ARG C 117 24.32 -13.54 16.43
CA ARG C 117 23.79 -13.14 15.13
C ARG C 117 23.37 -14.31 14.25
N GLY C 118 23.60 -15.54 14.69
CA GLY C 118 23.23 -16.69 13.88
C GLY C 118 21.81 -17.15 14.01
N GLY C 119 21.07 -16.66 15.01
CA GLY C 119 19.73 -17.13 15.25
C GLY C 119 19.75 -18.44 16.01
N ASP C 120 18.56 -19.00 16.20
CA ASP C 120 18.44 -20.25 16.92
C ASP C 120 18.67 -21.44 16.00
N LEU C 121 19.14 -22.53 16.60
CA LEU C 121 19.42 -23.73 15.83
C LEU C 121 18.15 -24.37 15.28
N PHE C 122 17.06 -24.34 16.07
CA PHE C 122 15.85 -25.05 15.66
C PHE C 122 15.21 -24.43 14.42
N THR C 123 15.27 -23.11 14.29
CA THR C 123 14.80 -22.49 13.05
C THR C 123 15.66 -22.89 11.86
N ARG C 124 16.98 -22.96 12.06
CA ARG C 124 17.88 -23.37 10.98
C ARG C 124 17.61 -24.80 10.55
N LEU C 125 17.43 -25.70 11.51
CA LEU C 125 17.06 -27.07 11.19
C LEU C 125 15.71 -27.11 10.50
N SER C 126 14.77 -26.28 10.97
CA SER C 126 13.46 -26.22 10.35
C SER C 126 13.55 -25.71 8.91
N LYS C 127 14.43 -24.74 8.64
CA LYS C 127 14.57 -24.24 7.28
C LYS C 127 15.07 -25.34 6.35
N GLU C 128 15.97 -26.18 6.83
CA GLU C 128 16.52 -27.26 6.02
C GLU C 128 15.47 -28.32 5.72
N VAL C 129 14.56 -28.57 6.68
CA VAL C 129 13.49 -29.57 6.56
C VAL C 129 14.10 -30.97 6.57
N MET C 130 14.98 -31.25 5.62
CA MET C 130 15.65 -32.54 5.52
C MET C 130 17.12 -32.37 5.82
N PHE C 131 17.61 -33.10 6.82
CA PHE C 131 19.01 -33.07 7.19
C PHE C 131 19.43 -34.46 7.66
N THR C 132 20.72 -34.61 7.88
CA THR C 132 21.34 -35.87 8.29
C THR C 132 21.57 -35.91 9.80
N GLU C 133 21.86 -37.11 10.31
CA GLU C 133 22.24 -37.24 11.71
C GLU C 133 23.58 -36.56 11.97
N GLU C 134 24.49 -36.63 11.00
CA GLU C 134 25.78 -35.95 11.14
C GLU C 134 25.60 -34.46 11.33
N ASP C 135 24.57 -33.88 10.70
CA ASP C 135 24.28 -32.46 10.90
C ASP C 135 23.91 -32.17 12.35
N VAL C 136 22.94 -32.92 12.88
CA VAL C 136 22.54 -32.76 14.28
C VAL C 136 23.68 -33.14 15.21
N LYS C 137 24.48 -34.13 14.82
CA LYS C 137 25.57 -34.62 15.66
C LYS C 137 26.54 -33.49 16.02
N PHE C 138 26.86 -32.65 15.04
CA PHE C 138 27.79 -31.55 15.28
C PHE C 138 27.28 -30.63 16.38
N TYR C 139 26.00 -30.27 16.31
CA TYR C 139 25.45 -29.33 17.29
C TYR C 139 25.31 -29.97 18.66
N LEU C 140 24.93 -31.24 18.71
CA LEU C 140 24.87 -31.94 19.98
C LEU C 140 26.25 -32.04 20.61
N ALA C 141 27.27 -32.28 19.79
CA ALA C 141 28.63 -32.41 20.31
C ALA C 141 29.11 -31.09 20.90
N GLU C 142 28.88 -29.98 20.19
CA GLU C 142 29.23 -28.68 20.74
C GLU C 142 28.41 -28.37 21.99
N LEU C 143 27.14 -28.78 22.00
CA LEU C 143 26.31 -28.57 23.18
C LEU C 143 26.85 -29.35 24.38
N ALA C 144 27.35 -30.56 24.14
CA ALA C 144 27.87 -31.39 25.22
C ALA C 144 29.09 -30.76 25.87
N LEU C 145 29.98 -30.17 25.06
CA LEU C 145 31.15 -29.50 25.63
C LEU C 145 30.75 -28.36 26.54
N ALA C 146 29.77 -27.55 26.11
CA ALA C 146 29.31 -26.43 26.92
C ALA C 146 28.69 -26.90 28.22
N LEU C 147 27.89 -27.96 28.16
CA LEU C 147 27.26 -28.48 29.38
C LEU C 147 28.31 -28.97 30.38
N ASP C 148 29.33 -29.70 29.89
CA ASP C 148 30.35 -30.23 30.78
C ASP C 148 31.16 -29.11 31.42
N HIS C 149 31.45 -28.04 30.67
CA HIS C 149 32.20 -26.92 31.22
C HIS C 149 31.49 -26.31 32.43
N LEU C 150 30.17 -26.13 32.34
CA LEU C 150 29.42 -25.65 33.49
C LEU C 150 29.46 -26.67 34.62
N HIS C 151 29.40 -27.96 34.28
CA HIS C 151 29.47 -29.01 35.29
C HIS C 151 30.81 -29.00 36.01
N SER C 152 31.91 -28.78 35.28
CA SER C 152 33.23 -28.78 35.93
C SER C 152 33.34 -27.64 36.94
N LEU C 153 32.60 -26.56 36.72
CA LEU C 153 32.58 -25.43 37.64
C LEU C 153 31.55 -25.60 38.74
N GLY C 154 30.85 -26.74 38.78
CA GLY C 154 29.84 -26.97 39.79
C GLY C 154 28.50 -26.35 39.45
N ILE C 155 28.31 -25.89 38.23
CA ILE C 155 27.09 -25.23 37.80
C ILE C 155 26.22 -26.20 37.01
N ILE C 156 24.92 -26.15 37.24
CA ILE C 156 23.94 -26.97 36.53
C ILE C 156 23.09 -26.06 35.66
N TYR C 157 22.89 -26.45 34.40
CA TYR C 157 22.09 -25.61 33.49
C TYR C 157 20.63 -25.56 33.89
N ARG C 158 20.11 -26.65 34.47
CA ARG C 158 18.77 -26.73 35.06
C ARG C 158 17.65 -26.78 34.03
N ASP C 159 17.48 -25.73 33.22
CA ASP C 159 16.35 -25.62 32.30
C ASP C 159 16.88 -25.43 30.87
N LEU C 160 17.38 -26.52 30.31
CA LEU C 160 17.88 -26.49 28.94
C LEU C 160 16.72 -26.67 27.97
N LYS C 161 16.58 -25.74 27.03
CA LYS C 161 15.46 -25.73 26.11
C LYS C 161 15.92 -25.17 24.78
N PRO C 162 15.15 -25.39 23.70
CA PRO C 162 15.55 -24.84 22.40
C PRO C 162 15.69 -23.33 22.37
N GLU C 163 14.93 -22.59 23.18
CA GLU C 163 15.04 -21.14 23.16
C GLU C 163 16.44 -20.68 23.58
N ASN C 164 17.13 -21.46 24.39
CA ASN C 164 18.46 -21.08 24.84
C ASN C 164 19.57 -21.48 23.86
N ILE C 165 19.25 -22.25 22.83
CA ILE C 165 20.24 -22.78 21.91
C ILE C 165 20.24 -21.90 20.66
N LEU C 166 21.20 -21.00 20.58
CA LEU C 166 21.35 -20.09 19.46
C LEU C 166 22.66 -20.38 18.73
N LEU C 167 22.84 -19.69 17.61
CA LEU C 167 24.05 -19.84 16.80
C LEU C 167 24.77 -18.50 16.73
N ASP C 168 26.07 -18.55 16.43
CA ASP C 168 26.86 -17.34 16.26
C ASP C 168 26.97 -17.02 14.76
N GLU C 169 27.82 -16.06 14.41
CA GLU C 169 27.97 -15.66 13.02
C GLU C 169 28.47 -16.82 12.16
N GLU C 170 29.41 -17.61 12.67
CA GLU C 170 29.92 -18.75 11.91
C GLU C 170 29.01 -19.97 11.96
N GLY C 171 28.02 -19.97 12.83
CA GLY C 171 27.10 -21.09 12.93
C GLY C 171 27.36 -22.03 14.09
N HIS C 172 28.22 -21.65 15.03
CA HIS C 172 28.52 -22.50 16.18
C HIS C 172 27.48 -22.30 17.26
N ILE C 173 27.30 -23.34 18.09
CA ILE C 173 26.34 -23.28 19.18
C ILE C 173 26.74 -22.20 20.17
N LYS C 174 25.75 -21.47 20.68
CA LYS C 174 25.95 -20.48 21.73
C LYS C 174 24.74 -20.52 22.66
N LEU C 175 24.97 -20.93 23.91
CA LEU C 175 23.91 -20.94 24.90
C LEU C 175 23.61 -19.52 25.36
N THR C 176 22.32 -19.18 25.44
CA THR C 176 21.94 -17.84 25.86
C THR C 176 22.11 -17.60 27.35
N ASP C 177 22.37 -18.66 28.12
CA ASP C 177 22.51 -18.54 29.55
C ASP C 177 23.54 -19.56 30.02
N PHE C 178 23.95 -19.43 31.28
CA PHE C 178 24.94 -20.34 31.85
C PHE C 178 24.52 -20.77 33.24
N GLY C 179 23.24 -21.12 33.40
CA GLY C 179 22.71 -21.64 34.64
C GLY C 179 22.25 -20.60 35.64
N LEU C 180 22.09 -19.36 35.21
CA LEU C 180 21.66 -18.31 36.12
C LEU C 180 20.24 -18.55 36.61
N SER C 181 20.03 -18.33 37.91
CA SER C 181 18.70 -18.30 38.49
C SER C 181 18.22 -16.86 38.51
N LYS C 182 17.20 -16.56 37.72
CA LYS C 182 16.78 -15.20 37.43
C LYS C 182 15.41 -14.93 38.02
N GLU C 183 15.16 -13.64 38.30
CA GLU C 183 13.86 -13.19 38.77
C GLU C 183 13.42 -12.06 37.86
N SER C 184 12.24 -12.21 37.25
CA SER C 184 11.80 -11.22 36.28
C SER C 184 11.43 -9.91 36.98
N ILE C 185 11.49 -8.81 36.21
CA ILE C 185 11.04 -7.52 36.73
C ILE C 185 9.51 -7.53 36.78
N ASP C 186 8.94 -6.55 37.47
CA ASP C 186 7.51 -6.57 37.75
C ASP C 186 6.65 -6.57 36.50
N HIS C 187 7.03 -5.81 35.47
CA HIS C 187 6.24 -5.85 34.24
C HIS C 187 6.34 -7.21 33.56
N GLU C 188 7.48 -7.87 33.66
CA GLU C 188 7.73 -9.13 32.98
C GLU C 188 7.36 -10.34 33.85
N LYS C 189 6.98 -10.10 35.10
CA LYS C 189 6.65 -11.15 36.04
C LYS C 189 5.39 -11.87 35.55
N LYS C 190 5.41 -13.21 35.57
CA LYS C 190 4.26 -14.00 35.15
C LYS C 190 3.44 -14.40 36.37
N ALA C 191 2.12 -14.53 36.18
CA ALA C 191 1.21 -14.80 37.29
C ALA C 191 1.47 -16.16 37.92
N TYR C 192 1.58 -17.18 37.07
CA TYR C 192 1.87 -18.54 37.60
C TYR C 192 3.39 -18.72 37.54
N SER C 193 3.98 -19.23 38.62
CA SER C 193 5.46 -19.36 38.66
C SER C 193 5.91 -20.26 37.51
N PHE C 194 5.22 -21.39 37.31
CA PHE C 194 5.50 -22.30 36.17
C PHE C 194 6.99 -22.63 36.15
N CYS C 195 7.58 -23.02 37.29
CA CYS C 195 9.04 -23.25 37.28
C CYS C 195 9.35 -24.36 36.29
N GLY C 196 10.21 -24.06 35.30
CA GLY C 196 10.65 -25.01 34.27
C GLY C 196 9.65 -25.30 33.17
N THR C 197 10.15 -25.93 32.10
CA THR C 197 9.39 -26.41 30.96
C THR C 197 9.44 -27.93 30.96
N VAL C 198 8.27 -28.55 31.13
CA VAL C 198 8.20 -29.99 31.43
C VAL C 198 8.88 -30.88 30.41
N GLU C 199 8.88 -30.48 29.14
CA GLU C 199 9.25 -31.42 28.08
C GLU C 199 10.68 -31.91 28.20
N TYR C 200 11.59 -31.04 28.64
CA TYR C 200 13.00 -31.38 28.77
C TYR C 200 13.38 -31.70 30.20
N MET C 201 12.42 -31.77 31.11
CA MET C 201 12.69 -32.07 32.52
C MET C 201 12.97 -33.55 32.74
N ALA C 202 13.91 -33.81 33.63
CA ALA C 202 14.26 -35.16 34.00
C ALA C 202 13.25 -35.72 35.00
N PRO C 203 13.15 -37.05 35.08
CA PRO C 203 12.18 -37.65 36.03
C PRO C 203 12.42 -37.25 37.48
N GLU C 204 13.67 -37.15 37.90
CA GLU C 204 13.97 -36.75 39.28
C GLU C 204 13.49 -35.34 39.57
N VAL C 205 13.58 -34.43 38.59
CA VAL C 205 13.10 -33.08 38.79
C VAL C 205 11.59 -33.08 39.01
N VAL C 206 10.87 -33.92 38.25
CA VAL C 206 9.44 -34.05 38.48
C VAL C 206 9.19 -34.62 39.87
N ASN C 207 10.07 -35.53 40.31
CA ASN C 207 9.96 -36.06 41.65
C ASN C 207 10.51 -35.13 42.72
N ARG C 208 11.20 -34.06 42.32
CA ARG C 208 11.82 -33.12 43.25
C ARG C 208 12.80 -33.82 44.20
N ARG C 209 13.45 -34.90 43.73
CA ARG C 209 14.45 -35.60 44.52
C ARG C 209 15.81 -34.90 44.51
N GLY C 210 16.05 -34.02 43.55
CA GLY C 210 17.28 -33.26 43.48
C GLY C 210 17.56 -32.91 42.04
N HIS C 211 18.13 -31.74 41.81
CA HIS C 211 18.41 -31.29 40.45
C HIS C 211 19.91 -31.50 40.34
N THR C 212 20.28 -32.59 39.69
CA THR C 212 21.66 -33.02 39.59
C THR C 212 22.17 -32.77 38.19
N GLN C 213 23.48 -32.84 38.04
CA GLN C 213 24.05 -32.62 36.72
C GLN C 213 23.64 -33.71 35.75
N SER C 214 23.18 -34.87 36.25
CA SER C 214 22.64 -35.90 35.40
C SER C 214 21.28 -35.52 34.81
N ALA C 215 20.60 -34.55 35.41
CA ALA C 215 19.34 -34.08 34.84
C ALA C 215 19.57 -33.36 33.50
N ASP C 216 20.67 -32.62 33.39
CA ASP C 216 20.98 -31.95 32.12
C ASP C 216 21.17 -32.95 30.99
N TRP C 217 21.83 -34.08 31.26
CA TRP C 217 22.05 -35.05 30.20
C TRP C 217 20.75 -35.71 29.76
N TRP C 218 19.76 -35.78 30.66
CA TRP C 218 18.43 -36.17 30.24
C TRP C 218 17.85 -35.14 29.28
N SER C 219 17.97 -33.86 29.62
CA SER C 219 17.56 -32.79 28.71
C SER C 219 18.32 -32.87 27.39
N PHE C 220 19.62 -33.16 27.46
CA PHE C 220 20.42 -33.37 26.26
C PHE C 220 19.81 -34.48 25.40
N GLY C 221 19.36 -35.57 26.03
CA GLY C 221 18.78 -36.65 25.28
C GLY C 221 17.45 -36.29 24.66
N VAL C 222 16.62 -35.52 25.36
CA VAL C 222 15.35 -35.08 24.81
C VAL C 222 15.59 -34.16 23.63
N LEU C 223 16.59 -33.29 23.71
CA LEU C 223 16.93 -32.44 22.59
C LEU C 223 17.41 -33.25 21.39
N MET C 224 18.30 -34.22 21.64
CA MET C 224 18.76 -35.10 20.56
C MET C 224 17.59 -35.83 19.93
N PHE C 225 16.69 -36.37 20.75
CA PHE C 225 15.51 -37.05 20.22
C PHE C 225 14.68 -36.10 19.37
N GLU C 226 14.40 -34.90 19.90
CA GLU C 226 13.56 -33.95 19.17
C GLU C 226 14.22 -33.48 17.89
N MET C 227 15.54 -33.23 17.92
CA MET C 227 16.23 -32.79 16.72
C MET C 227 16.27 -33.88 15.65
N LEU C 228 16.45 -35.13 16.05
CA LEU C 228 16.55 -36.21 15.07
C LEU C 228 15.18 -36.67 14.57
N THR C 229 14.16 -36.62 15.42
CA THR C 229 12.84 -37.11 15.04
C THR C 229 11.89 -36.00 14.64
N GLY C 230 12.12 -34.77 15.09
CA GLY C 230 11.17 -33.69 14.89
C GLY C 230 10.03 -33.65 15.88
N THR C 231 10.00 -34.58 16.84
CA THR C 231 8.94 -34.69 17.82
C THR C 231 9.54 -34.87 19.20
N LEU C 232 8.76 -34.53 20.24
CA LEU C 232 9.21 -34.75 21.59
C LEU C 232 8.87 -36.16 22.05
N PRO C 233 9.74 -36.78 22.87
CA PRO C 233 9.45 -38.16 23.30
C PRO C 233 8.22 -38.27 24.18
N PHE C 234 7.98 -37.30 25.05
CA PHE C 234 6.83 -37.33 25.96
C PHE C 234 5.88 -36.19 25.59
N GLN C 235 4.71 -36.55 25.06
CA GLN C 235 3.71 -35.59 24.61
C GLN C 235 2.41 -35.80 25.35
N GLY C 236 1.88 -34.75 25.98
CA GLY C 236 0.64 -34.82 26.72
C GLY C 236 -0.30 -33.68 26.33
N LYS C 237 -1.50 -33.74 26.92
CA LYS C 237 -2.50 -32.69 26.76
C LYS C 237 -2.20 -31.48 27.64
N ASP C 238 -1.77 -31.70 28.88
CA ASP C 238 -1.42 -30.66 29.83
C ASP C 238 -0.07 -30.99 30.47
N ARG C 239 0.38 -30.11 31.38
CA ARG C 239 1.63 -30.37 32.08
C ARG C 239 1.59 -31.67 32.85
N LYS C 240 0.47 -31.94 33.53
CA LYS C 240 0.36 -33.11 34.38
C LYS C 240 0.48 -34.40 33.57
N GLU C 241 -0.23 -34.48 32.44
CA GLU C 241 -0.16 -35.69 31.65
C GLU C 241 1.25 -35.90 31.13
N THR C 242 1.87 -34.82 30.63
CA THR C 242 3.24 -34.93 30.14
C THR C 242 4.20 -35.30 31.27
N MET C 243 4.01 -34.72 32.46
CA MET C 243 4.88 -35.07 33.59
C MET C 243 4.75 -36.55 33.95
N THR C 244 3.52 -37.07 34.00
CA THR C 244 3.37 -38.49 34.27
C THR C 244 4.01 -39.32 33.17
N MET C 245 3.96 -38.83 31.92
CA MET C 245 4.62 -39.55 30.83
C MET C 245 6.11 -39.66 31.10
N ILE C 246 6.74 -38.58 31.58
CA ILE C 246 8.15 -38.65 31.91
C ILE C 246 8.41 -39.75 32.94
N LEU C 247 7.57 -39.83 33.97
CA LEU C 247 7.81 -40.80 35.04
C LEU C 247 7.44 -42.22 34.64
N LYS C 248 6.39 -42.41 33.85
CA LYS C 248 5.81 -43.74 33.73
C LYS C 248 5.74 -44.31 32.33
N ALA C 249 6.36 -43.70 31.32
CA ALA C 249 6.15 -44.14 29.95
C ALA C 249 7.20 -45.12 29.45
N LYS C 250 6.73 -46.11 28.68
CA LYS C 250 7.56 -47.02 27.92
C LYS C 250 7.36 -46.71 26.45
N LEU C 251 8.45 -46.41 25.74
CA LEU C 251 8.35 -45.96 24.37
C LEU C 251 9.05 -46.92 23.42
N GLY C 252 8.60 -46.90 22.16
CA GLY C 252 9.24 -47.66 21.11
C GLY C 252 10.18 -46.77 20.32
N MET C 253 11.42 -47.21 20.19
CA MET C 253 12.44 -46.42 19.51
C MET C 253 12.03 -46.21 18.05
N PRO C 254 12.08 -44.99 17.53
CA PRO C 254 11.85 -44.79 16.09
C PRO C 254 12.88 -45.57 15.29
N GLN C 255 12.41 -46.29 14.28
CA GLN C 255 13.28 -47.19 13.53
C GLN C 255 14.04 -46.50 12.41
N PHE C 256 13.69 -45.25 12.06
CA PHE C 256 14.48 -44.52 11.08
C PHE C 256 15.77 -43.98 11.66
N LEU C 257 15.95 -44.07 12.98
CA LEU C 257 17.18 -43.65 13.61
C LEU C 257 18.29 -44.67 13.39
N SER C 258 19.53 -44.19 13.33
CA SER C 258 20.65 -45.09 13.15
C SER C 258 20.87 -45.90 14.43
N PRO C 259 21.46 -47.09 14.31
CA PRO C 259 21.72 -47.89 15.52
C PRO C 259 22.58 -47.17 16.55
N GLU C 260 23.59 -46.43 16.10
CA GLU C 260 24.40 -45.64 17.01
C GLU C 260 23.56 -44.58 17.71
N ALA C 261 22.67 -43.94 16.97
CA ALA C 261 21.79 -42.93 17.57
C ALA C 261 20.83 -43.58 18.57
N GLN C 262 20.28 -44.75 18.25
CA GLN C 262 19.36 -45.42 19.17
C GLN C 262 20.03 -45.79 20.49
N SER C 263 21.24 -46.36 20.44
CA SER C 263 21.89 -46.77 21.68
C SER C 263 22.20 -45.56 22.56
N LEU C 264 22.67 -44.46 21.95
CA LEU C 264 22.96 -43.27 22.74
C LEU C 264 21.71 -42.78 23.45
N LEU C 265 20.57 -42.79 22.76
CA LEU C 265 19.31 -42.43 23.38
C LEU C 265 18.98 -43.39 24.51
N ARG C 266 19.20 -44.69 24.29
CA ARG C 266 18.92 -45.68 25.32
C ARG C 266 19.78 -45.47 26.57
N MET C 267 21.06 -45.16 26.40
CA MET C 267 21.91 -44.93 27.57
C MET C 267 21.56 -43.62 28.28
N LEU C 268 21.14 -42.60 27.53
CA LEU C 268 20.77 -41.32 28.13
C LEU C 268 19.37 -41.36 28.75
N PHE C 269 18.43 -42.08 28.13
CA PHE C 269 17.05 -42.12 28.63
C PHE C 269 16.89 -43.26 29.64
N LYS C 270 17.51 -43.06 30.80
CA LYS C 270 17.33 -43.93 31.97
C LYS C 270 16.80 -43.10 33.12
N ARG C 271 15.67 -43.54 33.69
CA ARG C 271 14.96 -42.72 34.67
C ARG C 271 15.74 -42.58 35.98
N ASN C 272 16.56 -43.56 36.32
CA ASN C 272 17.41 -43.43 37.50
C ASN C 272 18.67 -42.66 37.11
N PRO C 273 18.97 -41.54 37.78
CA PRO C 273 20.15 -40.74 37.40
C PRO C 273 21.45 -41.51 37.46
N ALA C 274 21.61 -42.44 38.41
CA ALA C 274 22.89 -43.12 38.55
C ALA C 274 23.19 -44.01 37.34
N ASN C 275 22.17 -44.61 36.74
CA ASN C 275 22.35 -45.43 35.55
C ASN C 275 22.50 -44.61 34.27
N ARG C 276 22.25 -43.30 34.34
CA ARG C 276 22.24 -42.47 33.14
C ARG C 276 23.65 -42.23 32.64
N LEU C 277 23.77 -42.15 31.31
CA LEU C 277 25.08 -41.91 30.71
C LEU C 277 25.55 -40.52 31.11
N GLY C 278 26.85 -40.40 31.38
CA GLY C 278 27.42 -39.18 31.89
C GLY C 278 27.45 -39.09 33.41
N ALA C 279 26.73 -39.96 34.11
CA ALA C 279 26.74 -40.00 35.56
C ALA C 279 27.74 -41.01 36.11
N GLY C 280 28.45 -41.72 35.25
CA GLY C 280 29.42 -42.69 35.69
C GLY C 280 30.72 -42.03 36.10
N PRO C 281 31.70 -42.87 36.45
CA PRO C 281 32.99 -42.32 36.91
C PRO C 281 33.69 -41.47 35.87
N ASP C 282 33.62 -41.87 34.61
CA ASP C 282 34.29 -41.14 33.54
C ASP C 282 33.62 -39.80 33.21
N GLY C 283 32.36 -39.63 33.57
CA GLY C 283 31.71 -38.34 33.40
C GLY C 283 31.40 -38.05 31.95
N VAL C 284 31.84 -36.86 31.47
CA VAL C 284 31.49 -36.46 30.12
C VAL C 284 32.14 -37.35 29.07
N GLU C 285 33.26 -37.98 29.42
CA GLU C 285 33.92 -38.88 28.48
C GLU C 285 33.10 -40.13 28.19
N GLU C 286 32.19 -40.50 29.09
CA GLU C 286 31.21 -41.54 28.75
C GLU C 286 30.42 -41.17 27.50
N ILE C 287 30.00 -39.91 27.40
CA ILE C 287 29.22 -39.48 26.24
C ILE C 287 30.11 -39.30 25.02
N LYS C 288 31.28 -38.70 25.21
CA LYS C 288 32.23 -38.54 24.11
C LYS C 288 32.64 -39.88 23.54
N ARG C 289 32.70 -40.90 24.39
CA ARG C 289 33.13 -42.24 24.00
C ARG C 289 32.13 -42.97 23.12
N HIS C 290 30.91 -42.45 22.99
CA HIS C 290 29.86 -43.16 22.27
C HIS C 290 30.12 -43.25 20.76
N SER C 291 29.62 -44.35 20.16
CA SER C 291 29.76 -44.57 18.73
C SER C 291 29.01 -43.53 17.92
N PHE C 292 27.96 -42.94 18.50
CA PHE C 292 27.26 -41.86 17.79
C PHE C 292 28.23 -40.74 17.47
N PHE C 293 29.03 -40.33 18.45
CA PHE C 293 30.01 -39.28 18.28
C PHE C 293 31.34 -39.81 17.77
N SER C 294 31.34 -40.98 17.14
CA SER C 294 32.59 -41.58 16.67
C SER C 294 33.27 -40.71 15.62
N THR C 295 32.47 -39.98 14.83
CA THR C 295 33.03 -39.16 13.76
C THR C 295 33.50 -37.79 14.24
N ILE C 296 33.38 -37.51 15.53
CA ILE C 296 33.66 -36.18 16.08
C ILE C 296 35.05 -36.16 16.70
N ASP C 297 35.88 -35.23 16.24
CA ASP C 297 37.14 -34.90 16.88
C ASP C 297 36.87 -33.81 17.91
N TRP C 298 36.85 -34.21 19.19
CA TRP C 298 36.42 -33.30 20.25
C TRP C 298 37.42 -32.17 20.47
N ASN C 299 38.69 -32.41 20.20
CA ASN C 299 39.69 -31.35 20.38
C ASN C 299 39.56 -30.30 19.29
N LYS C 300 39.37 -30.74 18.04
CA LYS C 300 39.11 -29.80 16.95
C LYS C 300 37.79 -29.06 17.18
N LEU C 301 36.78 -29.76 17.69
CA LEU C 301 35.48 -29.16 17.93
C LEU C 301 35.57 -28.04 18.94
N TYR C 302 36.27 -28.26 20.06
CA TYR C 302 36.41 -27.22 21.07
C TYR C 302 37.18 -26.03 20.51
N ARG C 303 38.14 -26.27 19.63
CA ARG C 303 38.90 -25.18 19.03
C ARG C 303 38.18 -24.52 17.86
N ARG C 304 36.96 -24.95 17.55
CA ARG C 304 36.17 -24.37 16.47
C ARG C 304 36.90 -24.46 15.15
N GLU C 305 37.65 -25.55 14.96
CA GLU C 305 38.35 -25.81 13.71
C GLU C 305 37.54 -26.71 12.78
N ILE C 306 36.34 -27.12 13.19
CA ILE C 306 35.43 -27.87 12.34
C ILE C 306 34.26 -26.95 12.00
N HIS C 307 34.05 -26.72 10.72
CA HIS C 307 33.04 -25.80 10.26
C HIS C 307 31.65 -26.41 10.48
N PRO C 308 30.65 -25.63 10.87
CA PRO C 308 29.30 -26.18 11.11
C PRO C 308 28.66 -26.67 9.83
N PRO C 309 27.73 -27.63 9.93
CA PRO C 309 27.05 -28.13 8.72
C PRO C 309 26.29 -27.05 7.97
N PHE C 310 25.71 -26.09 8.68
CA PHE C 310 24.95 -25.02 8.07
C PHE C 310 25.53 -23.69 8.52
N LYS C 311 25.82 -22.82 7.57
CA LYS C 311 26.29 -21.48 7.86
C LYS C 311 25.14 -20.48 7.83
N PRO C 312 25.09 -19.55 8.79
CA PRO C 312 23.97 -18.60 8.82
C PRO C 312 23.94 -17.70 7.58
N ALA C 313 25.11 -17.29 7.11
CA ALA C 313 25.24 -16.46 5.92
C ALA C 313 24.40 -15.18 6.00
N ALA D 10 25.07 -46.21 4.54
CA ALA D 10 23.79 -46.07 3.85
C ALA D 10 22.64 -45.88 4.84
N PRO D 11 22.58 -44.70 5.46
CA PRO D 11 21.55 -44.47 6.48
C PRO D 11 20.15 -44.50 5.90
N ARG D 12 19.21 -44.91 6.74
CA ARG D 12 17.83 -45.06 6.31
C ARG D 12 17.15 -43.70 6.14
N ARG D 13 16.00 -43.72 5.46
CA ARG D 13 15.24 -42.51 5.18
C ARG D 13 14.73 -41.88 6.46
N ARG D 14 14.99 -40.60 6.62
CA ARG D 14 14.65 -39.77 7.77
C ARG D 14 13.44 -38.90 7.46
N PRO D 15 12.68 -38.52 8.48
CA PRO D 15 11.46 -37.75 8.25
C PRO D 15 11.77 -36.28 8.05
N PRO D 16 10.89 -35.55 7.36
CA PRO D 16 11.03 -34.09 7.31
C PRO D 16 10.71 -33.50 8.66
N VAL D 17 11.55 -32.56 9.10
CA VAL D 17 11.48 -32.00 10.43
C VAL D 17 11.18 -30.50 10.32
N LYS D 18 10.14 -30.04 11.01
CA LYS D 18 9.82 -28.63 11.09
C LYS D 18 9.57 -28.24 12.54
N PHE D 19 10.09 -27.08 12.94
CA PHE D 19 9.92 -26.56 14.29
C PHE D 19 9.27 -25.18 14.25
N ILE D 20 8.73 -24.79 15.41
CA ILE D 20 8.10 -23.49 15.61
C ILE D 20 8.95 -22.74 16.64
N PHE D 21 9.59 -21.64 16.23
CA PHE D 21 10.35 -20.93 17.24
C PHE D 21 9.44 -20.01 18.08
N PRO D 22 9.91 -19.48 19.21
CA PRO D 22 9.09 -19.42 20.39
C PRO D 22 8.08 -20.54 20.43
N PRO D 23 8.54 -21.76 20.69
CA PRO D 23 7.65 -22.92 20.67
C PRO D 23 6.51 -22.74 21.66
N PRO D 24 5.28 -23.05 21.22
CA PRO D 24 4.13 -22.89 22.10
C PRO D 24 4.13 -23.92 23.20
N PRO D 25 3.50 -23.63 24.34
CA PRO D 25 3.43 -24.62 25.41
C PRO D 25 2.72 -25.87 24.94
N LEU D 26 3.20 -27.02 25.44
CA LEU D 26 2.61 -28.30 25.06
C LEU D 26 1.14 -28.38 25.48
N SER D 27 0.80 -27.74 26.60
CA SER D 27 -0.60 -27.69 27.04
C SER D 27 -1.46 -27.00 26.00
N SER D 28 -0.98 -25.89 25.46
CA SER D 28 -1.73 -25.18 24.44
C SER D 28 -1.59 -25.90 23.11
N LEU D 29 -2.45 -25.52 22.16
CA LEU D 29 -2.46 -26.02 20.80
C LEU D 29 -2.56 -27.56 20.81
N PRO D 30 -3.53 -28.15 21.55
CA PRO D 30 -3.55 -29.61 21.73
C PRO D 30 -3.88 -30.44 20.49
N GLY D 31 -4.93 -30.07 19.76
CA GLY D 31 -5.42 -30.89 18.68
C GLY D 31 -5.03 -30.47 17.29
N PHE D 32 -4.14 -29.49 17.16
CA PHE D 32 -3.78 -28.99 15.84
C PHE D 32 -3.03 -30.05 15.05
N GLY D 33 -3.37 -30.17 13.77
CA GLY D 33 -2.85 -31.25 12.97
C GLY D 33 -1.36 -31.12 12.70
N ARG D 34 -0.69 -32.27 12.68
CA ARG D 34 0.73 -32.37 12.37
C ARG D 34 0.96 -33.27 11.16
N PRO D 35 0.41 -32.90 9.99
CA PRO D 35 0.57 -33.77 8.81
C PRO D 35 1.96 -33.76 8.22
N ARG D 36 2.92 -33.07 8.81
CA ARG D 36 4.16 -32.82 8.09
C ARG D 36 5.11 -34.01 8.19
N GLY D 37 5.44 -34.41 9.40
CA GLY D 37 6.39 -35.48 9.61
C GLY D 37 5.89 -36.63 10.48
N TYR D 38 6.81 -37.09 11.30
CA TYR D 38 6.61 -38.23 12.18
C TYR D 38 5.65 -37.86 13.31
N ALA D 39 4.67 -38.73 13.55
CA ALA D 39 3.64 -38.42 14.55
C ALA D 39 4.25 -38.33 15.94
N GLY D 40 5.16 -39.26 16.26
CA GLY D 40 5.79 -39.30 17.55
C GLY D 40 6.03 -40.74 17.99
N PRO D 41 6.71 -40.90 19.12
CA PRO D 41 6.94 -42.26 19.63
C PRO D 41 5.66 -42.87 20.15
N THR D 42 5.49 -44.17 19.91
CA THR D 42 4.35 -44.90 20.43
C THR D 42 4.56 -45.28 21.89
N VAL D 43 3.55 -45.03 22.71
CA VAL D 43 3.59 -45.36 24.14
C VAL D 43 3.16 -46.81 24.24
N ILE D 44 4.12 -47.70 24.48
CA ILE D 44 3.82 -49.12 24.55
C ILE D 44 3.00 -49.43 25.79
N ASP D 45 3.38 -48.86 26.93
CA ASP D 45 2.64 -49.02 28.18
C ASP D 45 3.15 -48.01 29.19
N MET D 46 2.47 -47.94 30.32
CA MET D 46 2.90 -47.06 31.41
C MET D 46 3.57 -47.84 32.53
N SER D 47 4.51 -48.73 32.15
CA SER D 47 5.20 -49.60 33.09
C SER D 47 6.17 -48.86 34.00
N ALA D 48 6.49 -47.61 33.70
CA ALA D 48 7.50 -46.84 34.41
C ALA D 48 8.85 -47.54 34.51
N PRO D 49 9.38 -48.08 33.42
CA PRO D 49 10.67 -48.75 33.51
C PRO D 49 11.81 -47.75 33.52
N ASP D 50 12.93 -48.17 34.12
CA ASP D 50 14.13 -47.35 34.10
C ASP D 50 14.57 -47.10 32.67
N ASP D 51 14.49 -48.10 31.82
CA ASP D 51 14.78 -47.97 30.40
C ASP D 51 13.54 -47.44 29.71
N VAL D 52 13.57 -46.18 29.28
CA VAL D 52 12.38 -45.57 28.69
C VAL D 52 12.01 -46.29 27.40
N PHE D 53 13.00 -46.66 26.60
CA PHE D 53 12.76 -47.30 25.31
C PHE D 53 12.83 -48.80 25.47
N ALA D 54 11.85 -49.49 24.88
CA ALA D 54 11.79 -50.93 24.99
C ALA D 54 12.79 -51.57 24.04
N GLU D 55 13.46 -52.63 24.52
CA GLU D 55 14.38 -53.32 23.64
C GLU D 55 13.62 -54.08 22.58
N ASP D 56 14.12 -54.06 21.36
CA ASP D 56 13.56 -54.86 20.29
C ASP D 56 13.99 -56.34 20.42
N SER E 12 2.42 -16.60 -43.59
CA SER E 12 2.51 -17.67 -42.60
C SER E 12 2.79 -17.08 -41.21
N ILE E 13 4.04 -16.70 -40.97
CA ILE E 13 4.48 -16.10 -39.71
C ILE E 13 4.48 -14.58 -39.87
N LYS E 14 3.92 -13.87 -38.88
CA LYS E 14 3.85 -12.41 -38.89
C LYS E 14 4.69 -11.87 -37.75
N GLU E 15 5.65 -11.00 -38.06
CA GLU E 15 6.51 -10.37 -37.06
C GLU E 15 5.98 -8.98 -36.74
N ILE E 16 5.61 -8.76 -35.48
CA ILE E 16 5.10 -7.48 -35.02
C ILE E 16 6.11 -6.86 -34.07
N ALA E 17 6.65 -5.70 -34.43
CA ALA E 17 7.60 -5.02 -33.59
C ALA E 17 6.87 -4.30 -32.47
N ILE E 18 7.36 -4.43 -31.24
CA ILE E 18 6.76 -3.78 -30.08
C ILE E 18 7.46 -2.44 -29.94
N THR E 19 6.73 -1.38 -30.26
CA THR E 19 7.26 -0.03 -30.29
C THR E 19 6.72 0.87 -29.20
N HIS E 20 5.42 0.78 -28.92
CA HIS E 20 4.76 1.68 -28.01
C HIS E 20 3.55 0.97 -27.44
N HIS E 21 3.24 1.28 -26.18
CA HIS E 21 2.02 0.71 -25.61
C HIS E 21 1.60 1.56 -24.42
N VAL E 22 0.29 1.74 -24.28
CA VAL E 22 -0.29 2.39 -23.11
C VAL E 22 -1.53 1.59 -22.73
N LYS E 23 -1.63 1.24 -21.46
CA LYS E 23 -2.72 0.42 -20.96
C LYS E 23 -4.03 1.19 -20.91
N GLU E 24 -5.13 0.45 -21.05
CA GLU E 24 -6.45 1.05 -21.12
C GLU E 24 -6.79 1.86 -19.87
N GLY E 25 -7.31 3.08 -20.13
CA GLY E 25 -7.65 4.04 -19.10
C GLY E 25 -6.51 4.90 -18.58
N HIS E 26 -5.34 4.83 -19.19
CA HIS E 26 -4.21 5.63 -18.72
C HIS E 26 -3.57 6.43 -19.86
N GLU E 27 -2.68 7.34 -19.46
CA GLU E 27 -1.96 8.25 -20.33
C GLU E 27 -0.62 7.64 -20.74
N LYS E 28 -0.09 8.09 -21.87
CA LYS E 28 1.19 7.58 -22.35
C LYS E 28 2.30 7.87 -21.33
N ALA E 29 3.21 6.92 -21.16
CA ALA E 29 4.27 6.99 -20.16
C ALA E 29 5.63 7.27 -20.80
N ASP E 30 6.54 7.76 -19.99
CA ASP E 30 7.91 8.08 -20.39
C ASP E 30 8.80 7.93 -19.17
N PRO E 31 10.14 7.95 -19.35
CA PRO E 31 11.02 7.71 -18.20
C PRO E 31 10.82 8.66 -17.04
N SER E 32 10.38 9.89 -17.30
CA SER E 32 10.22 10.85 -16.19
C SER E 32 9.15 10.40 -15.21
N GLN E 33 8.17 9.61 -15.66
CA GLN E 33 7.06 9.22 -14.81
C GLN E 33 7.36 8.03 -13.88
N PHE E 34 8.56 7.46 -13.96
CA PHE E 34 8.94 6.33 -13.12
C PHE E 34 10.14 6.68 -12.26
N GLU E 35 10.22 6.06 -11.08
CA GLU E 35 11.35 6.18 -10.17
C GLU E 35 11.96 4.81 -9.94
N LEU E 36 13.28 4.70 -10.10
CA LEU E 36 13.96 3.43 -9.89
C LEU E 36 14.01 3.07 -8.40
N LEU E 37 13.74 1.80 -8.10
CA LEU E 37 13.73 1.34 -6.73
C LEU E 37 14.79 0.29 -6.44
N LYS E 38 14.84 -0.78 -7.23
CA LYS E 38 15.79 -1.85 -7.00
C LYS E 38 15.86 -2.72 -8.24
N VAL E 39 16.80 -3.67 -8.23
CA VAL E 39 16.95 -4.66 -9.29
C VAL E 39 16.23 -5.93 -8.86
N LEU E 40 15.21 -6.32 -9.63
CA LEU E 40 14.42 -7.49 -9.27
C LEU E 40 15.17 -8.78 -9.58
N GLY E 41 15.78 -8.86 -10.76
CA GLY E 41 16.51 -10.05 -11.16
C GLY E 41 17.26 -9.80 -12.44
N GLN E 42 18.06 -10.79 -12.83
CA GLN E 42 18.87 -10.72 -14.04
C GLN E 42 18.51 -11.85 -14.99
N GLY E 43 18.16 -11.49 -16.23
CA GLY E 43 17.94 -12.43 -17.29
C GLY E 43 19.06 -12.40 -18.32
N SER E 44 18.94 -13.28 -19.32
CA SER E 44 19.93 -13.31 -20.39
C SER E 44 19.92 -12.00 -21.17
N PHE E 45 18.75 -11.38 -21.31
CA PHE E 45 18.64 -10.13 -22.06
C PHE E 45 18.86 -8.90 -21.20
N GLY E 46 19.13 -9.07 -19.91
CA GLY E 46 19.47 -7.95 -19.06
C GLY E 46 18.83 -8.04 -17.68
N LYS E 47 19.04 -6.99 -16.89
CA LYS E 47 18.47 -6.91 -15.56
C LYS E 47 17.04 -6.40 -15.62
N VAL E 48 16.23 -6.84 -14.65
CA VAL E 48 14.85 -6.41 -14.49
C VAL E 48 14.79 -5.50 -13.28
N PHE E 49 14.17 -4.33 -13.43
CA PHE E 49 14.13 -3.31 -12.40
C PHE E 49 12.74 -3.18 -11.81
N LEU E 50 12.69 -2.66 -10.58
CA LEU E 50 11.46 -2.27 -9.94
C LEU E 50 11.33 -0.76 -10.02
N VAL E 51 10.21 -0.28 -10.56
CA VAL E 51 9.97 1.14 -10.73
C VAL E 51 8.63 1.50 -10.10
N LYS E 52 8.53 2.76 -9.68
CA LYS E 52 7.33 3.31 -9.08
C LYS E 52 6.77 4.39 -10.01
N LYS E 53 5.50 4.26 -10.37
CA LYS E 53 4.85 5.31 -11.14
C LYS E 53 4.61 6.50 -10.22
N ILE E 54 5.13 7.66 -10.60
CA ILE E 54 5.03 8.85 -9.76
C ILE E 54 4.03 9.87 -10.29
N SER E 55 3.43 9.63 -11.45
CA SER E 55 2.45 10.55 -12.02
C SER E 55 1.29 9.75 -12.59
N GLY E 56 0.11 10.36 -12.59
CA GLY E 56 -1.06 9.80 -13.24
C GLY E 56 -1.98 9.04 -12.29
N SER E 57 -2.94 8.34 -12.90
CA SER E 57 -3.93 7.58 -12.13
C SER E 57 -3.30 6.39 -11.43
N ASP E 58 -2.23 5.83 -11.98
CA ASP E 58 -1.52 4.71 -11.37
C ASP E 58 -0.32 5.17 -10.56
N ALA E 59 -0.36 6.40 -10.04
CA ALA E 59 0.73 6.90 -9.21
C ALA E 59 0.82 6.08 -7.93
N ARG E 60 2.06 5.85 -7.49
CA ARG E 60 2.49 5.04 -6.35
C ARG E 60 2.43 3.55 -6.65
N GLN E 61 1.95 3.12 -7.81
CA GLN E 61 1.95 1.71 -8.13
C GLN E 61 3.33 1.26 -8.57
N LEU E 62 3.68 0.04 -8.19
CA LEU E 62 4.97 -0.54 -8.51
C LEU E 62 4.87 -1.40 -9.76
N TYR E 63 5.87 -1.28 -10.63
CA TYR E 63 5.92 -2.07 -11.86
C TYR E 63 7.33 -2.64 -12.03
N ALA E 64 7.41 -3.71 -12.81
CA ALA E 64 8.68 -4.26 -13.25
C ALA E 64 9.02 -3.72 -14.62
N MET E 65 10.29 -3.39 -14.85
CA MET E 65 10.71 -2.80 -16.09
C MET E 65 11.89 -3.55 -16.69
N LYS E 66 11.80 -3.84 -17.98
CA LYS E 66 12.89 -4.41 -18.75
C LYS E 66 13.40 -3.38 -19.77
N VAL E 67 14.70 -3.40 -20.01
CA VAL E 67 15.33 -2.52 -20.99
C VAL E 67 15.96 -3.37 -22.08
N LEU E 68 15.51 -3.16 -23.32
CA LEU E 68 15.96 -3.94 -24.46
C LEU E 68 16.27 -2.99 -25.61
N LYS E 69 17.07 -3.47 -26.56
CA LYS E 69 17.28 -2.72 -27.79
C LYS E 69 16.01 -2.70 -28.61
N LYS E 70 15.38 -3.87 -28.77
CA LYS E 70 14.07 -3.99 -29.42
C LYS E 70 13.49 -5.36 -29.11
N ALA E 71 12.18 -5.48 -29.31
CA ALA E 71 11.46 -6.73 -29.08
C ALA E 71 10.33 -6.86 -30.09
N THR E 72 10.19 -8.06 -30.67
CA THR E 72 9.15 -8.33 -31.66
C THR E 72 8.35 -9.55 -31.24
N LEU E 73 7.08 -9.58 -31.66
CA LEU E 73 6.18 -10.71 -31.42
C LEU E 73 5.83 -11.37 -32.75
N LYS E 74 6.19 -12.64 -32.88
CA LYS E 74 5.90 -13.45 -34.06
C LYS E 74 4.57 -14.19 -33.87
N VAL E 75 3.62 -13.99 -34.77
CA VAL E 75 2.30 -14.60 -34.69
C VAL E 75 2.05 -15.39 -35.97
N ARG E 76 1.65 -16.65 -35.83
CA ARG E 76 1.36 -17.51 -36.98
C ARG E 76 -0.11 -17.49 -37.42
N ASP E 77 -0.99 -16.79 -36.72
CA ASP E 77 -2.41 -16.78 -37.11
C ASP E 77 -2.77 -15.54 -37.92
N ASP E 86 -3.50 -4.54 -29.88
CA ASP E 86 -4.50 -5.59 -29.95
C ASP E 86 -3.92 -6.91 -29.44
N ILE E 87 -2.85 -7.37 -30.08
CA ILE E 87 -2.20 -8.60 -29.64
C ILE E 87 -1.64 -8.46 -28.23
N LEU E 88 -1.18 -7.26 -27.86
CA LEU E 88 -0.66 -7.08 -26.52
C LEU E 88 -1.79 -7.16 -25.49
N VAL E 89 -3.00 -6.82 -25.89
CA VAL E 89 -4.15 -7.02 -25.01
C VAL E 89 -4.66 -8.46 -25.10
N GLU E 90 -4.56 -9.11 -26.27
CA GLU E 90 -5.01 -10.49 -26.38
C GLU E 90 -4.16 -11.45 -25.55
N VAL E 91 -2.85 -11.19 -25.41
CA VAL E 91 -2.01 -12.09 -24.63
C VAL E 91 -2.34 -12.06 -23.14
N ASN E 92 -3.16 -11.11 -22.69
CA ASN E 92 -3.51 -11.06 -21.28
C ASN E 92 -4.19 -12.35 -20.83
N HIS E 93 -3.69 -12.92 -19.74
CA HIS E 93 -4.14 -14.21 -19.23
C HIS E 93 -3.94 -14.19 -17.72
N PRO E 94 -4.72 -14.97 -16.96
CA PRO E 94 -4.52 -15.01 -15.51
C PRO E 94 -3.12 -15.41 -15.09
N PHE E 95 -2.41 -16.21 -15.89
CA PHE E 95 -1.11 -16.75 -15.51
C PHE E 95 0.02 -16.23 -16.39
N ILE E 96 -0.16 -15.07 -17.01
CA ILE E 96 0.85 -14.45 -17.85
C ILE E 96 1.02 -13.01 -17.40
N VAL E 97 2.27 -12.53 -17.37
CA VAL E 97 2.54 -11.15 -16.99
C VAL E 97 1.80 -10.22 -17.95
N LYS E 98 1.29 -9.12 -17.42
CA LYS E 98 0.58 -8.15 -18.23
C LYS E 98 1.50 -6.97 -18.52
N LEU E 99 1.56 -6.57 -19.79
CA LEU E 99 2.34 -5.42 -20.21
C LEU E 99 1.47 -4.17 -20.08
N HIS E 100 1.89 -3.23 -19.23
CA HIS E 100 1.12 -2.03 -18.97
C HIS E 100 1.53 -0.86 -19.86
N TYR E 101 2.84 -0.65 -20.03
CA TYR E 101 3.34 0.41 -20.90
C TYR E 101 4.53 -0.11 -21.70
N ALA E 102 4.69 0.45 -22.90
CA ALA E 102 5.88 0.25 -23.71
C ALA E 102 6.19 1.57 -24.40
N PHE E 103 7.45 2.00 -24.34
CA PHE E 103 7.86 3.24 -24.97
C PHE E 103 9.34 3.15 -25.31
N GLN E 104 9.80 4.06 -26.16
CA GLN E 104 11.17 4.08 -26.65
C GLN E 104 11.87 5.38 -26.29
N THR E 105 13.14 5.28 -25.90
CA THR E 105 13.94 6.46 -25.61
C THR E 105 15.42 6.09 -25.77
N GLU E 106 16.18 6.92 -26.48
CA GLU E 106 17.62 6.70 -26.67
C GLU E 106 17.93 5.38 -27.34
N GLY E 107 17.15 5.03 -28.35
CA GLY E 107 17.37 3.78 -29.08
C GLY E 107 17.17 2.55 -28.23
N LYS E 108 16.35 2.65 -27.18
CA LYS E 108 16.09 1.56 -26.26
C LYS E 108 14.59 1.40 -26.08
N LEU E 109 14.16 0.17 -25.86
CA LEU E 109 12.76 -0.14 -25.60
C LEU E 109 12.54 -0.41 -24.12
N TYR E 110 11.53 0.23 -23.54
CA TYR E 110 11.22 0.10 -22.12
C TYR E 110 9.86 -0.56 -21.96
N LEU E 111 9.85 -1.71 -21.30
CA LEU E 111 8.65 -2.49 -21.08
C LEU E 111 8.23 -2.36 -19.62
N ILE E 112 7.04 -1.83 -19.38
CA ILE E 112 6.48 -1.68 -18.05
C ILE E 112 5.50 -2.84 -17.86
N LEU E 113 5.84 -3.74 -16.94
CA LEU E 113 5.19 -5.02 -16.76
C LEU E 113 4.66 -5.15 -15.34
N ASP E 114 3.90 -6.22 -15.11
CA ASP E 114 3.44 -6.53 -13.76
C ASP E 114 4.64 -6.77 -12.85
N PHE E 115 4.58 -6.22 -11.65
CA PHE E 115 5.55 -6.55 -10.62
C PHE E 115 5.03 -7.79 -9.90
N LEU E 116 5.67 -8.93 -10.15
CA LEU E 116 5.26 -10.21 -9.59
C LEU E 116 5.91 -10.35 -8.21
N ARG E 117 5.09 -10.34 -7.17
CA ARG E 117 5.58 -10.26 -5.79
C ARG E 117 5.70 -11.63 -5.14
N GLY E 118 5.32 -12.70 -5.82
CA GLY E 118 5.37 -14.02 -5.27
C GLY E 118 6.71 -14.71 -5.36
N GLY E 119 7.64 -14.17 -6.14
CA GLY E 119 8.91 -14.83 -6.34
C GLY E 119 8.76 -15.94 -7.36
N ASP E 120 9.84 -16.69 -7.55
CA ASP E 120 9.82 -17.77 -8.51
C ASP E 120 9.28 -19.05 -7.89
N LEU E 121 8.73 -19.89 -8.75
CA LEU E 121 8.12 -21.15 -8.30
C LEU E 121 9.17 -22.10 -7.74
N PHE E 122 10.36 -22.16 -8.38
CA PHE E 122 11.35 -23.15 -7.98
C PHE E 122 11.88 -22.87 -6.59
N THR E 123 12.05 -21.61 -6.24
CA THR E 123 12.46 -21.27 -4.88
C THR E 123 11.37 -21.65 -3.87
N ARG E 124 10.10 -21.40 -4.22
CA ARG E 124 9.01 -21.79 -3.33
C ARG E 124 8.98 -23.30 -3.12
N LEU E 125 9.15 -24.07 -4.20
CA LEU E 125 9.24 -25.52 -4.06
C LEU E 125 10.48 -25.92 -3.27
N SER E 126 11.60 -25.25 -3.52
CA SER E 126 12.84 -25.56 -2.82
C SER E 126 12.71 -25.33 -1.32
N LYS E 127 11.99 -24.29 -0.93
CA LYS E 127 11.76 -24.02 0.50
C LYS E 127 10.96 -25.13 1.18
N GLU E 128 9.95 -25.66 0.49
CA GLU E 128 9.16 -26.73 1.06
C GLU E 128 9.97 -28.00 1.20
N VAL E 129 10.89 -28.23 0.25
CA VAL E 129 11.78 -29.38 0.24
C VAL E 129 10.98 -30.65 -0.05
N MET E 130 9.98 -30.93 0.78
CA MET E 130 9.14 -32.11 0.61
C MET E 130 7.75 -31.65 0.19
N PHE E 131 7.31 -32.08 -0.99
CA PHE E 131 5.98 -31.74 -1.49
C PHE E 131 5.45 -32.94 -2.27
N THR E 132 4.17 -32.86 -2.64
CA THR E 132 3.47 -33.92 -3.35
C THR E 132 3.38 -33.64 -4.84
N GLU E 133 3.02 -34.69 -5.59
CA GLU E 133 2.75 -34.54 -7.01
C GLU E 133 1.52 -33.66 -7.24
N GLU E 134 0.51 -33.79 -6.36
CA GLU E 134 -0.66 -32.94 -6.45
C GLU E 134 -0.29 -31.47 -6.30
N ASP E 135 0.74 -31.17 -5.50
CA ASP E 135 1.23 -29.80 -5.39
C ASP E 135 1.81 -29.30 -6.70
N VAL E 136 2.72 -30.08 -7.30
CA VAL E 136 3.30 -29.73 -8.59
C VAL E 136 2.22 -29.73 -9.66
N LYS E 137 1.24 -30.62 -9.53
CA LYS E 137 0.17 -30.73 -10.53
C LYS E 137 -0.55 -29.40 -10.70
N PHE E 138 -0.82 -28.71 -9.59
CA PHE E 138 -1.51 -27.43 -9.64
C PHE E 138 -0.73 -26.43 -10.48
N TYR E 139 0.58 -26.34 -10.26
CA TYR E 139 1.38 -25.37 -10.99
C TYR E 139 1.53 -25.79 -12.45
N LEU E 140 1.66 -27.08 -12.71
CA LEU E 140 1.70 -27.55 -14.09
C LEU E 140 0.39 -27.23 -14.81
N ALA E 141 -0.74 -27.37 -14.13
CA ALA E 141 -2.03 -27.13 -14.76
C ALA E 141 -2.17 -25.65 -15.15
N GLU E 142 -1.82 -24.75 -14.24
CA GLU E 142 -1.87 -23.32 -14.58
C GLU E 142 -0.88 -22.99 -15.69
N LEU E 143 0.29 -23.63 -15.68
CA LEU E 143 1.26 -23.42 -16.75
C LEU E 143 0.70 -23.86 -18.10
N ALA E 144 -0.06 -24.96 -18.10
CA ALA E 144 -0.62 -25.48 -19.36
C ALA E 144 -1.63 -24.51 -19.94
N LEU E 145 -2.48 -23.90 -19.11
CA LEU E 145 -3.46 -22.94 -19.60
C LEU E 145 -2.79 -21.73 -20.23
N ALA E 146 -1.73 -21.22 -19.59
CA ALA E 146 -1.02 -20.08 -20.15
C ALA E 146 -0.36 -20.42 -21.47
N LEU E 147 0.27 -21.60 -21.56
CA LEU E 147 0.89 -22.02 -22.81
C LEU E 147 -0.15 -22.19 -23.91
N ASP E 148 -1.29 -22.81 -23.58
CA ASP E 148 -2.34 -22.97 -24.57
C ASP E 148 -2.90 -21.63 -25.03
N HIS E 149 -3.05 -20.68 -24.11
CA HIS E 149 -3.61 -19.39 -24.48
C HIS E 149 -2.74 -18.69 -25.52
N LEU E 150 -1.42 -18.74 -25.33
CA LEU E 150 -0.50 -18.20 -26.33
C LEU E 150 -0.58 -18.97 -27.64
N HIS E 151 -0.73 -20.30 -27.55
CA HIS E 151 -0.85 -21.12 -28.75
C HIS E 151 -2.09 -20.75 -29.56
N SER E 152 -3.21 -20.48 -28.86
CA SER E 152 -4.44 -20.13 -29.57
C SER E 152 -4.28 -18.84 -30.36
N LEU E 153 -3.41 -17.95 -29.90
CA LEU E 153 -3.13 -16.70 -30.59
C LEU E 153 -2.03 -16.84 -31.63
N GLY E 154 -1.52 -18.05 -31.86
CA GLY E 154 -0.46 -18.25 -32.83
C GLY E 154 0.93 -18.00 -32.30
N ILE E 155 1.11 -17.89 -30.99
CA ILE E 155 2.39 -17.58 -30.38
C ILE E 155 3.02 -18.85 -29.80
N ILE E 156 4.35 -18.96 -29.96
CA ILE E 156 5.15 -20.02 -29.36
C ILE E 156 6.01 -19.38 -28.28
N TYR E 157 6.06 -19.99 -27.10
CA TYR E 157 6.86 -19.43 -26.01
C TYR E 157 8.36 -19.48 -26.33
N ARG E 158 8.79 -20.49 -27.09
CA ARG E 158 10.15 -20.57 -27.62
C ARG E 158 11.18 -20.96 -26.56
N ASP E 159 11.37 -20.13 -25.52
CA ASP E 159 12.42 -20.36 -24.53
C ASP E 159 11.81 -20.41 -23.13
N LEU E 160 11.09 -21.49 -22.83
CA LEU E 160 10.48 -21.69 -21.52
C LEU E 160 11.49 -22.34 -20.57
N LYS E 161 11.73 -21.71 -19.43
CA LYS E 161 12.71 -22.17 -18.46
C LYS E 161 12.29 -21.70 -17.08
N PRO E 162 12.87 -22.26 -16.01
CA PRO E 162 12.42 -21.89 -14.64
C PRO E 162 12.52 -20.41 -14.33
N GLU E 163 13.45 -19.67 -14.93
CA GLU E 163 13.55 -18.25 -14.65
C GLU E 163 12.29 -17.50 -15.06
N ASN E 164 11.55 -18.01 -16.04
CA ASN E 164 10.35 -17.33 -16.52
C ASN E 164 9.11 -17.64 -15.68
N ILE E 165 9.17 -18.60 -14.77
CA ILE E 165 8.01 -19.04 -14.01
C ILE E 165 8.05 -18.42 -12.63
N LEU E 166 7.26 -17.35 -12.44
CA LEU E 166 7.15 -16.66 -11.17
C LEU E 166 5.74 -16.84 -10.62
N LEU E 167 5.55 -16.38 -9.39
CA LEU E 167 4.28 -16.46 -8.70
C LEU E 167 3.77 -15.05 -8.42
N ASP E 168 2.45 -14.92 -8.23
CA ASP E 168 1.89 -13.63 -7.86
C ASP E 168 1.68 -13.58 -6.35
N GLU E 169 1.03 -12.52 -5.87
CA GLU E 169 0.86 -12.35 -4.43
C GLU E 169 0.07 -13.51 -3.81
N GLU E 170 -0.91 -14.04 -4.53
CA GLU E 170 -1.68 -15.16 -3.99
C GLU E 170 -0.99 -16.50 -4.19
N GLY E 171 0.07 -16.56 -4.99
CA GLY E 171 0.76 -17.81 -5.24
C GLY E 171 0.44 -18.49 -6.55
N HIS E 172 -0.22 -17.80 -7.48
CA HIS E 172 -0.58 -18.37 -8.77
C HIS E 172 0.57 -18.19 -9.76
N ILE E 173 0.61 -19.06 -10.77
CA ILE E 173 1.67 -19.00 -11.78
C ILE E 173 1.60 -17.69 -12.53
N LYS E 174 2.76 -17.11 -12.81
CA LYS E 174 2.85 -15.91 -13.65
C LYS E 174 4.11 -16.01 -14.51
N LEU E 175 3.92 -16.18 -15.82
CA LEU E 175 5.04 -16.21 -16.74
C LEU E 175 5.57 -14.81 -16.98
N THR E 176 6.89 -14.66 -16.96
CA THR E 176 7.51 -13.36 -17.11
C THR E 176 7.50 -12.86 -18.55
N ASP E 177 7.13 -13.71 -19.51
CA ASP E 177 7.14 -13.32 -20.90
C ASP E 177 6.00 -14.04 -21.61
N PHE E 178 5.73 -13.61 -22.85
CA PHE E 178 4.68 -14.21 -23.66
C PHE E 178 5.15 -14.39 -25.10
N GLY E 179 6.38 -14.88 -25.27
CA GLY E 179 6.90 -15.19 -26.59
C GLY E 179 7.60 -14.06 -27.31
N LEU E 180 7.97 -12.98 -26.61
CA LEU E 180 8.65 -11.88 -27.25
C LEU E 180 10.02 -12.32 -27.75
N SER E 181 10.37 -11.90 -28.97
CA SER E 181 11.72 -12.06 -29.50
C SER E 181 12.47 -10.78 -29.20
N LYS E 182 13.45 -10.85 -28.32
CA LYS E 182 14.09 -9.67 -27.75
C LYS E 182 15.54 -9.54 -28.19
N GLU E 183 16.02 -8.30 -28.21
CA GLU E 183 17.42 -7.99 -28.44
C GLU E 183 17.94 -7.07 -27.33
N SER E 184 19.04 -7.49 -26.70
CA SER E 184 19.63 -6.80 -25.57
C SER E 184 20.31 -5.50 -25.99
N ILE E 185 20.56 -4.64 -24.99
CA ILE E 185 21.35 -3.43 -25.20
C ILE E 185 22.79 -3.87 -25.37
N ASP E 186 23.66 -2.97 -25.87
CA ASP E 186 25.00 -3.39 -26.24
C ASP E 186 25.77 -3.92 -25.04
N HIS E 187 25.56 -3.35 -23.86
CA HIS E 187 26.26 -3.83 -22.67
C HIS E 187 25.87 -5.27 -22.35
N GLU E 188 24.62 -5.66 -22.64
CA GLU E 188 24.18 -7.00 -22.25
C GLU E 188 24.37 -8.04 -23.35
N LYS E 189 24.69 -7.63 -24.58
CA LYS E 189 24.86 -8.61 -25.64
C LYS E 189 26.12 -9.44 -25.42
N LYS E 190 26.01 -10.74 -25.63
CA LYS E 190 27.09 -11.68 -25.44
C LYS E 190 27.80 -11.96 -26.78
N ALA E 191 29.09 -12.32 -26.68
CA ALA E 191 29.88 -12.57 -27.89
C ALA E 191 29.33 -13.75 -28.66
N TYR E 192 28.91 -14.80 -27.95
CA TYR E 192 28.35 -15.98 -28.60
C TYR E 192 26.85 -15.93 -28.39
N SER E 193 26.09 -15.86 -29.49
CA SER E 193 24.63 -15.75 -29.38
C SER E 193 24.02 -17.03 -28.86
N PHE E 194 24.40 -18.16 -29.44
CA PHE E 194 24.03 -19.48 -28.94
C PHE E 194 22.51 -19.70 -28.99
N THR E 197 18.04 -21.88 -23.41
CA THR E 197 19.11 -22.81 -23.05
C THR E 197 18.73 -24.22 -23.52
N VAL E 198 19.72 -25.12 -23.57
CA VAL E 198 19.50 -26.40 -24.25
C VAL E 198 18.76 -27.40 -23.38
N GLU E 199 18.79 -27.27 -22.05
CA GLU E 199 18.22 -28.30 -21.19
C GLU E 199 16.72 -28.48 -21.43
N TYR E 200 16.01 -27.39 -21.75
CA TYR E 200 14.57 -27.45 -21.99
C TYR E 200 14.21 -27.43 -23.47
N MET E 201 15.21 -27.53 -24.36
CA MET E 201 14.96 -27.50 -25.79
C MET E 201 14.43 -28.83 -26.29
N ALA E 202 13.51 -28.77 -27.25
CA ALA E 202 13.00 -29.97 -27.89
C ALA E 202 14.01 -30.46 -28.92
N PRO E 203 13.94 -31.75 -29.29
CA PRO E 203 14.91 -32.26 -30.28
C PRO E 203 14.87 -31.51 -31.59
N GLU E 204 13.68 -31.11 -32.06
CA GLU E 204 13.57 -30.35 -33.29
C GLU E 204 14.25 -28.98 -33.16
N VAL E 205 14.12 -28.33 -31.99
CA VAL E 205 14.80 -27.06 -31.78
C VAL E 205 16.30 -27.25 -31.78
N VAL E 206 16.78 -28.34 -31.16
CA VAL E 206 18.21 -28.63 -31.14
C VAL E 206 18.71 -28.90 -32.55
N ASN E 207 17.89 -29.56 -33.37
CA ASN E 207 18.25 -29.80 -34.76
C ASN E 207 18.04 -28.58 -35.63
N ARG E 208 17.37 -27.53 -35.10
CA ARG E 208 17.00 -26.34 -35.85
C ARG E 208 16.16 -26.67 -37.08
N ARG E 209 15.40 -27.78 -37.03
CA ARG E 209 14.58 -28.12 -38.19
C ARG E 209 13.28 -27.35 -38.19
N GLY E 210 12.83 -26.90 -37.02
CA GLY E 210 11.61 -26.15 -36.90
C GLY E 210 11.19 -26.03 -35.46
N HIS E 211 10.61 -24.89 -35.12
CA HIS E 211 10.15 -24.61 -33.78
C HIS E 211 8.63 -24.58 -33.84
N THR E 212 8.00 -25.63 -33.33
CA THR E 212 6.55 -25.79 -33.38
C THR E 212 5.98 -25.58 -31.98
N GLN E 213 4.66 -25.44 -31.92
CA GLN E 213 4.06 -25.26 -30.60
C GLN E 213 4.23 -26.50 -29.74
N SER E 214 4.47 -27.64 -30.37
CA SER E 214 4.75 -28.87 -29.62
C SER E 214 6.12 -28.82 -28.96
N ALA E 215 7.01 -27.94 -29.42
CA ALA E 215 8.29 -27.77 -28.73
C ALA E 215 8.10 -27.24 -27.31
N ASP E 216 7.11 -26.37 -27.13
CA ASP E 216 6.79 -25.88 -25.79
C ASP E 216 6.36 -27.02 -24.87
N TRP E 217 5.59 -27.98 -25.39
CA TRP E 217 5.12 -29.09 -24.58
C TRP E 217 6.25 -30.04 -24.20
N TRP E 218 7.30 -30.12 -25.03
CA TRP E 218 8.49 -30.83 -24.60
C TRP E 218 9.12 -30.16 -23.40
N SER E 219 9.33 -28.85 -23.49
CA SER E 219 9.82 -28.08 -22.36
C SER E 219 8.87 -28.18 -21.17
N PHE E 220 7.56 -28.16 -21.43
CA PHE E 220 6.58 -28.41 -20.37
C PHE E 220 6.84 -29.75 -19.69
N GLY E 221 7.17 -30.77 -20.48
CA GLY E 221 7.46 -32.07 -19.91
C GLY E 221 8.76 -32.07 -19.14
N VAL E 222 9.78 -31.36 -19.64
CA VAL E 222 11.06 -31.28 -18.95
C VAL E 222 10.90 -30.58 -17.61
N LEU E 223 10.10 -29.51 -17.57
CA LEU E 223 9.83 -28.83 -16.30
C LEU E 223 9.08 -29.74 -15.33
N MET E 224 8.07 -30.46 -15.83
CA MET E 224 7.36 -31.42 -14.99
C MET E 224 8.32 -32.45 -14.41
N PHE E 225 9.22 -32.99 -15.25
CA PHE E 225 10.21 -33.95 -14.77
C PHE E 225 11.09 -33.32 -13.69
N GLU E 226 11.62 -32.12 -13.94
CA GLU E 226 12.50 -31.48 -12.99
C GLU E 226 11.77 -31.14 -11.69
N MET E 227 10.53 -30.68 -11.80
CA MET E 227 9.78 -30.33 -10.58
C MET E 227 9.46 -31.57 -9.75
N LEU E 228 9.14 -32.69 -10.39
CA LEU E 228 8.79 -33.88 -9.62
C LEU E 228 10.01 -34.62 -9.11
N THR E 229 11.12 -34.61 -9.86
CA THR E 229 12.32 -35.34 -9.48
C THR E 229 13.42 -34.47 -8.88
N GLY E 230 13.45 -33.17 -9.20
CA GLY E 230 14.57 -32.33 -8.80
C GLY E 230 15.75 -32.39 -9.73
N THR E 231 15.68 -33.14 -10.82
CA THR E 231 16.79 -33.27 -11.76
C THR E 231 16.26 -33.10 -13.17
N LEU E 232 17.17 -32.73 -14.07
CA LEU E 232 16.83 -32.60 -15.47
C LEU E 232 16.95 -33.97 -16.15
N PRO E 233 16.08 -34.26 -17.12
CA PRO E 233 16.16 -35.58 -17.77
C PRO E 233 17.43 -35.77 -18.57
N PHE E 234 17.90 -34.74 -19.25
CA PHE E 234 19.10 -34.82 -20.08
C PHE E 234 20.17 -33.97 -19.42
N GLN E 235 21.16 -34.63 -18.84
CA GLN E 235 22.24 -33.96 -18.12
C GLN E 235 23.58 -34.39 -18.67
N GLY E 236 24.39 -33.42 -19.09
CA GLY E 236 25.73 -33.69 -19.58
C GLY E 236 26.73 -32.78 -18.90
N LYS E 237 28.01 -33.07 -19.15
CA LYS E 237 29.08 -32.28 -18.54
C LYS E 237 29.15 -30.89 -19.18
N ASP E 238 28.93 -30.80 -20.48
CA ASP E 238 28.92 -29.53 -21.19
C ASP E 238 27.69 -29.43 -22.07
N ARG E 239 27.53 -28.27 -22.72
CA ARG E 239 26.40 -28.05 -23.61
C ARG E 239 26.34 -29.05 -24.74
N LYS E 240 27.48 -29.33 -25.37
CA LYS E 240 27.49 -30.21 -26.53
C LYS E 240 27.02 -31.61 -26.15
N GLU E 241 27.50 -32.14 -25.02
CA GLU E 241 27.10 -33.47 -24.61
C GLU E 241 25.61 -33.55 -24.27
N THR E 242 25.08 -32.53 -23.57
CA THR E 242 23.67 -32.52 -23.20
C THR E 242 22.77 -32.55 -24.43
N MET E 243 23.14 -31.79 -25.46
CA MET E 243 22.35 -31.72 -26.68
C MET E 243 22.22 -33.09 -27.34
N THR E 244 23.33 -33.83 -27.40
CA THR E 244 23.31 -35.19 -27.95
C THR E 244 22.43 -36.10 -27.11
N MET E 245 22.41 -35.91 -25.79
CA MET E 245 21.55 -36.71 -24.94
C MET E 245 20.09 -36.49 -25.28
N ILE E 246 19.70 -35.24 -25.50
CA ILE E 246 18.33 -34.94 -25.91
C ILE E 246 17.99 -35.71 -27.18
N LEU E 247 18.94 -35.75 -28.11
CA LEU E 247 18.71 -36.39 -29.41
C LEU E 247 18.74 -37.90 -29.31
N LYS E 248 19.61 -38.47 -28.49
CA LYS E 248 19.88 -39.90 -28.57
C LYS E 248 19.70 -40.71 -27.29
N ALA E 249 19.27 -40.11 -26.18
CA ALA E 249 19.32 -40.86 -24.94
C ALA E 249 18.02 -41.61 -24.69
N LYS E 250 18.14 -42.83 -24.21
CA LYS E 250 17.02 -43.63 -23.74
C LYS E 250 17.15 -43.72 -22.23
N LEU E 251 16.11 -43.32 -21.52
CA LEU E 251 16.16 -43.16 -20.07
C LEU E 251 15.21 -44.13 -19.38
N GLY E 252 15.52 -44.40 -18.12
CA GLY E 252 14.68 -45.22 -17.27
C GLY E 252 13.76 -44.36 -16.43
N MET E 253 12.47 -44.68 -16.48
CA MET E 253 11.46 -43.94 -15.75
C MET E 253 11.77 -44.03 -14.26
N PRO E 254 11.87 -42.90 -13.54
CA PRO E 254 12.02 -43.01 -12.08
C PRO E 254 10.80 -43.69 -11.48
N GLN E 255 11.04 -44.65 -10.59
CA GLN E 255 9.95 -45.49 -10.12
C GLN E 255 9.18 -44.87 -8.96
N PHE E 256 9.68 -43.78 -8.37
CA PHE E 256 8.91 -43.09 -7.33
C PHE E 256 7.78 -42.22 -7.90
N LEU E 257 7.75 -42.04 -9.22
CA LEU E 257 6.66 -41.29 -9.85
C LEU E 257 5.40 -42.14 -9.92
N SER E 258 4.26 -41.47 -9.83
CA SER E 258 2.97 -42.14 -9.89
C SER E 258 2.68 -42.61 -11.33
N PRO E 259 1.85 -43.64 -11.49
CA PRO E 259 1.55 -44.12 -12.84
C PRO E 259 0.98 -43.05 -13.77
N GLU E 260 0.12 -42.17 -13.26
CA GLU E 260 -0.37 -41.08 -14.10
C GLU E 260 0.78 -40.17 -14.52
N ALA E 261 1.71 -39.90 -13.60
CA ALA E 261 2.85 -39.06 -13.92
C ALA E 261 3.75 -39.72 -14.96
N GLN E 262 4.00 -41.02 -14.82
CA GLN E 262 4.79 -41.72 -15.83
C GLN E 262 4.11 -41.69 -17.19
N SER E 263 2.79 -41.89 -17.21
CA SER E 263 2.04 -41.89 -18.47
C SER E 263 2.14 -40.55 -19.17
N LEU E 264 1.96 -39.45 -18.42
CA LEU E 264 2.02 -38.13 -19.03
C LEU E 264 3.41 -37.86 -19.58
N LEU E 265 4.45 -38.23 -18.83
CA LEU E 265 5.82 -38.03 -19.27
C LEU E 265 6.10 -38.79 -20.56
N ARG E 266 5.61 -40.03 -20.66
CA ARG E 266 5.85 -40.82 -21.87
C ARG E 266 5.20 -40.19 -23.09
N MET E 267 3.97 -39.69 -22.95
CA MET E 267 3.30 -39.03 -24.06
C MET E 267 3.92 -37.67 -24.38
N LEU E 268 4.45 -36.98 -23.36
CA LEU E 268 5.13 -35.71 -23.61
C LEU E 268 6.51 -35.90 -24.20
N PHE E 269 7.23 -36.92 -23.75
CA PHE E 269 8.61 -37.16 -24.21
C PHE E 269 8.61 -38.06 -25.45
N LYS E 270 8.17 -37.46 -26.54
CA LYS E 270 8.24 -38.07 -27.87
C LYS E 270 9.14 -37.19 -28.73
N ARG E 271 10.19 -37.77 -29.30
CA ARG E 271 11.17 -36.96 -30.02
C ARG E 271 10.60 -36.40 -31.31
N ASN E 272 9.65 -37.11 -31.93
CA ASN E 272 9.00 -36.52 -33.09
C ASN E 272 7.84 -35.63 -32.62
N PRO E 273 7.79 -34.37 -33.07
CA PRO E 273 6.70 -33.48 -32.61
C PRO E 273 5.31 -34.04 -32.89
N ALA E 274 5.12 -34.73 -34.02
CA ALA E 274 3.79 -35.22 -34.37
C ALA E 274 3.29 -36.28 -33.40
N ASN E 275 4.19 -37.11 -32.85
CA ASN E 275 3.79 -38.10 -31.86
C ASN E 275 3.58 -37.50 -30.49
N ARG E 276 3.97 -36.25 -30.29
CA ARG E 276 3.93 -35.64 -28.96
C ARG E 276 2.51 -35.28 -28.58
N LEU E 277 2.23 -35.40 -27.28
CA LEU E 277 0.90 -35.10 -26.78
C LEU E 277 0.61 -33.61 -26.94
N GLY E 278 -0.65 -33.30 -27.28
CA GLY E 278 -1.03 -31.94 -27.58
C GLY E 278 -0.96 -31.57 -29.05
N ALA E 279 -0.32 -32.40 -29.87
CA ALA E 279 -0.28 -32.18 -31.30
C ALA E 279 -1.37 -32.94 -32.04
N GLY E 280 -2.22 -33.67 -31.31
CA GLY E 280 -3.29 -34.42 -31.91
C GLY E 280 -4.48 -33.54 -32.25
N PRO E 281 -5.54 -34.20 -32.73
CA PRO E 281 -6.71 -33.43 -33.21
C PRO E 281 -7.38 -32.59 -32.13
N ASP E 282 -7.55 -33.14 -30.93
CA ASP E 282 -8.19 -32.44 -29.83
C ASP E 282 -7.31 -31.35 -29.22
N GLY E 283 -6.01 -31.36 -29.51
CA GLY E 283 -5.14 -30.26 -29.11
C GLY E 283 -4.81 -30.30 -27.63
N VAL E 284 -4.98 -29.17 -26.95
CA VAL E 284 -4.56 -29.08 -25.55
C VAL E 284 -5.42 -29.99 -24.68
N GLU E 285 -6.64 -30.31 -25.15
CA GLU E 285 -7.52 -31.17 -24.38
C GLU E 285 -6.95 -32.58 -24.26
N GLU E 286 -6.07 -32.98 -25.18
CA GLU E 286 -5.33 -34.23 -24.99
C GLU E 286 -4.57 -34.20 -23.67
N ILE E 287 -3.95 -33.07 -23.35
CA ILE E 287 -3.20 -32.95 -22.11
C ILE E 287 -4.15 -32.74 -20.93
N LYS E 288 -5.18 -31.90 -21.10
CA LYS E 288 -6.13 -31.67 -20.02
C LYS E 288 -6.87 -32.95 -19.64
N ARG E 289 -7.23 -33.76 -20.64
CA ARG E 289 -8.00 -34.99 -20.45
C ARG E 289 -7.16 -36.10 -19.83
N HIS E 290 -5.85 -35.90 -19.68
CA HIS E 290 -4.97 -36.94 -19.15
C HIS E 290 -5.34 -37.27 -17.70
N SER E 291 -5.06 -38.52 -17.31
CA SER E 291 -5.37 -38.99 -15.97
C SER E 291 -4.58 -38.23 -14.91
N PHE E 292 -3.41 -37.71 -15.24
CA PHE E 292 -2.63 -36.93 -14.28
C PHE E 292 -3.42 -35.73 -13.78
N PHE E 293 -4.06 -35.00 -14.69
CA PHE E 293 -4.85 -33.82 -14.34
C PHE E 293 -6.30 -34.16 -14.01
N SER E 294 -6.58 -35.41 -13.61
CA SER E 294 -7.95 -35.82 -13.33
C SER E 294 -8.55 -35.03 -12.16
N THR E 295 -7.73 -34.64 -11.20
CA THR E 295 -8.23 -33.96 -10.00
C THR E 295 -8.39 -32.46 -10.21
N ILE E 296 -8.13 -31.96 -11.42
CA ILE E 296 -8.10 -30.53 -11.69
C ILE E 296 -9.41 -30.10 -12.35
N ASP E 297 -10.08 -29.11 -11.76
CA ASP E 297 -11.19 -28.44 -12.42
C ASP E 297 -10.59 -27.28 -13.21
N TRP E 298 -10.46 -27.46 -14.53
CA TRP E 298 -9.74 -26.49 -15.34
C TRP E 298 -10.48 -25.17 -15.43
N ASN E 299 -11.80 -25.20 -15.35
CA ASN E 299 -12.58 -23.98 -15.37
C ASN E 299 -12.46 -23.23 -14.05
N LYS E 300 -12.53 -23.96 -12.95
CA LYS E 300 -12.27 -23.36 -11.64
C LYS E 300 -10.83 -22.84 -11.54
N LEU E 301 -9.88 -23.58 -12.14
CA LEU E 301 -8.49 -23.15 -12.14
C LEU E 301 -8.30 -21.84 -12.92
N TYR E 302 -8.93 -21.72 -14.09
CA TYR E 302 -8.80 -20.50 -14.88
C TYR E 302 -9.38 -19.30 -14.14
N ARG E 303 -10.44 -19.52 -13.37
CA ARG E 303 -11.02 -18.44 -12.60
C ARG E 303 -10.25 -18.14 -11.33
N ARG E 304 -9.15 -18.87 -11.10
CA ARG E 304 -8.31 -18.69 -9.91
C ARG E 304 -9.12 -18.88 -8.64
N GLU E 305 -10.07 -19.81 -8.67
CA GLU E 305 -10.86 -20.17 -7.50
C GLU E 305 -10.28 -21.35 -6.75
N ILE E 306 -9.13 -21.85 -7.18
CA ILE E 306 -8.47 -22.97 -6.54
C ILE E 306 -7.26 -22.42 -5.79
N HIS E 307 -7.20 -22.69 -4.48
CA HIS E 307 -6.10 -22.17 -3.69
C HIS E 307 -4.80 -22.83 -4.10
N PRO E 308 -3.72 -22.06 -4.22
CA PRO E 308 -2.42 -22.66 -4.51
C PRO E 308 -1.95 -23.47 -3.32
N PRO E 309 -1.16 -24.53 -3.55
CA PRO E 309 -0.69 -25.33 -2.41
C PRO E 309 0.16 -24.53 -1.44
N PHE E 310 0.96 -23.60 -1.94
CA PHE E 310 1.88 -22.81 -1.13
C PHE E 310 1.64 -21.33 -1.39
N LYS E 311 1.56 -20.55 -0.31
CA LYS E 311 1.46 -19.11 -0.39
C LYS E 311 2.85 -18.48 -0.33
N PRO E 312 3.14 -17.46 -1.14
CA PRO E 312 4.49 -16.90 -1.15
C PRO E 312 4.88 -16.25 0.17
N ALA E 313 3.94 -15.57 0.82
CA ALA E 313 4.20 -14.94 2.10
C ALA E 313 3.87 -15.93 3.21
N THR E 314 4.90 -16.34 3.95
CA THR E 314 4.72 -17.25 5.08
C THR E 314 5.90 -17.09 6.04
N ARG F 12 2.99 -42.04 -1.90
CA ARG F 12 4.23 -42.53 -2.48
C ARG F 12 5.44 -42.02 -1.70
N ARG F 13 6.58 -42.70 -1.82
CA ARG F 13 7.81 -42.19 -1.24
C ARG F 13 8.42 -41.17 -2.21
N ARG F 14 8.52 -39.92 -1.79
CA ARG F 14 9.03 -38.95 -2.72
C ARG F 14 10.42 -38.48 -2.31
N PRO F 15 11.25 -38.03 -3.26
CA PRO F 15 12.56 -37.53 -2.91
C PRO F 15 12.46 -36.09 -2.43
N PRO F 16 13.37 -35.64 -1.58
CA PRO F 16 13.43 -34.21 -1.26
C PRO F 16 14.02 -33.44 -2.43
N VAL F 17 13.39 -32.31 -2.76
CA VAL F 17 13.79 -31.52 -3.91
C VAL F 17 14.25 -30.15 -3.42
N LYS F 18 15.47 -29.78 -3.79
CA LYS F 18 16.02 -28.46 -3.57
C LYS F 18 16.63 -27.97 -4.87
N PHE F 19 16.41 -26.70 -5.17
CA PHE F 19 16.89 -26.07 -6.38
C PHE F 19 17.84 -24.93 -6.04
N ILE F 20 18.58 -24.54 -7.06
CA ILE F 20 19.48 -23.39 -6.99
C ILE F 20 18.89 -22.37 -7.94
N PHE F 21 18.29 -21.31 -7.41
CA PHE F 21 17.74 -20.31 -8.31
C PHE F 21 18.83 -19.34 -8.75
N PRO F 22 18.55 -18.48 -9.73
CA PRO F 22 19.48 -18.26 -10.80
C PRO F 22 20.31 -19.52 -11.05
N PRO F 23 19.74 -20.50 -11.74
CA PRO F 23 20.43 -21.76 -11.98
C PRO F 23 21.77 -21.53 -12.65
N PRO F 24 22.80 -22.25 -12.22
CA PRO F 24 24.12 -22.04 -12.79
C PRO F 24 24.15 -22.46 -14.25
N PRO F 25 24.97 -21.82 -15.08
CA PRO F 25 25.07 -22.22 -16.49
C PRO F 25 25.60 -23.63 -16.64
N LEU F 26 25.07 -24.34 -17.64
CA LEU F 26 25.52 -25.70 -17.92
C LEU F 26 26.98 -25.76 -18.35
N SER F 27 27.47 -24.71 -19.02
CA SER F 27 28.84 -24.71 -19.50
C SER F 27 29.84 -24.85 -18.35
N SER F 28 29.70 -24.02 -17.33
CA SER F 28 30.59 -24.06 -16.18
C SER F 28 30.14 -25.14 -15.20
N LEU F 29 31.00 -25.36 -14.21
CA LEU F 29 30.82 -26.30 -13.11
C LEU F 29 30.65 -27.73 -13.63
N PRO F 30 31.53 -28.22 -14.53
CA PRO F 30 31.31 -29.54 -15.12
C PRO F 30 31.47 -30.66 -14.10
N GLY F 31 32.52 -30.59 -13.30
CA GLY F 31 32.86 -31.64 -12.37
C GLY F 31 32.49 -31.34 -10.93
N PHE F 32 31.80 -30.23 -10.66
CA PHE F 32 31.47 -29.86 -9.29
C PHE F 32 30.48 -30.82 -8.65
N GLY F 33 30.57 -30.93 -7.33
CA GLY F 33 29.74 -31.87 -6.60
C GLY F 33 28.27 -31.54 -6.70
N ARG F 34 27.47 -32.58 -6.68
CA ARG F 34 26.02 -32.53 -6.80
C ARG F 34 25.37 -32.60 -5.44
N PRO F 35 24.41 -31.72 -5.16
CA PRO F 35 23.73 -31.77 -3.86
C PRO F 35 22.96 -33.07 -3.79
N ARG F 36 22.92 -33.66 -2.60
CA ARG F 36 22.49 -35.05 -2.47
C ARG F 36 20.98 -35.16 -2.56
N GLY F 37 20.52 -35.72 -3.66
CA GLY F 37 19.10 -35.99 -3.87
C GLY F 37 18.99 -37.17 -4.82
N TYR F 38 17.96 -37.16 -5.66
CA TYR F 38 17.87 -38.18 -6.69
C TYR F 38 18.93 -37.85 -7.72
N ALA F 39 19.80 -38.81 -8.04
CA ALA F 39 20.94 -38.48 -8.89
C ALA F 39 20.47 -38.06 -10.28
N GLY F 40 19.47 -38.75 -10.82
CA GLY F 40 18.95 -38.46 -12.12
C GLY F 40 18.56 -39.74 -12.82
N PRO F 41 17.95 -39.61 -14.00
CA PRO F 41 17.57 -40.81 -14.74
C PRO F 41 18.79 -41.53 -15.28
N THR F 42 18.78 -42.85 -15.23
CA THR F 42 19.88 -43.62 -15.77
C THR F 42 19.72 -43.73 -17.29
N VAL F 43 20.79 -43.44 -18.02
CA VAL F 43 20.72 -43.52 -19.48
C VAL F 43 20.96 -44.99 -19.85
N ILE F 44 19.89 -45.66 -20.29
CA ILE F 44 20.00 -47.09 -20.62
C ILE F 44 20.89 -47.30 -21.83
N ASP F 45 20.74 -46.47 -22.85
CA ASP F 45 21.60 -46.54 -24.03
C ASP F 45 21.34 -45.26 -24.84
N MET F 46 22.17 -45.05 -25.85
CA MET F 46 22.01 -43.90 -26.75
C MET F 46 21.38 -44.33 -28.06
N SER F 47 20.30 -45.11 -27.95
CA SER F 47 19.60 -45.70 -29.09
C SER F 47 18.83 -44.68 -29.92
N ALA F 48 18.64 -43.46 -29.40
CA ALA F 48 17.84 -42.42 -30.05
C ALA F 48 16.42 -42.85 -30.42
N PRO F 49 15.68 -43.48 -29.48
CA PRO F 49 14.31 -43.88 -29.79
C PRO F 49 13.37 -42.69 -29.68
N ASP F 50 12.23 -42.80 -30.36
CA ASP F 50 11.23 -41.74 -30.28
C ASP F 50 10.75 -41.57 -28.84
N ASP F 51 10.57 -42.70 -28.13
CA ASP F 51 10.18 -42.71 -26.73
C ASP F 51 11.42 -42.58 -25.85
N VAL F 52 11.55 -41.45 -25.14
CA VAL F 52 12.75 -41.22 -24.34
C VAL F 52 12.87 -42.27 -23.23
N PHE F 53 11.77 -42.62 -22.60
CA PHE F 53 11.80 -43.54 -21.47
C PHE F 53 11.47 -44.96 -21.94
N ALA F 54 12.20 -45.94 -21.41
CA ALA F 54 11.97 -47.31 -21.81
C ALA F 54 10.71 -47.86 -21.17
N GLU F 55 9.98 -48.69 -21.92
CA GLU F 55 8.73 -49.22 -21.40
C GLU F 55 8.97 -50.21 -20.26
N ASP F 56 7.98 -50.27 -19.37
CA ASP F 56 8.01 -51.17 -18.21
C ASP F 56 8.44 -52.58 -18.59
N SER G 12 58.86 -1.62 -16.53
CA SER G 12 59.07 -2.93 -15.93
C SER G 12 57.78 -3.59 -15.48
N ILE G 13 56.95 -3.99 -16.43
CA ILE G 13 55.67 -4.63 -16.14
C ILE G 13 55.85 -6.14 -16.18
N LYS G 14 55.42 -6.82 -15.12
CA LYS G 14 55.50 -8.27 -14.98
C LYS G 14 54.10 -8.84 -14.83
N GLU G 15 53.76 -9.78 -15.71
CA GLU G 15 52.45 -10.42 -15.71
C GLU G 15 52.52 -11.77 -15.00
N ILE G 16 51.67 -11.96 -14.01
CA ILE G 16 51.59 -13.21 -13.26
C ILE G 16 50.30 -13.90 -13.66
N ALA G 17 50.44 -15.06 -14.31
CA ALA G 17 49.29 -15.86 -14.72
C ALA G 17 48.79 -16.65 -13.52
N ILE G 18 47.48 -16.64 -13.30
CA ILE G 18 46.88 -17.34 -12.17
C ILE G 18 46.42 -18.70 -12.71
N THR G 19 47.18 -19.75 -12.41
CA THR G 19 46.83 -21.09 -12.87
C THR G 19 46.54 -22.05 -11.73
N HIS G 20 47.31 -21.97 -10.65
CA HIS G 20 47.17 -22.91 -9.54
C HIS G 20 47.56 -22.19 -8.26
N HIS G 21 46.85 -22.53 -7.19
CA HIS G 21 47.13 -22.01 -5.86
C HIS G 21 46.53 -22.99 -4.87
N VAL G 22 47.21 -23.18 -3.76
CA VAL G 22 46.80 -24.14 -2.75
C VAL G 22 46.83 -23.48 -1.38
N LYS G 23 45.79 -23.74 -0.59
CA LYS G 23 45.64 -23.13 0.72
C LYS G 23 46.72 -23.67 1.67
N GLU G 24 47.14 -22.80 2.61
CA GLU G 24 48.24 -23.13 3.50
C GLU G 24 47.91 -24.37 4.30
N GLY G 25 48.72 -25.43 4.13
CA GLY G 25 48.44 -26.66 4.84
C GLY G 25 47.34 -27.54 4.25
N HIS G 26 46.90 -27.28 3.02
CA HIS G 26 45.81 -28.06 2.44
C HIS G 26 46.28 -28.72 1.14
N GLU G 27 45.45 -29.64 0.66
CA GLU G 27 45.69 -30.41 -0.55
C GLU G 27 45.10 -29.69 -1.75
N LYS G 28 45.67 -29.98 -2.92
CA LYS G 28 45.24 -29.33 -4.16
C LYS G 28 43.75 -29.56 -4.37
N ALA G 29 43.05 -28.54 -4.87
CA ALA G 29 41.61 -28.60 -5.02
C ALA G 29 41.22 -28.80 -6.48
N ASP G 30 40.03 -29.36 -6.67
CA ASP G 30 39.48 -29.61 -7.99
C ASP G 30 37.97 -29.58 -7.86
N PRO G 31 37.23 -29.61 -8.98
CA PRO G 31 35.77 -29.48 -8.89
C PRO G 31 35.07 -30.51 -8.01
N SER G 32 35.63 -31.72 -7.88
CA SER G 32 34.94 -32.75 -7.10
C SER G 32 34.80 -32.36 -5.63
N GLN G 33 35.70 -31.52 -5.13
CA GLN G 33 35.72 -31.14 -3.72
C GLN G 33 34.76 -30.01 -3.39
N PHE G 34 34.08 -29.43 -4.37
CA PHE G 34 33.16 -28.33 -4.11
C PHE G 34 31.74 -28.70 -4.53
N GLU G 35 30.77 -28.18 -3.77
CA GLU G 35 29.36 -28.35 -4.06
C GLU G 35 28.75 -26.97 -4.28
N LEU G 36 28.06 -26.80 -5.38
CA LEU G 36 27.42 -25.52 -5.68
C LEU G 36 26.21 -25.30 -4.79
N LEU G 37 26.08 -24.06 -4.29
CA LEU G 37 24.98 -23.68 -3.41
C LEU G 37 24.05 -22.66 -4.05
N LYS G 38 24.58 -21.57 -4.56
CA LYS G 38 23.76 -20.54 -5.19
C LYS G 38 24.69 -19.63 -5.99
N VAL G 39 24.08 -18.69 -6.71
CA VAL G 39 24.81 -17.65 -7.43
C VAL G 39 24.81 -16.41 -6.57
N LEU G 40 26.01 -15.95 -6.21
CA LEU G 40 26.12 -14.79 -5.31
C LEU G 40 25.80 -13.50 -6.04
N GLY G 41 26.31 -13.35 -7.25
CA GLY G 41 26.05 -12.12 -7.99
C GLY G 41 26.55 -12.24 -9.41
N GLN G 42 26.31 -11.17 -10.17
CA GLN G 42 26.70 -11.10 -11.57
C GLN G 42 27.73 -9.98 -11.69
N GLY G 43 28.92 -10.32 -12.19
CA GLY G 43 29.92 -9.34 -12.49
C GLY G 43 30.04 -9.15 -13.99
N SER G 44 30.87 -8.19 -14.38
CA SER G 44 31.06 -7.94 -15.81
C SER G 44 31.71 -9.13 -16.49
N PHE G 45 32.63 -9.81 -15.81
CA PHE G 45 33.35 -10.95 -16.37
C PHE G 45 32.66 -12.28 -16.10
N GLY G 46 31.50 -12.27 -15.46
CA GLY G 46 30.76 -13.50 -15.25
C GLY G 46 30.07 -13.58 -13.91
N LYS G 47 29.44 -14.73 -13.64
CA LYS G 47 28.73 -14.96 -12.40
C LYS G 47 29.67 -15.42 -11.29
N VAL G 48 29.32 -15.05 -10.07
CA VAL G 48 30.04 -15.46 -8.86
C VAL G 48 29.18 -16.45 -8.11
N PHE G 49 29.76 -17.59 -7.76
CA PHE G 49 29.01 -18.67 -7.14
C PHE G 49 29.42 -18.87 -5.68
N LEU G 50 28.51 -19.44 -4.92
CA LEU G 50 28.77 -19.89 -3.57
C LEU G 50 28.96 -21.40 -3.60
N VAL G 51 30.09 -21.88 -3.08
CA VAL G 51 30.42 -23.29 -3.12
C VAL G 51 30.72 -23.75 -1.70
N LYS G 52 30.51 -25.03 -1.45
CA LYS G 52 30.77 -25.62 -0.15
C LYS G 52 31.92 -26.60 -0.31
N LYS G 53 32.99 -26.39 0.46
CA LYS G 53 34.10 -27.33 0.48
C LYS G 53 33.69 -28.57 1.27
N ILE G 54 33.78 -29.73 0.64
CA ILE G 54 33.43 -31.01 1.26
C ILE G 54 34.64 -31.85 1.59
N SER G 55 35.85 -31.36 1.35
CA SER G 55 37.06 -32.14 1.56
C SER G 55 38.05 -31.35 2.40
N GLY G 56 38.83 -32.07 3.18
CA GLY G 56 39.95 -31.46 3.82
C GLY G 56 39.61 -30.90 5.18
N SER G 57 40.56 -30.14 5.70
CA SER G 57 40.38 -29.48 6.98
C SER G 57 39.34 -28.37 6.89
N ASP G 58 39.13 -27.80 5.70
CA ASP G 58 38.12 -26.76 5.50
C ASP G 58 36.82 -27.32 4.97
N ALA G 59 36.50 -28.58 5.31
CA ALA G 59 35.23 -29.15 4.90
C ALA G 59 34.07 -28.39 5.54
N ARG G 60 33.00 -28.22 4.76
CA ARG G 60 31.78 -27.49 5.10
C ARG G 60 31.97 -25.98 5.09
N GLN G 61 33.17 -25.49 4.79
CA GLN G 61 33.38 -24.05 4.71
C GLN G 61 32.77 -23.51 3.43
N LEU G 62 32.21 -22.31 3.51
CA LEU G 62 31.61 -21.68 2.34
C LEU G 62 32.64 -20.79 1.67
N TYR G 63 32.68 -20.84 0.35
CA TYR G 63 33.59 -20.02 -0.42
C TYR G 63 32.83 -19.36 -1.56
N ALA G 64 33.37 -18.24 -2.02
CA ALA G 64 32.91 -17.59 -3.23
C ALA G 64 33.79 -18.06 -4.38
N MET G 65 33.17 -18.32 -5.52
CA MET G 65 33.92 -18.84 -6.66
C MET G 65 33.62 -18.02 -7.90
N LYS G 66 34.68 -17.65 -8.60
CA LYS G 66 34.58 -17.03 -9.92
C LYS G 66 35.12 -18.02 -10.95
N VAL G 67 34.47 -18.05 -12.11
CA VAL G 67 34.90 -18.90 -13.22
C VAL G 67 35.26 -18.00 -14.38
N LEU G 68 36.52 -18.08 -14.79
CA LEU G 68 37.09 -17.22 -15.82
C LEU G 68 37.88 -18.07 -16.79
N LYS G 69 38.12 -17.50 -17.98
CA LYS G 69 39.00 -18.15 -18.94
C LYS G 69 40.44 -18.15 -18.44
N LYS G 70 40.91 -17.00 -17.98
CA LYS G 70 42.21 -16.85 -17.36
C LYS G 70 42.22 -15.54 -16.62
N ALA G 71 43.19 -15.40 -15.71
CA ALA G 71 43.33 -14.19 -14.93
C ALA G 71 44.82 -13.93 -14.73
N THR G 72 45.22 -12.67 -14.94
CA THR G 72 46.61 -12.27 -14.80
C THR G 72 46.72 -11.08 -13.85
N LEU G 73 47.85 -11.02 -13.16
CA LEU G 73 48.17 -9.94 -12.25
C LEU G 73 49.34 -9.16 -12.83
N LYS G 74 49.13 -7.88 -13.11
CA LYS G 74 50.21 -7.03 -13.60
C LYS G 74 50.88 -6.32 -12.42
N VAL G 75 52.19 -6.56 -12.27
CA VAL G 75 52.99 -5.98 -11.18
C VAL G 75 54.17 -5.22 -11.77
N ARG G 76 54.32 -3.96 -11.35
CA ARG G 76 55.43 -3.09 -11.74
C ARG G 76 56.55 -3.02 -10.69
N ASP G 77 56.58 -3.94 -9.72
CA ASP G 77 57.58 -3.86 -8.65
C ASP G 77 59.00 -4.08 -9.16
N ARG G 78 59.19 -4.93 -10.17
CA ARG G 78 60.50 -5.20 -10.78
C ARG G 78 61.45 -5.94 -9.84
N VAL G 79 60.91 -6.74 -8.91
CA VAL G 79 61.74 -7.52 -8.01
C VAL G 79 61.96 -8.90 -8.65
N ARG G 80 63.17 -9.14 -9.14
CA ARG G 80 63.47 -10.42 -9.79
C ARG G 80 63.42 -11.57 -8.80
N THR G 81 63.85 -11.35 -7.56
CA THR G 81 63.94 -12.40 -6.56
C THR G 81 62.57 -12.97 -6.21
N LYS G 82 61.56 -12.10 -6.12
CA LYS G 82 60.26 -12.50 -5.62
C LYS G 82 59.62 -13.52 -6.54
N MET G 83 59.13 -14.61 -5.95
CA MET G 83 58.46 -15.66 -6.69
C MET G 83 57.01 -15.29 -7.00
N GLU G 84 56.43 -15.99 -7.97
CA GLU G 84 55.07 -15.66 -8.41
C GLU G 84 54.06 -15.89 -7.29
N ARG G 85 54.10 -17.05 -6.64
CA ARG G 85 53.16 -17.32 -5.56
C ARG G 85 53.35 -16.32 -4.42
N ASP G 86 54.60 -15.96 -4.14
CA ASP G 86 54.86 -14.99 -3.08
C ASP G 86 54.19 -13.67 -3.38
N ILE G 87 54.25 -13.20 -4.63
CA ILE G 87 53.60 -11.95 -4.97
C ILE G 87 52.09 -12.08 -4.84
N LEU G 88 51.53 -13.26 -5.15
CA LEU G 88 50.09 -13.44 -5.08
C LEU G 88 49.58 -13.51 -3.65
N VAL G 89 50.38 -14.00 -2.71
CA VAL G 89 49.94 -14.05 -1.31
C VAL G 89 50.13 -12.70 -0.64
N GLU G 90 51.07 -11.88 -1.12
CA GLU G 90 51.32 -10.58 -0.50
C GLU G 90 50.11 -9.67 -0.60
N VAL G 91 49.28 -9.82 -1.64
CA VAL G 91 48.12 -8.95 -1.80
C VAL G 91 47.11 -9.12 -0.69
N ASN G 92 47.23 -10.18 0.11
CA ASN G 92 46.30 -10.43 1.21
C ASN G 92 46.36 -9.26 2.20
N HIS G 93 45.18 -8.77 2.57
CA HIS G 93 45.06 -7.57 3.38
C HIS G 93 43.77 -7.69 4.17
N PRO G 94 43.66 -7.02 5.32
CA PRO G 94 42.42 -7.10 6.09
C PRO G 94 41.19 -6.67 5.29
N PHE G 95 41.36 -5.80 4.30
CA PHE G 95 40.24 -5.25 3.55
C PHE G 95 40.23 -5.67 2.09
N ILE G 96 40.88 -6.80 1.77
CA ILE G 96 40.91 -7.34 0.42
C ILE G 96 40.54 -8.81 0.50
N VAL G 97 39.75 -9.28 -0.48
CA VAL G 97 39.36 -10.69 -0.52
C VAL G 97 40.60 -11.56 -0.63
N LYS G 98 40.58 -12.70 0.04
CA LYS G 98 41.68 -13.65 0.00
C LYS G 98 41.37 -14.77 -0.97
N LEU G 99 42.33 -15.09 -1.83
CA LEU G 99 42.22 -16.21 -2.76
C LEU G 99 42.74 -17.45 -2.06
N HIS G 100 41.88 -18.46 -1.91
CA HIS G 100 42.26 -19.67 -1.20
C HIS G 100 42.76 -20.78 -2.12
N TYR G 101 42.10 -21.00 -3.27
CA TYR G 101 42.49 -22.03 -4.21
C TYR G 101 42.38 -21.49 -5.63
N ALA G 102 43.20 -22.04 -6.53
CA ALA G 102 43.06 -21.79 -7.95
C ALA G 102 43.34 -23.08 -8.73
N PHE G 103 42.46 -23.42 -9.66
CA PHE G 103 42.65 -24.59 -10.49
C PHE G 103 41.94 -24.39 -11.83
N GLN G 104 42.32 -25.23 -12.80
CA GLN G 104 41.82 -25.15 -14.16
C GLN G 104 41.17 -26.48 -14.56
N THR G 105 40.04 -26.39 -15.27
CA THR G 105 39.36 -27.56 -15.80
C THR G 105 38.51 -27.13 -16.98
N GLU G 106 38.57 -27.89 -18.08
CA GLU G 106 37.75 -27.62 -19.26
C GLU G 106 38.03 -26.23 -19.85
N GLY G 107 39.31 -25.84 -19.86
CA GLY G 107 39.65 -24.53 -20.39
C GLY G 107 39.09 -23.39 -19.58
N LYS G 108 38.82 -23.63 -18.29
CA LYS G 108 38.24 -22.65 -17.40
C LYS G 108 39.08 -22.52 -16.14
N LEU G 109 39.19 -21.30 -15.61
CA LEU G 109 39.95 -21.03 -14.41
C LEU G 109 38.98 -20.86 -13.24
N TYR G 110 39.25 -21.55 -12.13
CA TYR G 110 38.38 -21.52 -10.96
C TYR G 110 39.12 -20.88 -9.80
N LEU G 111 38.57 -19.79 -9.29
CA LEU G 111 39.14 -19.03 -8.17
C LEU G 111 38.26 -19.25 -6.95
N ILE G 112 38.85 -19.81 -5.90
CA ILE G 112 38.15 -20.04 -4.64
C ILE G 112 38.52 -18.90 -3.71
N LEU G 113 37.54 -18.08 -3.37
CA LEU G 113 37.74 -16.81 -2.69
C LEU G 113 36.97 -16.76 -1.38
N ASP G 114 37.24 -15.72 -0.60
CA ASP G 114 36.46 -15.49 0.61
C ASP G 114 34.99 -15.28 0.24
N PHE G 115 34.10 -15.93 0.98
CA PHE G 115 32.68 -15.64 0.87
C PHE G 115 32.39 -14.44 1.78
N LEU G 116 32.15 -13.28 1.17
CA LEU G 116 31.92 -12.06 1.90
C LEU G 116 30.45 -12.00 2.29
N ARG G 117 30.18 -12.14 3.58
CA ARG G 117 28.86 -12.33 4.14
C ARG G 117 28.22 -11.04 4.65
N GLY G 118 28.93 -9.92 4.59
CA GLY G 118 28.36 -8.67 5.04
C GLY G 118 27.52 -7.95 4.01
N GLY G 119 27.54 -8.41 2.76
CA GLY G 119 26.87 -7.71 1.69
C GLY G 119 27.70 -6.55 1.20
N ASP G 120 27.14 -5.79 0.27
CA ASP G 120 27.84 -4.64 -0.25
C ASP G 120 27.59 -3.43 0.64
N LEU G 121 28.55 -2.50 0.64
CA LEU G 121 28.44 -1.30 1.46
C LEU G 121 27.32 -0.38 0.98
N PHE G 122 27.15 -0.25 -0.34
CA PHE G 122 26.20 0.72 -0.87
C PHE G 122 24.76 0.35 -0.52
N THR G 123 24.44 -0.94 -0.54
CA THR G 123 23.10 -1.35 -0.10
C THR G 123 22.92 -1.06 1.38
N ARG G 124 23.98 -1.27 2.17
CA ARG G 124 23.94 -0.95 3.60
C ARG G 124 23.68 0.53 3.81
N LEU G 125 24.32 1.38 3.01
CA LEU G 125 24.07 2.82 3.09
C LEU G 125 22.64 3.16 2.72
N SER G 126 22.09 2.53 1.67
CA SER G 126 20.71 2.78 1.29
C SER G 126 19.73 2.32 2.37
N LYS G 127 20.06 1.24 3.07
CA LYS G 127 19.21 0.80 4.17
C LYS G 127 19.11 1.86 5.24
N GLU G 128 20.23 2.49 5.56
CA GLU G 128 20.26 3.55 6.58
C GLU G 128 19.55 4.81 6.08
N VAL G 129 19.64 5.09 4.78
CA VAL G 129 19.02 6.26 4.13
C VAL G 129 19.73 7.54 4.55
N MET G 130 19.74 7.82 5.84
CA MET G 130 20.38 9.02 6.41
C MET G 130 21.55 8.60 7.29
N PHE G 131 22.74 9.13 7.00
CA PHE G 131 23.92 8.84 7.82
C PHE G 131 24.84 10.06 7.84
N THR G 132 25.89 9.97 8.67
CA THR G 132 26.84 11.07 8.85
C THR G 132 28.10 10.85 8.01
N GLU G 133 28.90 11.91 7.90
CA GLU G 133 30.19 11.81 7.22
C GLU G 133 31.13 10.88 7.97
N GLU G 134 31.07 10.89 9.31
CA GLU G 134 31.93 10.01 10.08
C GLU G 134 31.67 8.55 9.76
N ASP G 135 30.41 8.18 9.45
CA ASP G 135 30.13 6.81 9.04
C ASP G 135 30.81 6.49 7.71
N VAL G 136 30.62 7.35 6.70
CA VAL G 136 31.29 7.14 5.42
C VAL G 136 32.80 7.21 5.57
N LYS G 137 33.27 8.05 6.48
CA LYS G 137 34.71 8.22 6.67
C LYS G 137 35.39 6.90 7.01
N PHE G 138 34.76 6.10 7.87
CA PHE G 138 35.32 4.81 8.26
C PHE G 138 35.56 3.92 7.05
N TYR G 139 34.57 3.82 6.17
CA TYR G 139 34.68 2.93 5.03
C TYR G 139 35.69 3.44 4.03
N LEU G 140 35.75 4.76 3.83
CA LEU G 140 36.78 5.33 2.96
C LEU G 140 38.18 5.07 3.50
N ALA G 141 38.35 5.18 4.82
CA ALA G 141 39.67 4.97 5.40
C ALA G 141 40.14 3.53 5.20
N GLU G 142 39.26 2.56 5.45
CA GLU G 142 39.61 1.17 5.21
C GLU G 142 39.87 0.93 3.73
N LEU G 143 39.08 1.58 2.87
CA LEU G 143 39.30 1.47 1.43
C LEU G 143 40.66 2.03 1.04
N ALA G 144 41.09 3.12 1.69
CA ALA G 144 42.37 3.72 1.35
C ALA G 144 43.53 2.79 1.70
N LEU G 145 43.44 2.10 2.84
CA LEU G 145 44.49 1.14 3.21
C LEU G 145 44.57 0.00 2.22
N ALA G 146 43.41 -0.52 1.78
CA ALA G 146 43.42 -1.61 0.82
C ALA G 146 44.01 -1.17 -0.52
N LEU G 147 43.64 0.02 -0.99
CA LEU G 147 44.18 0.52 -2.25
C LEU G 147 45.68 0.75 -2.17
N ASP G 148 46.15 1.35 -1.07
CA ASP G 148 47.59 1.63 -0.96
C ASP G 148 48.40 0.35 -0.91
N HIS G 149 47.88 -0.69 -0.24
CA HIS G 149 48.59 -1.95 -0.17
C HIS G 149 48.83 -2.52 -1.57
N LEU G 150 47.83 -2.44 -2.44
CA LEU G 150 48.01 -2.86 -3.83
C LEU G 150 49.01 -1.96 -4.53
N HIS G 151 48.97 -0.65 -4.26
CA HIS G 151 49.92 0.28 -4.85
C HIS G 151 51.35 -0.03 -4.41
N SER G 152 51.54 -0.44 -3.14
CA SER G 152 52.87 -0.73 -2.65
C SER G 152 53.51 -1.90 -3.41
N LEU G 153 52.69 -2.82 -3.89
CA LEU G 153 53.14 -3.98 -4.65
C LEU G 153 53.22 -3.73 -6.14
N GLY G 154 52.96 -2.50 -6.59
CA GLY G 154 53.00 -2.21 -8.01
C GLY G 154 51.73 -2.53 -8.75
N ILE G 155 50.65 -2.79 -8.04
CA ILE G 155 49.38 -3.17 -8.61
C ILE G 155 48.45 -1.96 -8.63
N ILE G 156 47.71 -1.81 -9.72
CA ILE G 156 46.72 -0.76 -9.87
C ILE G 156 45.35 -1.44 -9.85
N TYR G 157 44.42 -0.90 -9.08
CA TYR G 157 43.10 -1.51 -9.01
C TYR G 157 42.37 -1.40 -10.36
N ARG G 158 42.64 -0.32 -11.09
CA ARG G 158 42.19 -0.09 -12.46
C ARG G 158 40.71 0.26 -12.53
N ASP G 159 39.80 -0.64 -12.14
CA ASP G 159 38.37 -0.37 -12.26
C ASP G 159 37.67 -0.54 -10.91
N LEU G 160 37.85 0.44 -10.03
CA LEU G 160 37.20 0.44 -8.73
C LEU G 160 35.78 0.97 -8.89
N LYS G 161 34.80 0.21 -8.40
CA LYS G 161 33.41 0.56 -8.53
C LYS G 161 32.67 0.06 -7.29
N PRO G 162 31.47 0.57 -7.03
CA PRO G 162 30.76 0.15 -5.80
C PRO G 162 30.51 -1.34 -5.75
N GLU G 163 30.39 -1.99 -6.91
CA GLU G 163 30.12 -3.41 -6.97
C GLU G 163 31.23 -4.23 -6.34
N ASN G 164 32.46 -3.71 -6.34
CA ASN G 164 33.62 -4.39 -5.79
C ASN G 164 33.78 -4.16 -4.30
N ILE G 165 33.02 -3.24 -3.71
CA ILE G 165 33.19 -2.84 -2.31
C ILE G 165 32.15 -3.60 -1.50
N LEU G 166 32.58 -4.67 -0.85
CA LEU G 166 31.71 -5.48 -0.05
C LEU G 166 32.11 -5.37 1.41
N LEU G 167 31.28 -5.93 2.28
CA LEU G 167 31.53 -5.94 3.72
C LEU G 167 31.74 -7.37 4.16
N ASP G 168 32.46 -7.54 5.27
CA ASP G 168 32.64 -8.87 5.82
C ASP G 168 31.63 -9.11 6.92
N GLU G 169 31.76 -10.23 7.63
CA GLU G 169 30.79 -10.58 8.66
C GLU G 169 30.74 -9.52 9.75
N GLU G 170 31.87 -8.91 10.09
CA GLU G 170 31.91 -7.86 11.09
C GLU G 170 31.53 -6.49 10.55
N GLY G 171 31.45 -6.32 9.24
CA GLY G 171 31.12 -5.03 8.67
C GLY G 171 32.28 -4.24 8.15
N HIS G 172 33.47 -4.83 8.05
CA HIS G 172 34.65 -4.16 7.54
C HIS G 172 34.67 -4.22 6.01
N ILE G 173 35.40 -3.29 5.41
CA ILE G 173 35.51 -3.24 3.96
C ILE G 173 36.20 -4.51 3.47
N LYS G 174 35.71 -5.05 2.36
CA LYS G 174 36.36 -6.17 1.68
C LYS G 174 36.19 -5.99 0.18
N LEU G 175 37.29 -5.72 -0.52
CA LEU G 175 37.26 -5.61 -1.97
C LEU G 175 37.15 -6.98 -2.61
N THR G 176 36.29 -7.10 -3.62
CA THR G 176 36.07 -8.37 -4.28
C THR G 176 37.21 -8.76 -5.22
N ASP G 177 38.13 -7.84 -5.50
CA ASP G 177 39.22 -8.13 -6.43
C ASP G 177 40.46 -7.37 -5.96
N PHE G 178 41.60 -7.70 -6.55
CA PHE G 178 42.87 -7.07 -6.18
C PHE G 178 43.70 -6.76 -7.43
N GLY G 179 43.05 -6.19 -8.44
CA GLY G 179 43.75 -5.77 -9.63
C GLY G 179 43.91 -6.85 -10.68
N LEU G 180 43.15 -7.93 -10.59
CA LEU G 180 43.28 -9.01 -11.56
C LEU G 180 42.85 -8.53 -12.95
N SER G 181 43.62 -8.89 -13.95
CA SER G 181 43.25 -8.71 -15.35
C SER G 181 42.63 -10.04 -15.79
N LYS G 182 41.32 -10.02 -16.02
CA LYS G 182 40.56 -11.24 -16.23
C LYS G 182 40.06 -11.34 -17.65
N GLU G 183 39.86 -12.57 -18.09
CA GLU G 183 39.26 -12.84 -19.39
C GLU G 183 38.06 -13.73 -19.16
N SER G 184 36.88 -13.30 -19.58
CA SER G 184 35.69 -14.06 -19.28
C SER G 184 35.66 -15.33 -20.13
N ILE G 185 34.90 -16.32 -19.65
CA ILE G 185 34.69 -17.53 -20.44
C ILE G 185 33.72 -17.23 -21.58
N ASP G 186 33.68 -18.16 -22.54
CA ASP G 186 32.93 -17.90 -23.77
C ASP G 186 31.44 -17.74 -23.50
N HIS G 187 30.90 -18.52 -22.56
CA HIS G 187 29.48 -18.40 -22.23
C HIS G 187 29.17 -17.06 -21.58
N GLU G 188 30.08 -16.55 -20.75
CA GLU G 188 29.93 -15.28 -20.05
C GLU G 188 30.55 -14.09 -20.77
N LYS G 189 31.26 -14.32 -21.87
CA LYS G 189 31.94 -13.24 -22.56
C LYS G 189 30.94 -12.24 -23.11
N LYS G 190 31.24 -10.95 -22.95
CA LYS G 190 30.40 -9.88 -23.44
C LYS G 190 30.85 -9.45 -24.82
N ALA G 191 29.89 -9.05 -25.65
CA ALA G 191 30.17 -8.70 -27.04
C ALA G 191 30.99 -7.41 -27.16
N TYR G 192 30.68 -6.41 -26.35
CA TYR G 192 31.27 -5.09 -26.44
C TYR G 192 32.31 -4.81 -25.35
N SER G 193 33.40 -4.16 -25.77
CA SER G 193 34.48 -3.84 -24.85
C SER G 193 34.01 -2.84 -23.81
N PHE G 194 33.33 -1.78 -24.24
CA PHE G 194 32.78 -0.74 -23.37
C PHE G 194 33.85 -0.15 -22.45
N THR G 197 31.46 1.07 -17.51
CA THR G 197 31.11 2.10 -16.53
C THR G 197 32.23 3.13 -16.39
N VAL G 198 31.98 4.32 -16.97
CA VAL G 198 32.97 5.39 -17.04
C VAL G 198 32.99 6.30 -15.82
N GLU G 199 31.95 6.25 -14.98
CA GLU G 199 31.74 7.26 -13.94
C GLU G 199 32.91 7.37 -12.95
N TYR G 200 33.57 6.26 -12.66
CA TYR G 200 34.64 6.24 -11.68
C TYR G 200 36.02 6.33 -12.31
N MET G 201 36.07 6.53 -13.62
CA MET G 201 37.33 6.59 -14.36
C MET G 201 37.99 7.96 -14.24
N ALA G 202 39.31 7.97 -14.20
CA ALA G 202 40.09 9.20 -14.15
C ALA G 202 40.16 9.84 -15.53
N PRO G 203 40.44 11.14 -15.60
CA PRO G 203 40.52 11.80 -16.92
C PRO G 203 41.55 11.17 -17.84
N GLU G 204 42.71 10.78 -17.31
CA GLU G 204 43.72 10.13 -18.15
C GLU G 204 43.21 8.79 -18.68
N VAL G 205 42.43 8.07 -17.86
CA VAL G 205 41.88 6.79 -18.29
C VAL G 205 40.92 6.97 -19.45
N VAL G 206 40.04 7.97 -19.37
CA VAL G 206 39.12 8.23 -20.48
C VAL G 206 39.89 8.74 -21.68
N ASN G 207 40.97 9.48 -21.46
CA ASN G 207 41.82 9.91 -22.57
C ASN G 207 42.68 8.75 -23.08
N ARG G 208 42.63 7.61 -22.41
CA ARG G 208 43.44 6.44 -22.72
C ARG G 208 44.93 6.75 -22.65
N ARG G 209 45.33 7.64 -21.73
CA ARG G 209 46.74 7.92 -21.51
C ARG G 209 47.41 6.91 -20.60
N GLY G 210 46.72 5.84 -20.22
CA GLY G 210 47.36 4.91 -19.32
C GLY G 210 46.76 4.99 -17.92
N HIS G 211 46.93 3.89 -17.18
CA HIS G 211 46.43 3.76 -15.83
C HIS G 211 47.58 3.93 -14.84
N THR G 212 47.52 4.99 -14.04
CA THR G 212 48.51 5.24 -13.00
C THR G 212 47.87 4.99 -11.64
N GLN G 213 48.70 4.83 -10.61
CA GLN G 213 48.15 4.57 -9.28
C GLN G 213 47.38 5.77 -8.76
N SER G 214 47.62 6.95 -9.32
CA SER G 214 46.83 8.14 -8.98
C SER G 214 45.42 8.07 -9.56
N ALA G 215 45.20 7.24 -10.59
CA ALA G 215 43.86 7.08 -11.13
C ALA G 215 42.93 6.42 -10.13
N ASP G 216 43.45 5.48 -9.33
CA ASP G 216 42.64 4.87 -8.29
C ASP G 216 42.15 5.90 -7.28
N TRP G 217 42.99 6.89 -6.97
CA TRP G 217 42.57 7.92 -6.03
C TRP G 217 41.50 8.82 -6.63
N TRP G 218 41.48 8.97 -7.96
CA TRP G 218 40.35 9.62 -8.60
C TRP G 218 39.08 8.81 -8.41
N SER G 219 39.14 7.50 -8.69
CA SER G 219 38.00 6.63 -8.42
C SER G 219 37.61 6.68 -6.96
N PHE G 220 38.61 6.71 -6.07
CA PHE G 220 38.37 6.89 -4.64
C PHE G 220 37.59 8.16 -4.38
N GLY G 221 37.92 9.25 -5.08
CA GLY G 221 37.25 10.52 -4.84
C GLY G 221 35.79 10.53 -5.27
N VAL G 222 35.49 9.97 -6.44
CA VAL G 222 34.11 9.94 -6.90
C VAL G 222 33.28 9.04 -5.98
N LEU G 223 33.86 7.93 -5.51
CA LEU G 223 33.16 7.09 -4.53
C LEU G 223 32.88 7.87 -3.26
N MET G 224 33.88 8.60 -2.75
CA MET G 224 33.66 9.47 -1.61
C MET G 224 32.56 10.48 -1.91
N PHE G 225 32.60 11.09 -3.09
CA PHE G 225 31.56 12.01 -3.49
C PHE G 225 30.20 11.32 -3.55
N GLU G 226 30.14 10.15 -4.20
CA GLU G 226 28.86 9.47 -4.34
C GLU G 226 28.31 9.02 -3.00
N MET G 227 29.19 8.54 -2.11
CA MET G 227 28.71 8.10 -0.79
C MET G 227 28.19 9.27 0.03
N LEU G 228 28.84 10.43 -0.05
CA LEU G 228 28.43 11.56 0.77
C LEU G 228 27.24 12.30 0.19
N THR G 229 27.11 12.34 -1.13
CA THR G 229 26.02 13.07 -1.78
C THR G 229 24.89 12.17 -2.26
N GLY G 230 25.18 10.90 -2.53
CA GLY G 230 24.21 10.03 -3.16
C GLY G 230 24.13 10.17 -4.67
N THR G 231 24.96 11.02 -5.26
CA THR G 231 24.95 11.25 -6.69
C THR G 231 26.37 11.20 -7.24
N LEU G 232 26.48 10.90 -8.53
CA LEU G 232 27.80 10.88 -9.13
C LEU G 232 28.19 12.26 -9.61
N PRO G 233 29.47 12.61 -9.53
CA PRO G 233 29.89 13.96 -9.93
C PRO G 233 29.67 14.24 -11.41
N PHE G 234 29.91 13.24 -12.26
CA PHE G 234 29.75 13.39 -13.71
C PHE G 234 28.64 12.47 -14.19
N GLN G 235 27.50 13.06 -14.56
CA GLN G 235 26.35 12.32 -15.05
C GLN G 235 25.91 12.91 -16.39
N GLY G 236 25.80 12.06 -17.40
CA GLY G 236 25.40 12.49 -18.72
C GLY G 236 24.22 11.66 -19.22
N LYS G 237 23.70 12.05 -20.38
CA LYS G 237 22.56 11.34 -20.94
C LYS G 237 22.98 9.98 -21.46
N ASP G 238 24.15 9.87 -22.09
CA ASP G 238 24.65 8.59 -22.55
C ASP G 238 26.08 8.43 -22.05
N ARG G 239 26.68 7.28 -22.33
CA ARG G 239 28.06 7.04 -21.92
C ARG G 239 29.02 8.06 -22.54
N LYS G 240 28.87 8.35 -23.83
CA LYS G 240 29.81 9.24 -24.51
C LYS G 240 29.79 10.64 -23.90
N GLU G 241 28.60 11.16 -23.60
CA GLU G 241 28.50 12.50 -23.01
C GLU G 241 29.18 12.56 -21.65
N THR G 242 28.97 11.54 -20.81
CA THR G 242 29.60 11.54 -19.48
C THR G 242 31.12 11.57 -19.61
N MET G 243 31.67 10.87 -20.59
CA MET G 243 33.12 10.86 -20.77
C MET G 243 33.65 12.27 -21.00
N THR G 244 32.94 13.06 -21.82
CA THR G 244 33.34 14.45 -22.03
C THR G 244 33.24 15.27 -20.75
N MET G 245 32.21 14.99 -19.95
CA MET G 245 32.02 15.73 -18.70
C MET G 245 33.16 15.51 -17.73
N ILE G 246 33.66 14.27 -17.62
CA ILE G 246 34.82 13.99 -16.78
C ILE G 246 35.96 14.90 -17.18
N LEU G 247 36.16 15.08 -18.49
CA LEU G 247 37.27 15.87 -19.00
C LEU G 247 37.04 17.37 -18.84
N LYS G 248 35.81 17.85 -19.02
CA LYS G 248 35.63 19.28 -19.14
C LYS G 248 34.65 19.93 -18.18
N ALA G 249 34.07 19.21 -17.23
CA ALA G 249 33.01 19.83 -16.46
C ALA G 249 33.59 20.53 -15.24
N LYS G 250 33.07 21.73 -14.97
CA LYS G 250 33.38 22.48 -13.77
C LYS G 250 32.14 22.43 -12.89
N LEU G 251 32.32 21.97 -11.66
CA LEU G 251 31.19 21.64 -10.80
C LEU G 251 31.15 22.57 -9.61
N GLY G 252 29.95 22.77 -9.08
CA GLY G 252 29.76 23.56 -7.89
C GLY G 252 29.75 22.64 -6.69
N MET G 253 30.58 22.98 -5.71
CA MET G 253 30.74 22.15 -4.52
C MET G 253 29.39 22.04 -3.80
N PRO G 254 28.93 20.84 -3.46
CA PRO G 254 27.73 20.73 -2.63
C PRO G 254 27.97 21.39 -1.27
N GLN G 255 27.01 22.20 -0.83
CA GLN G 255 27.22 23.03 0.35
C GLN G 255 26.93 22.30 1.66
N PHE G 256 26.27 21.13 1.61
CA PHE G 256 26.06 20.34 2.81
C PHE G 256 27.29 19.55 3.22
N LEU G 257 28.32 19.50 2.40
CA LEU G 257 29.56 18.82 2.75
C LEU G 257 30.37 19.67 3.72
N SER G 258 31.08 18.99 4.62
CA SER G 258 31.91 19.68 5.59
C SER G 258 33.14 20.29 4.91
N PRO G 259 33.73 21.32 5.52
CA PRO G 259 34.93 21.92 4.90
C PRO G 259 36.05 20.91 4.69
N GLU G 260 36.23 20.00 5.65
CA GLU G 260 37.21 18.92 5.48
C GLU G 260 36.86 18.02 4.31
N ALA G 261 35.58 17.69 4.16
CA ALA G 261 35.16 16.87 3.03
C ALA G 261 35.38 17.59 1.71
N GLN G 262 35.01 18.88 1.66
CA GLN G 262 35.27 19.67 0.45
C GLN G 262 36.75 19.77 0.17
N SER G 263 37.57 19.98 1.21
CA SER G 263 39.01 20.10 1.01
C SER G 263 39.59 18.83 0.41
N LEU G 264 39.19 17.67 0.95
CA LEU G 264 39.69 16.41 0.41
C LEU G 264 39.23 16.19 -1.02
N LEU G 265 37.96 16.49 -1.32
CA LEU G 265 37.46 16.33 -2.67
C LEU G 265 38.21 17.21 -3.66
N ARG G 266 38.47 18.48 -3.28
CA ARG G 266 39.17 19.38 -4.19
C ARG G 266 40.58 18.89 -4.48
N MET G 267 41.28 18.40 -3.45
CA MET G 267 42.63 17.91 -3.66
C MET G 267 42.65 16.62 -4.47
N LEU G 268 41.63 15.78 -4.34
CA LEU G 268 41.61 14.57 -5.16
C LEU G 268 41.14 14.86 -6.58
N PHE G 269 40.19 15.78 -6.73
CA PHE G 269 39.61 16.04 -8.05
C PHE G 269 40.49 17.03 -8.79
N LYS G 270 41.65 16.51 -9.18
CA LYS G 270 42.57 17.28 -10.02
C LYS G 270 42.73 16.45 -11.28
N ARG G 271 42.49 17.03 -12.45
CA ARG G 271 42.48 16.29 -13.71
C ARG G 271 43.89 15.87 -14.10
N ASN G 272 44.89 16.58 -13.59
CA ASN G 272 46.30 16.25 -13.87
C ASN G 272 46.80 15.25 -12.84
N PRO G 273 47.15 14.01 -13.20
CA PRO G 273 47.53 13.01 -12.19
C PRO G 273 48.62 13.48 -11.23
N ALA G 274 49.59 14.26 -11.71
CA ALA G 274 50.72 14.64 -10.87
C ALA G 274 50.30 15.53 -9.71
N ASN G 275 49.33 16.41 -9.91
CA ASN G 275 48.83 17.28 -8.85
C ASN G 275 47.86 16.59 -7.91
N ARG G 276 47.43 15.38 -8.24
CA ARG G 276 46.37 14.72 -7.49
C ARG G 276 46.92 14.24 -6.15
N LEU G 277 46.07 14.29 -5.12
CA LEU G 277 46.51 13.88 -3.79
C LEU G 277 46.83 12.39 -3.79
N GLY G 278 47.90 12.02 -3.10
CA GLY G 278 48.42 10.67 -3.16
C GLY G 278 49.47 10.45 -4.22
N ALA G 279 49.64 11.41 -5.14
CA ALA G 279 50.67 11.36 -6.17
C ALA G 279 51.91 12.15 -5.78
N GLY G 280 51.93 12.78 -4.61
CA GLY G 280 53.08 13.53 -4.17
C GLY G 280 54.16 12.62 -3.62
N PRO G 281 55.24 13.24 -3.13
CA PRO G 281 56.36 12.44 -2.61
C PRO G 281 55.96 11.54 -1.45
N ASP G 282 55.12 12.02 -0.54
CA ASP G 282 54.68 11.21 0.59
C ASP G 282 53.69 10.11 0.20
N GLY G 283 53.02 10.24 -0.95
CA GLY G 283 52.17 9.15 -1.39
C GLY G 283 50.90 9.08 -0.58
N VAL G 284 50.63 7.88 -0.03
CA VAL G 284 49.37 7.66 0.70
C VAL G 284 49.31 8.51 1.97
N GLU G 285 50.47 8.90 2.50
CA GLU G 285 50.47 9.72 3.70
C GLU G 285 49.86 11.10 3.44
N GLU G 286 49.85 11.54 2.19
CA GLU G 286 49.11 12.74 1.80
C GLU G 286 47.64 12.63 2.20
N ILE G 287 47.02 11.48 1.95
CA ILE G 287 45.60 11.27 2.25
C ILE G 287 45.39 11.04 3.73
N LYS G 288 46.25 10.24 4.37
CA LYS G 288 46.14 10.03 5.81
C LYS G 288 46.31 11.35 6.57
N ARG G 289 47.17 12.24 6.06
CA ARG G 289 47.44 13.51 6.74
C ARG G 289 46.27 14.48 6.65
N HIS G 290 45.28 14.21 5.81
CA HIS G 290 44.22 15.18 5.58
C HIS G 290 43.37 15.37 6.83
N SER G 291 42.83 16.60 6.96
CA SER G 291 41.99 16.94 8.10
C SER G 291 40.72 16.11 8.12
N PHE G 292 40.27 15.64 6.96
CA PHE G 292 39.08 14.79 6.90
C PHE G 292 39.28 13.55 7.74
N PHE G 293 40.43 12.89 7.61
CA PHE G 293 40.74 11.68 8.36
C PHE G 293 41.43 11.98 9.69
N SER G 294 41.25 13.18 10.25
CA SER G 294 41.93 13.51 11.50
C SER G 294 41.48 12.63 12.65
N THR G 295 40.22 12.18 12.62
CA THR G 295 39.64 11.39 13.70
C THR G 295 39.95 9.90 13.58
N ILE G 296 40.73 9.49 12.57
CA ILE G 296 40.98 8.09 12.30
C ILE G 296 42.34 7.72 12.89
N ASP G 297 42.35 6.68 13.72
CA ASP G 297 43.60 6.06 14.16
C ASP G 297 43.90 4.98 13.13
N TRP G 298 44.84 5.28 12.22
CA TRP G 298 45.09 4.39 11.09
C TRP G 298 45.71 3.08 11.52
N ASN G 299 46.48 3.10 12.62
CA ASN G 299 47.09 1.86 13.09
C ASN G 299 46.06 0.95 13.73
N LYS G 300 45.15 1.53 14.54
CA LYS G 300 44.04 0.75 15.09
C LYS G 300 43.12 0.26 13.98
N LEU G 301 42.89 1.09 12.96
CA LEU G 301 42.04 0.70 11.84
C LEU G 301 42.61 -0.51 11.12
N TYR G 302 43.91 -0.51 10.85
CA TYR G 302 44.53 -1.65 10.17
C TYR G 302 44.42 -2.91 11.01
N ARG G 303 44.48 -2.77 12.34
CA ARG G 303 44.34 -3.92 13.22
C ARG G 303 42.88 -4.32 13.42
N ARG G 304 41.94 -3.66 12.74
CA ARG G 304 40.51 -3.95 12.86
C ARG G 304 40.02 -3.83 14.30
N GLU G 305 40.61 -2.90 15.04
CA GLU G 305 40.21 -2.60 16.40
C GLU G 305 39.27 -1.42 16.50
N ILE G 306 38.85 -0.87 15.36
CA ILE G 306 37.87 0.22 15.31
C ILE G 306 36.58 -0.39 14.77
N HIS G 307 35.50 -0.30 15.56
CA HIS G 307 34.25 -0.92 15.15
C HIS G 307 33.60 -0.17 13.98
N PRO G 308 33.02 -0.89 13.02
CA PRO G 308 32.35 -0.22 11.90
C PRO G 308 31.10 0.50 12.38
N PRO G 309 30.68 1.55 11.68
CA PRO G 309 29.47 2.27 12.08
C PRO G 309 28.22 1.39 12.08
N PHE G 310 28.12 0.47 11.13
CA PHE G 310 26.95 -0.37 10.99
C PHE G 310 27.38 -1.84 11.02
N LYS G 311 26.69 -2.64 11.85
CA LYS G 311 26.99 -4.07 11.81
C LYS G 311 26.04 -4.74 10.82
N PRO G 312 26.55 -5.59 9.94
CA PRO G 312 25.69 -6.16 8.88
C PRO G 312 24.64 -7.11 9.42
N ALA G 313 23.45 -7.02 8.82
CA ALA G 313 22.36 -7.96 9.07
C ALA G 313 22.26 -8.99 7.97
N THR G 314 22.54 -8.57 6.73
CA THR G 314 22.60 -9.44 5.57
C THR G 314 24.05 -9.77 5.21
N ALA H 10 29.05 20.62 15.25
CA ALA H 10 27.87 19.77 15.08
C ALA H 10 27.68 19.41 13.61
N PRO H 11 27.20 18.19 13.36
CA PRO H 11 27.04 17.74 11.97
C PRO H 11 26.02 18.57 11.21
N ARG H 12 26.36 18.90 9.97
CA ARG H 12 25.46 19.64 9.10
C ARG H 12 24.31 18.74 8.63
N ARG H 13 23.22 19.38 8.21
CA ARG H 13 22.09 18.64 7.65
C ARG H 13 22.50 18.01 6.33
N ARG H 14 22.36 16.68 6.24
CA ARG H 14 22.76 15.88 5.10
C ARG H 14 21.56 15.34 4.32
N PRO H 15 21.71 15.06 3.02
CA PRO H 15 20.58 14.57 2.21
C PRO H 15 20.35 13.09 2.38
N PRO H 16 19.13 12.60 2.17
CA PRO H 16 18.91 11.15 2.11
C PRO H 16 19.42 10.58 0.80
N VAL H 17 20.15 9.47 0.89
CA VAL H 17 20.77 8.85 -0.27
C VAL H 17 20.24 7.42 -0.41
N LYS H 18 19.84 7.09 -1.62
CA LYS H 18 19.39 5.74 -2.00
C LYS H 18 20.22 5.31 -3.19
N PHE H 19 20.70 4.06 -3.16
CA PHE H 19 21.49 3.49 -4.23
C PHE H 19 20.77 2.26 -4.77
N ILE H 20 21.14 1.87 -5.98
CA ILE H 20 20.61 0.66 -6.63
C ILE H 20 21.76 -0.32 -6.77
N PHE H 21 21.67 -1.45 -6.08
CA PHE H 21 22.71 -2.45 -6.26
C PHE H 21 22.40 -3.26 -7.52
N PRO H 22 23.35 -4.10 -7.97
CA PRO H 22 23.62 -4.16 -9.39
C PRO H 22 23.33 -2.83 -10.05
N PRO H 23 24.22 -1.85 -9.86
CA PRO H 23 23.98 -0.51 -10.38
C PRO H 23 23.72 -0.56 -11.86
N PRO H 24 22.67 0.12 -12.32
CA PRO H 24 22.35 0.09 -13.74
C PRO H 24 23.41 0.83 -14.53
N PRO H 25 23.69 0.42 -15.76
CA PRO H 25 24.65 1.15 -16.57
C PRO H 25 24.13 2.56 -16.81
N LEU H 26 25.05 3.52 -16.81
CA LEU H 26 24.65 4.91 -17.02
C LEU H 26 24.01 5.09 -18.40
N SER H 27 24.43 4.29 -19.38
CA SER H 27 23.85 4.36 -20.72
C SER H 27 22.36 4.09 -20.68
N SER H 28 21.93 3.06 -19.94
CA SER H 28 20.52 2.77 -19.77
C SER H 28 19.91 3.70 -18.70
N LEU H 29 18.57 3.67 -18.60
CA LEU H 29 17.79 4.48 -17.67
C LEU H 29 18.11 5.95 -17.86
N PRO H 30 18.03 6.54 -19.09
CA PRO H 30 18.50 7.91 -19.28
C PRO H 30 17.68 8.99 -18.58
N GLY H 31 16.35 8.94 -18.70
CA GLY H 31 15.51 10.01 -18.23
C GLY H 31 14.75 9.81 -16.94
N PHE H 32 15.01 8.74 -16.19
CA PHE H 32 14.20 8.42 -15.03
C PHE H 32 14.40 9.39 -13.86
N GLY H 33 13.28 9.74 -13.23
CA GLY H 33 13.30 10.70 -12.13
C GLY H 33 13.80 10.14 -10.81
N ARG H 34 14.48 11.00 -10.06
CA ARG H 34 14.88 10.72 -8.67
C ARG H 34 14.24 11.80 -7.81
N PRO H 35 13.04 11.56 -7.26
CA PRO H 35 12.37 12.63 -6.52
C PRO H 35 12.95 12.94 -5.15
N ARG H 36 13.38 11.93 -4.40
CA ARG H 36 13.67 12.16 -2.99
C ARG H 36 15.08 12.69 -2.77
N GLY H 37 16.04 12.24 -3.55
CA GLY H 37 17.41 12.63 -3.32
C GLY H 37 17.80 13.98 -3.87
N TYR H 38 19.06 14.30 -3.60
CA TYR H 38 19.72 15.50 -4.08
C TYR H 38 19.98 15.36 -5.57
N ALA H 39 19.65 16.40 -6.33
CA ALA H 39 19.68 16.27 -7.78
C ALA H 39 21.09 15.98 -8.29
N GLY H 40 22.09 16.68 -7.76
CA GLY H 40 23.46 16.49 -8.19
C GLY H 40 24.21 17.79 -8.23
N PRO H 41 25.52 17.72 -8.53
CA PRO H 41 26.31 18.95 -8.62
C PRO H 41 25.92 19.76 -9.85
N THR H 42 25.90 21.08 -9.68
CA THR H 42 25.58 21.98 -10.79
C THR H 42 26.80 22.18 -11.67
N VAL H 43 26.61 22.05 -12.99
CA VAL H 43 27.69 22.19 -13.96
C VAL H 43 27.86 23.67 -14.28
N ILE H 44 28.97 24.26 -13.83
CA ILE H 44 29.18 25.68 -14.06
C ILE H 44 29.47 25.95 -15.53
N ASP H 45 30.34 25.14 -16.14
CA ASP H 45 30.69 25.29 -17.54
C ASP H 45 31.49 24.07 -17.97
N MET H 46 31.82 24.01 -19.25
CA MET H 46 32.70 22.97 -19.79
C MET H 46 34.10 23.52 -20.02
N SER H 47 34.60 24.24 -19.02
CA SER H 47 35.89 24.92 -19.11
C SER H 47 37.08 23.98 -19.09
N ALA H 48 36.88 22.72 -18.70
CA ALA H 48 37.96 21.76 -18.52
C ALA H 48 39.07 22.25 -17.59
N PRO H 49 38.73 22.79 -16.42
CA PRO H 49 39.78 23.25 -15.51
C PRO H 49 40.44 22.07 -14.81
N ASP H 50 41.69 22.27 -14.41
CA ASP H 50 42.41 21.22 -13.68
C ASP H 50 41.68 20.87 -12.38
N ASP H 51 41.23 21.87 -11.65
CA ASP H 51 40.44 21.67 -10.45
C ASP H 51 38.99 21.48 -10.88
N VAL H 52 38.47 20.27 -10.69
CA VAL H 52 37.12 19.98 -11.16
C VAL H 52 36.11 20.89 -10.46
N PHE H 53 36.32 21.17 -9.19
CA PHE H 53 35.37 21.96 -8.41
C PHE H 53 35.76 23.43 -8.41
N ALA H 54 34.77 24.28 -8.63
CA ALA H 54 34.97 25.71 -8.63
C ALA H 54 35.02 26.24 -7.20
N GLU H 55 35.91 27.20 -6.97
CA GLU H 55 36.04 27.82 -5.68
C GLU H 55 34.84 28.73 -5.38
N ASP H 56 34.71 29.10 -4.11
CA ASP H 56 33.60 29.92 -3.66
C ASP H 56 33.67 31.32 -4.25
N THR H 57 32.51 31.87 -4.60
CA THR H 57 32.41 33.21 -5.17
C THR H 57 32.96 34.25 -4.21
N SER I 12 -44.62 4.04 19.49
CA SER I 12 -44.86 2.89 18.62
C SER I 12 -44.65 3.32 17.17
N ILE I 13 -43.38 3.44 16.77
CA ILE I 13 -43.05 3.93 15.44
C ILE I 13 -43.37 2.85 14.41
N LYS I 14 -44.06 3.24 13.35
CA LYS I 14 -44.38 2.32 12.27
C LYS I 14 -43.87 2.95 10.98
N GLU I 15 -43.01 2.23 10.25
CA GLU I 15 -42.41 2.72 9.02
C GLU I 15 -43.18 2.17 7.81
N ILE I 16 -43.71 3.08 6.99
CA ILE I 16 -44.60 2.74 5.87
C ILE I 16 -43.90 3.06 4.55
N ALA I 17 -43.63 2.04 3.74
CA ALA I 17 -43.00 2.16 2.42
C ALA I 17 -44.01 2.48 1.30
N ILE I 18 -43.63 3.40 0.41
CA ILE I 18 -44.41 3.77 -0.78
C ILE I 18 -43.79 3.16 -2.04
N THR I 19 -44.50 2.22 -2.67
CA THR I 19 -44.09 1.65 -3.93
C THR I 19 -45.03 2.00 -5.07
N HIS I 20 -46.33 2.09 -4.79
CA HIS I 20 -47.33 2.31 -5.83
C HIS I 20 -48.52 3.05 -5.25
N HIS I 21 -49.14 3.88 -6.09
CA HIS I 21 -50.36 4.61 -5.75
C HIS I 21 -51.05 5.00 -7.04
N VAL I 22 -52.38 4.92 -7.04
CA VAL I 22 -53.20 5.33 -8.17
C VAL I 22 -54.36 6.15 -7.62
N LYS I 23 -54.61 7.28 -8.25
CA LYS I 23 -55.61 8.25 -7.82
C LYS I 23 -57.02 7.73 -8.08
N GLU I 24 -57.96 8.32 -7.35
CA GLU I 24 -59.36 7.91 -7.40
C GLU I 24 -59.88 8.00 -8.81
N GLY I 25 -60.48 6.92 -9.30
CA GLY I 25 -61.14 7.08 -10.57
C GLY I 25 -60.25 7.11 -11.81
N HIS I 26 -58.97 6.76 -11.68
CA HIS I 26 -58.11 6.80 -12.86
C HIS I 26 -57.40 5.47 -13.04
N GLU I 27 -56.73 5.34 -14.17
CA GLU I 27 -55.95 4.14 -14.49
C GLU I 27 -54.55 4.26 -13.94
N LYS I 28 -53.99 3.11 -13.57
CA LYS I 28 -52.63 3.09 -13.06
C LYS I 28 -51.71 3.59 -14.14
N ALA I 29 -50.77 4.45 -13.76
CA ALA I 29 -49.95 5.13 -14.75
C ALA I 29 -48.53 4.58 -14.75
N ASP I 30 -47.83 4.88 -15.84
CA ASP I 30 -46.45 4.47 -16.05
C ASP I 30 -45.79 5.62 -16.80
N PRO I 31 -44.46 5.64 -16.92
CA PRO I 31 -43.80 6.82 -17.50
C PRO I 31 -44.22 7.14 -18.93
N SER I 32 -44.66 6.15 -19.71
CA SER I 32 -45.00 6.40 -21.11
C SER I 32 -46.16 7.39 -21.24
N GLN I 33 -47.03 7.49 -20.23
CA GLN I 33 -48.20 8.36 -20.32
C GLN I 33 -47.89 9.82 -20.04
N PHE I 34 -46.67 10.13 -19.61
CA PHE I 34 -46.33 11.48 -19.19
C PHE I 34 -45.35 12.08 -20.19
N GLU I 35 -45.43 13.39 -20.37
CA GLU I 35 -44.51 14.10 -21.24
C GLU I 35 -43.73 15.10 -20.40
N LEU I 36 -42.41 15.04 -20.51
CA LEU I 36 -41.54 15.92 -19.76
C LEU I 36 -41.56 17.32 -20.37
N LEU I 37 -41.69 18.34 -19.54
CA LEU I 37 -41.80 19.70 -20.06
C LEU I 37 -40.64 20.60 -19.63
N LYS I 38 -40.36 20.69 -18.34
CA LYS I 38 -39.25 21.52 -17.86
C LYS I 38 -38.91 21.09 -16.44
N VAL I 39 -37.84 21.68 -15.91
CA VAL I 39 -37.41 21.44 -14.53
C VAL I 39 -38.00 22.52 -13.63
N LEU I 40 -38.82 22.10 -12.67
CA LEU I 40 -39.48 23.04 -11.77
C LEU I 40 -38.51 23.60 -10.73
N GLY I 41 -37.67 22.75 -10.15
CA GLY I 41 -36.76 23.22 -9.13
C GLY I 41 -35.74 22.15 -8.78
N GLN I 42 -34.83 22.53 -7.88
CA GLN I 42 -33.76 21.65 -7.42
C GLN I 42 -33.90 21.39 -5.94
N GLY I 43 -34.04 20.12 -5.57
CA GLY I 43 -34.03 19.70 -4.18
C GLY I 43 -32.76 18.93 -3.87
N SER I 44 -32.61 18.60 -2.58
CA SER I 44 -31.47 17.80 -2.16
C SER I 44 -31.54 16.38 -2.72
N PHE I 45 -32.74 15.84 -2.86
CA PHE I 45 -32.94 14.49 -3.36
C PHE I 45 -33.06 14.42 -4.88
N GLY I 46 -32.92 15.55 -5.56
CA GLY I 46 -32.91 15.59 -7.01
C GLY I 46 -33.67 16.77 -7.56
N LYS I 47 -33.76 16.86 -8.87
CA LYS I 47 -34.52 17.94 -9.50
C LYS I 47 -36.00 17.57 -9.56
N VAL I 48 -36.84 18.59 -9.55
CA VAL I 48 -38.28 18.44 -9.65
C VAL I 48 -38.71 18.83 -11.06
N PHE I 49 -39.50 17.98 -11.69
CA PHE I 49 -39.87 18.16 -13.09
C PHE I 49 -41.35 18.50 -13.21
N LEU I 50 -41.69 19.12 -14.33
CA LEU I 50 -43.07 19.36 -14.73
C LEU I 50 -43.44 18.35 -15.81
N VAL I 51 -44.54 17.63 -15.60
CA VAL I 51 -44.97 16.62 -16.55
C VAL I 51 -46.41 16.86 -16.97
N LYS I 52 -46.72 16.46 -18.20
CA LYS I 52 -48.06 16.55 -18.77
C LYS I 52 -48.57 15.15 -19.12
N LYS I 53 -49.77 14.83 -18.64
CA LYS I 53 -50.44 13.59 -18.99
C LYS I 53 -50.93 13.62 -20.43
N ILE I 54 -50.59 12.59 -21.21
CA ILE I 54 -50.97 12.58 -22.62
C ILE I 54 -52.19 11.69 -22.83
N SER I 55 -52.44 10.78 -21.89
CA SER I 55 -53.54 9.84 -22.02
C SER I 55 -54.23 9.65 -20.67
N GLY I 56 -55.53 9.33 -20.70
CA GLY I 56 -56.41 9.05 -19.60
C GLY I 56 -57.43 10.17 -19.44
N SER I 57 -58.23 10.11 -18.37
CA SER I 57 -59.20 11.17 -18.16
C SER I 57 -58.53 12.47 -17.74
N ASP I 58 -57.35 12.41 -17.11
CA ASP I 58 -56.61 13.62 -16.74
C ASP I 58 -55.59 13.99 -17.79
N ALA I 59 -55.85 13.67 -19.06
CA ALA I 59 -54.95 14.06 -20.13
C ALA I 59 -54.89 15.58 -20.23
N ARG I 60 -53.69 16.10 -20.52
CA ARG I 60 -53.32 17.51 -20.60
C ARG I 60 -53.14 18.15 -19.22
N GLN I 61 -53.36 17.42 -18.13
CA GLN I 61 -53.17 17.99 -16.80
C GLN I 61 -51.68 18.01 -16.45
N LEU I 62 -51.26 19.07 -15.76
CA LEU I 62 -49.87 19.23 -15.37
C LEU I 62 -49.66 18.73 -13.94
N TYR I 63 -48.54 18.03 -13.75
CA TYR I 63 -48.18 17.51 -12.44
C TYR I 63 -46.70 17.81 -12.19
N ALA I 64 -46.34 17.85 -10.91
CA ALA I 64 -44.94 17.90 -10.54
C ALA I 64 -44.46 16.48 -10.25
N MET I 65 -43.24 16.17 -10.68
CA MET I 65 -42.73 14.83 -10.55
C MET I 65 -41.38 14.83 -9.83
N LYS I 66 -41.28 13.98 -8.83
CA LYS I 66 -40.02 13.69 -8.14
C LYS I 66 -39.62 12.25 -8.45
N VAL I 67 -38.32 12.02 -8.60
CA VAL I 67 -37.78 10.69 -8.88
C VAL I 67 -36.82 10.33 -7.75
N LEU I 68 -37.11 9.24 -7.06
CA LEU I 68 -36.30 8.80 -5.93
C LEU I 68 -36.04 7.31 -6.05
N LYS I 69 -35.04 6.83 -5.32
CA LYS I 69 -34.83 5.39 -5.24
C LYS I 69 -35.95 4.71 -4.46
N LYS I 70 -36.26 5.23 -3.28
CA LYS I 70 -37.42 4.75 -2.51
C LYS I 70 -37.72 5.77 -1.41
N ALA I 71 -38.93 5.70 -0.88
CA ALA I 71 -39.38 6.60 0.18
C ALA I 71 -40.34 5.87 1.13
N THR I 72 -40.15 6.11 2.43
CA THR I 72 -40.98 5.54 3.48
C THR I 72 -41.53 6.65 4.38
N LEU I 73 -42.69 6.34 4.98
CA LEU I 73 -43.46 7.22 5.85
C LEU I 73 -43.43 6.67 7.29
N LYS I 74 -42.78 7.39 8.20
CA LYS I 74 -42.69 6.98 9.60
C LYS I 74 -43.78 7.67 10.41
N VAL I 75 -44.72 6.91 10.98
CA VAL I 75 -45.78 7.55 11.76
C VAL I 75 -46.04 6.78 13.08
N ARG I 76 -46.00 7.53 14.17
CA ARG I 76 -46.33 7.05 15.50
C ARG I 76 -47.76 6.55 15.59
N ASP I 77 -47.96 5.48 16.36
CA ASP I 77 -49.27 4.92 16.64
C ASP I 77 -50.06 4.55 15.39
N ASP I 86 -53.77 4.25 1.64
CA ASP I 86 -54.71 4.69 2.66
C ASP I 86 -54.13 5.85 3.44
N ILE I 87 -52.93 5.67 3.98
CA ILE I 87 -52.27 6.74 4.72
C ILE I 87 -52.03 7.93 3.80
N LEU I 88 -51.86 7.66 2.50
CA LEU I 88 -51.58 8.71 1.52
C LEU I 88 -52.77 9.64 1.27
N VAL I 89 -54.01 9.16 1.46
CA VAL I 89 -55.14 10.07 1.36
C VAL I 89 -55.41 10.83 2.65
N GLU I 90 -55.07 10.26 3.80
CA GLU I 90 -55.24 11.01 5.04
C GLU I 90 -54.32 12.22 5.06
N VAL I 91 -53.13 12.11 4.44
CA VAL I 91 -52.22 13.25 4.38
C VAL I 91 -52.80 14.35 3.52
N ASN I 92 -53.82 14.05 2.72
CA ASN I 92 -54.42 15.05 1.86
C ASN I 92 -54.99 16.16 2.73
N HIS I 93 -54.60 17.40 2.42
CA HIS I 93 -54.92 18.52 3.26
C HIS I 93 -54.98 19.76 2.38
N PRO I 94 -55.75 20.77 2.78
CA PRO I 94 -55.79 22.01 1.98
C PRO I 94 -54.43 22.66 1.79
N PHE I 95 -53.50 22.47 2.74
CA PHE I 95 -52.20 23.14 2.69
C PHE I 95 -51.04 22.15 2.55
N ILE I 96 -51.31 20.95 2.03
CA ILE I 96 -50.29 19.94 1.79
C ILE I 96 -50.43 19.43 0.36
N VAL I 97 -49.31 19.21 -0.32
CA VAL I 97 -49.35 18.67 -1.67
C VAL I 97 -50.00 17.30 -1.65
N LYS I 98 -50.81 17.02 -2.66
CA LYS I 98 -51.50 15.73 -2.76
C LYS I 98 -50.78 14.83 -3.77
N LEU I 99 -50.60 13.58 -3.40
CA LEU I 99 -50.02 12.57 -4.28
C LEU I 99 -51.09 11.93 -5.16
N HIS I 100 -50.96 12.09 -6.48
CA HIS I 100 -51.92 11.58 -7.45
C HIS I 100 -51.51 10.23 -8.03
N TYR I 101 -50.24 10.06 -8.40
CA TYR I 101 -49.75 8.79 -8.91
C TYR I 101 -48.40 8.49 -8.29
N ALA I 102 -48.16 7.21 -8.04
CA ALA I 102 -46.87 6.71 -7.62
C ALA I 102 -46.65 5.40 -8.34
N PHE I 103 -45.48 5.26 -8.98
CA PHE I 103 -45.16 4.04 -9.69
C PHE I 103 -43.64 3.87 -9.67
N GLN I 104 -43.22 2.63 -9.91
CA GLN I 104 -41.82 2.27 -9.88
C GLN I 104 -41.42 1.60 -11.18
N THR I 105 -40.23 1.93 -11.68
CA THR I 105 -39.67 1.26 -12.84
C THR I 105 -38.15 1.38 -12.77
N GLU I 106 -37.47 0.24 -12.89
CA GLU I 106 -36.02 0.14 -12.87
C GLU I 106 -35.40 0.67 -11.58
N GLY I 107 -36.00 0.29 -10.47
CA GLY I 107 -35.50 0.61 -9.14
C GLY I 107 -35.51 2.06 -8.74
N LYS I 108 -36.34 2.87 -9.39
CA LYS I 108 -36.50 4.26 -9.01
C LYS I 108 -37.98 4.53 -8.84
N LEU I 109 -38.30 5.33 -7.84
CA LEU I 109 -39.68 5.62 -7.48
C LEU I 109 -40.07 6.98 -8.06
N TYR I 110 -41.21 7.02 -8.72
CA TYR I 110 -41.69 8.21 -9.40
C TYR I 110 -42.95 8.68 -8.68
N LEU I 111 -42.91 9.89 -8.14
CA LEU I 111 -44.04 10.43 -7.41
C LEU I 111 -44.65 11.55 -8.24
N ILE I 112 -45.91 11.39 -8.61
CA ILE I 112 -46.66 12.38 -9.36
C ILE I 112 -47.51 13.15 -8.36
N LEU I 113 -47.21 14.43 -8.19
CA LEU I 113 -47.79 15.27 -7.16
C LEU I 113 -48.47 16.48 -7.79
N ASP I 114 -49.14 17.26 -6.95
CA ASP I 114 -49.71 18.53 -7.41
C ASP I 114 -48.62 19.41 -7.97
N PHE I 115 -48.89 20.03 -9.11
CA PHE I 115 -48.00 21.06 -9.64
C PHE I 115 -48.39 22.37 -8.97
N LEU I 116 -47.54 22.84 -8.07
CA LEU I 116 -47.81 24.05 -7.30
C LEU I 116 -47.40 25.25 -8.13
N ARG I 117 -48.36 26.07 -8.54
CA ARG I 117 -48.13 27.12 -9.50
C ARG I 117 -47.89 28.49 -8.87
N GLY I 118 -47.99 28.60 -7.56
CA GLY I 118 -47.80 29.89 -6.93
C GLY I 118 -46.36 30.27 -6.67
N GLY I 119 -45.44 29.31 -6.79
CA GLY I 119 -44.06 29.56 -6.44
C GLY I 119 -43.88 29.45 -4.95
N ASP I 120 -42.67 29.77 -4.51
CA ASP I 120 -42.35 29.69 -3.10
C ASP I 120 -42.76 30.96 -2.37
N LEU I 121 -43.06 30.81 -1.08
CA LEU I 121 -43.47 31.95 -0.27
C LEU I 121 -42.33 32.94 -0.06
N PHE I 122 -41.10 32.43 0.12
CA PHE I 122 -40.00 33.33 0.46
C PHE I 122 -39.67 34.28 -0.68
N THR I 123 -39.76 33.81 -1.93
CA THR I 123 -39.60 34.74 -3.05
C THR I 123 -40.73 35.75 -3.08
N ARG I 124 -41.96 35.29 -2.79
CA ARG I 124 -43.11 36.18 -2.77
C ARG I 124 -42.91 37.28 -1.73
N LEU I 125 -42.44 36.92 -0.54
CA LEU I 125 -42.11 37.91 0.47
C LEU I 125 -40.94 38.79 0.04
N SER I 126 -39.92 38.18 -0.57
CA SER I 126 -38.78 38.94 -1.05
C SER I 126 -39.18 39.92 -2.14
N LYS I 127 -40.16 39.55 -2.98
CA LYS I 127 -40.65 40.46 -4.01
C LYS I 127 -41.32 41.68 -3.42
N GLU I 128 -42.11 41.50 -2.35
CA GLU I 128 -42.79 42.62 -1.73
C GLU I 128 -41.81 43.51 -0.95
N VAL I 129 -40.78 42.90 -0.37
CA VAL I 129 -39.72 43.57 0.38
C VAL I 129 -40.25 44.14 1.69
N MET I 130 -41.24 45.02 1.60
CA MET I 130 -41.84 45.61 2.79
C MET I 130 -43.23 45.04 2.97
N PHE I 131 -43.48 44.40 4.11
CA PHE I 131 -44.78 43.85 4.40
C PHE I 131 -45.05 43.95 5.88
N THR I 132 -46.28 43.63 6.25
CA THR I 132 -46.75 43.69 7.62
C THR I 132 -46.72 42.32 8.28
N GLU I 133 -46.84 42.33 9.60
CA GLU I 133 -46.92 41.09 10.35
C GLU I 133 -48.20 40.33 10.03
N GLU I 134 -49.29 41.07 9.80
CA GLU I 134 -50.56 40.44 9.43
C GLU I 134 -50.42 39.64 8.15
N ASP I 135 -49.59 40.12 7.22
CA ASP I 135 -49.33 39.37 6.00
C ASP I 135 -48.62 38.05 6.32
N VAL I 136 -47.56 38.12 7.13
CA VAL I 136 -46.83 36.92 7.53
C VAL I 136 -47.73 36.01 8.34
N LYS I 137 -48.63 36.60 9.13
CA LYS I 137 -49.49 35.83 10.01
C LYS I 137 -50.35 34.83 9.25
N PHE I 138 -50.88 35.23 8.10
CA PHE I 138 -51.72 34.34 7.30
C PHE I 138 -50.95 33.08 6.91
N TYR I 139 -49.71 33.24 6.45
CA TYR I 139 -48.95 32.09 5.98
C TYR I 139 -48.52 31.20 7.13
N LEU I 140 -48.15 31.80 8.27
CA LEU I 140 -47.83 31.02 9.45
C LEU I 140 -49.06 30.26 9.95
N ALA I 141 -50.22 30.90 9.91
CA ALA I 141 -51.44 30.25 10.38
C ALA I 141 -51.80 29.07 9.50
N GLU I 142 -51.75 29.26 8.17
CA GLU I 142 -51.98 28.12 7.27
C GLU I 142 -50.93 27.05 7.46
N LEU I 143 -49.68 27.45 7.68
CA LEU I 143 -48.63 26.48 7.96
C LEU I 143 -48.89 25.72 9.25
N ALA I 144 -49.42 26.40 10.27
CA ALA I 144 -49.64 25.75 11.55
C ALA I 144 -50.66 24.63 11.46
N LEU I 145 -51.75 24.86 10.74
CA LEU I 145 -52.76 23.82 10.58
C LEU I 145 -52.20 22.63 9.81
N ALA I 146 -51.43 22.90 8.76
CA ALA I 146 -50.82 21.83 7.97
C ALA I 146 -49.88 21.01 8.83
N LEU I 147 -49.09 21.67 9.67
CA LEU I 147 -48.24 20.95 10.61
C LEU I 147 -49.07 20.14 11.59
N ASP I 148 -50.14 20.75 12.12
CA ASP I 148 -50.99 20.05 13.09
C ASP I 148 -51.70 18.86 12.46
N HIS I 149 -52.16 19.00 11.21
CA HIS I 149 -52.82 17.86 10.56
C HIS I 149 -51.87 16.68 10.50
N LEU I 150 -50.61 16.91 10.19
CA LEU I 150 -49.62 15.84 10.26
C LEU I 150 -49.41 15.40 11.70
N HIS I 151 -49.40 16.34 12.66
CA HIS I 151 -49.22 15.97 14.06
C HIS I 151 -50.36 15.12 14.58
N SER I 152 -51.61 15.49 14.26
CA SER I 152 -52.75 14.74 14.74
C SER I 152 -52.77 13.33 14.18
N LEU I 153 -52.23 13.12 12.99
CA LEU I 153 -52.14 11.78 12.46
C LEU I 153 -50.85 11.10 12.89
N GLY I 154 -50.04 11.77 13.70
CA GLY I 154 -48.79 11.22 14.21
C GLY I 154 -47.58 11.43 13.33
N ILE I 155 -47.68 12.24 12.30
CA ILE I 155 -46.54 12.46 11.39
C ILE I 155 -45.84 13.76 11.77
N ILE I 156 -44.50 13.72 11.73
CA ILE I 156 -43.67 14.88 12.04
C ILE I 156 -42.99 15.32 10.77
N TYR I 157 -43.01 16.64 10.49
CA TYR I 157 -42.43 17.14 9.25
C TYR I 157 -40.91 16.95 9.22
N ARG I 158 -40.27 17.01 10.38
CA ARG I 158 -38.85 16.73 10.59
C ARG I 158 -37.90 17.81 10.08
N ASP I 159 -37.87 18.03 8.78
CA ASP I 159 -36.96 18.97 8.15
C ASP I 159 -37.76 20.01 7.38
N LEU I 160 -38.39 20.91 8.12
CA LEU I 160 -39.16 22.00 7.52
C LEU I 160 -38.21 23.13 7.16
N LYS I 161 -38.30 23.60 5.92
CA LYS I 161 -37.42 24.65 5.42
C LYS I 161 -38.19 25.47 4.42
N PRO I 162 -37.69 26.67 4.06
CA PRO I 162 -38.43 27.51 3.10
C PRO I 162 -38.66 26.85 1.76
N GLU I 163 -37.77 25.94 1.34
CA GLU I 163 -37.94 25.29 0.04
C GLU I 163 -39.20 24.43 0.00
N ASN I 164 -39.63 23.89 1.15
CA ASN I 164 -40.84 23.07 1.19
C ASN I 164 -42.10 23.91 1.30
N ILE I 165 -41.96 25.22 1.50
CA ILE I 165 -43.10 26.11 1.70
C ILE I 165 -43.37 26.76 0.35
N LEU I 166 -44.36 26.24 -0.37
CA LEU I 166 -44.76 26.78 -1.66
C LEU I 166 -46.17 27.33 -1.59
N LEU I 167 -46.57 28.00 -2.68
CA LEU I 167 -47.89 28.58 -2.83
C LEU I 167 -48.59 27.94 -4.02
N ASP I 168 -49.92 27.99 -4.00
CA ASP I 168 -50.71 27.52 -5.12
C ASP I 168 -51.16 28.71 -5.97
N GLU I 169 -52.02 28.45 -6.97
CA GLU I 169 -52.44 29.52 -7.87
C GLU I 169 -53.19 30.61 -7.11
N GLU I 170 -53.95 30.23 -6.08
CA GLU I 170 -54.71 31.19 -5.30
C GLU I 170 -53.85 31.86 -4.24
N GLY I 171 -52.66 31.35 -3.98
CA GLY I 171 -51.75 31.94 -3.03
C GLY I 171 -51.74 31.31 -1.65
N HIS I 172 -52.41 30.17 -1.46
CA HIS I 172 -52.42 29.53 -0.17
C HIS I 172 -51.21 28.62 -0.01
N ILE I 173 -50.81 28.41 1.25
CA ILE I 173 -49.62 27.59 1.52
C ILE I 173 -49.84 26.17 1.04
N LYS I 174 -48.80 25.59 0.45
CA LYS I 174 -48.82 24.19 0.03
C LYS I 174 -47.42 23.62 0.29
N LEU I 175 -47.32 22.71 1.25
CA LEU I 175 -46.05 22.08 1.55
C LEU I 175 -45.69 21.04 0.49
N THR I 176 -44.44 21.06 0.05
CA THR I 176 -43.97 20.15 -1.01
C THR I 176 -43.80 18.71 -0.53
N ASP I 177 -43.90 18.48 0.78
CA ASP I 177 -43.73 17.16 1.37
C ASP I 177 -44.72 17.02 2.52
N PHE I 178 -44.89 15.78 2.98
CA PHE I 178 -45.77 15.51 4.11
C PHE I 178 -45.09 14.54 5.07
N GLY I 179 -43.80 14.75 5.31
CA GLY I 179 -43.04 13.94 6.23
C GLY I 179 -42.40 12.70 5.65
N LEU I 180 -42.34 12.58 4.32
CA LEU I 180 -41.66 11.44 3.71
C LEU I 180 -40.18 11.46 4.05
N SER I 181 -39.65 10.33 4.49
CA SER I 181 -38.21 10.14 4.65
C SER I 181 -37.70 9.46 3.38
N LYS I 182 -36.89 10.18 2.62
CA LYS I 182 -36.52 9.81 1.26
C LYS I 182 -35.05 9.44 1.17
N GLU I 183 -34.73 8.64 0.16
CA GLU I 183 -33.36 8.28 -0.17
C GLU I 183 -33.14 8.57 -1.64
N SER I 184 -32.08 9.33 -1.93
CA SER I 184 -31.80 9.85 -3.26
C SER I 184 -31.44 8.74 -4.25
N ILE I 185 -31.54 9.07 -5.55
CA ILE I 185 -31.09 8.17 -6.60
C ILE I 185 -29.56 8.17 -6.58
N ASP I 186 -28.95 7.18 -7.24
CA ASP I 186 -27.51 7.01 -7.13
C ASP I 186 -26.75 8.23 -7.65
N HIS I 187 -27.23 8.84 -8.73
CA HIS I 187 -26.56 10.01 -9.28
C HIS I 187 -26.60 11.20 -8.31
N GLU I 188 -27.69 11.37 -7.58
CA GLU I 188 -27.87 12.56 -6.77
C GLU I 188 -27.43 12.43 -5.31
N LYS I 189 -27.07 11.25 -4.83
CA LYS I 189 -26.68 11.14 -3.42
C LYS I 189 -25.37 11.87 -3.13
N LYS I 190 -25.32 12.50 -1.97
CA LYS I 190 -24.18 13.31 -1.52
C LYS I 190 -23.18 12.49 -0.70
N ALA I 191 -21.93 12.91 -0.77
CA ALA I 191 -20.87 12.23 -0.04
C ALA I 191 -21.01 12.44 1.47
N TYR I 192 -21.33 13.66 1.89
CA TYR I 192 -21.49 13.98 3.30
C TYR I 192 -22.96 14.18 3.66
N SER I 193 -23.42 13.43 4.65
CA SER I 193 -24.78 13.53 5.15
C SER I 193 -24.97 14.81 5.97
N THR I 197 -28.62 20.96 6.16
CA THR I 197 -29.13 22.24 6.64
C THR I 197 -29.58 22.15 8.09
N VAL I 198 -28.93 22.94 8.94
CA VAL I 198 -29.11 22.86 10.40
C VAL I 198 -29.86 24.06 10.97
N GLU I 199 -30.01 25.14 10.21
CA GLU I 199 -30.50 26.42 10.74
C GLU I 199 -31.90 26.29 11.34
N TYR I 200 -32.75 25.44 10.78
CA TYR I 200 -34.11 25.24 11.23
C TYR I 200 -34.22 24.02 12.15
N MET I 201 -33.08 23.46 12.54
CA MET I 201 -33.06 22.30 13.42
C MET I 201 -33.27 22.71 14.87
N ALA I 202 -34.01 21.91 15.60
CA ALA I 202 -34.21 22.13 17.03
C ALA I 202 -33.00 21.64 17.81
N PRO I 203 -32.79 22.15 19.03
CA PRO I 203 -31.61 21.70 19.79
C PRO I 203 -31.59 20.21 20.02
N GLU I 204 -32.76 19.61 20.29
CA GLU I 204 -32.82 18.16 20.46
C GLU I 204 -32.42 17.43 19.19
N VAL I 205 -32.83 17.95 18.03
CA VAL I 205 -32.45 17.33 16.76
C VAL I 205 -30.95 17.42 16.52
N VAL I 206 -30.34 18.56 16.90
CA VAL I 206 -28.92 18.77 16.68
C VAL I 206 -28.10 17.76 17.47
N ASN I 207 -28.51 17.46 18.69
CA ASN I 207 -27.81 16.53 19.55
C ASN I 207 -28.12 15.06 19.24
N ARG I 208 -29.03 14.78 18.29
CA ARG I 208 -29.44 13.43 17.95
C ARG I 208 -30.02 12.69 19.16
N ARG I 209 -30.76 13.43 19.97
CA ARG I 209 -31.42 12.87 21.14
C ARG I 209 -32.65 12.08 20.69
N GLY I 210 -33.62 12.80 20.16
CA GLY I 210 -34.87 12.28 19.66
C GLY I 210 -35.52 13.40 18.86
N HIS I 211 -36.32 13.04 17.86
CA HIS I 211 -37.01 13.99 17.02
C HIS I 211 -38.50 13.98 17.39
N THR I 212 -38.94 15.04 18.08
CA THR I 212 -40.30 15.15 18.59
C THR I 212 -41.07 16.21 17.82
N GLN I 213 -42.39 16.17 17.97
CA GLN I 213 -43.26 17.08 17.23
C GLN I 213 -43.12 18.55 17.67
N SER I 214 -42.58 18.80 18.86
CA SER I 214 -42.29 20.17 19.24
C SER I 214 -41.11 20.73 18.45
N ALA I 215 -40.27 19.86 17.88
CA ALA I 215 -39.18 20.34 17.04
C ALA I 215 -39.71 21.03 15.80
N ASP I 216 -40.83 20.54 15.26
CA ASP I 216 -41.45 21.20 14.12
C ASP I 216 -41.90 22.61 14.50
N TRP I 217 -42.47 22.74 15.71
CA TRP I 217 -42.89 24.05 16.19
C TRP I 217 -41.69 24.94 16.49
N TRP I 218 -40.54 24.33 16.82
CA TRP I 218 -39.32 25.11 16.85
C TRP I 218 -38.95 25.60 15.44
N SER I 219 -38.96 24.68 14.47
CA SER I 219 -38.77 25.07 13.07
C SER I 219 -39.81 26.10 12.65
N PHE I 220 -41.05 25.91 13.10
CA PHE I 220 -42.08 26.91 12.87
C PHE I 220 -41.68 28.27 13.42
N GLY I 221 -41.08 28.28 14.61
CA GLY I 221 -40.70 29.55 15.22
C GLY I 221 -39.56 30.27 14.52
N VAL I 222 -38.54 29.52 14.11
CA VAL I 222 -37.43 30.15 13.40
C VAL I 222 -37.89 30.69 12.05
N LEU I 223 -38.79 29.97 11.38
CA LEU I 223 -39.38 30.48 10.14
C LEU I 223 -40.17 31.75 10.41
N MET I 224 -40.98 31.76 11.47
CA MET I 224 -41.66 32.98 11.87
C MET I 224 -40.67 34.10 12.11
N PHE I 225 -39.58 33.79 12.80
CA PHE I 225 -38.54 34.78 13.04
C PHE I 225 -37.96 35.28 11.72
N GLU I 226 -37.55 34.36 10.84
CA GLU I 226 -36.87 34.75 9.61
C GLU I 226 -37.78 35.56 8.70
N MET I 227 -39.05 35.17 8.60
CA MET I 227 -39.97 35.90 7.73
C MET I 227 -40.19 37.31 8.24
N LEU I 228 -40.25 37.46 9.56
CA LEU I 228 -40.43 38.77 10.19
C LEU I 228 -39.14 39.56 10.24
N THR I 229 -37.99 38.88 10.34
CA THR I 229 -36.70 39.56 10.45
C THR I 229 -35.92 39.64 9.15
N GLY I 230 -36.10 38.67 8.26
CA GLY I 230 -35.22 38.57 7.11
C GLY I 230 -33.89 37.92 7.40
N THR I 231 -33.66 37.53 8.66
CA THR I 231 -32.41 36.94 9.09
C THR I 231 -32.71 35.69 9.92
N LEU I 232 -31.77 34.86 10.00
CA LEU I 232 -31.92 33.71 10.86
C LEU I 232 -31.50 34.09 12.27
N PRO I 233 -32.15 33.52 13.30
CA PRO I 233 -31.80 33.89 14.67
C PRO I 233 -30.39 33.54 15.04
N PHE I 234 -29.86 32.45 14.51
CA PHE I 234 -28.53 31.96 14.85
C PHE I 234 -27.64 32.15 13.63
N GLN I 235 -26.66 33.04 13.72
CA GLN I 235 -25.76 33.28 12.60
C GLN I 235 -24.39 32.79 13.00
N GLY I 236 -23.88 31.80 12.26
CA GLY I 236 -22.56 31.26 12.51
C GLY I 236 -21.80 31.19 11.20
N LYS I 237 -20.51 30.93 11.30
CA LYS I 237 -19.70 30.87 10.08
C LYS I 237 -19.88 29.55 9.34
N ASP I 238 -19.96 28.44 10.06
CA ASP I 238 -20.07 27.13 9.45
C ASP I 238 -21.19 26.35 10.13
N ARG I 239 -21.35 25.10 9.72
CA ARG I 239 -22.42 24.28 10.27
C ARG I 239 -22.31 24.14 11.79
N LYS I 240 -21.10 23.88 12.30
CA LYS I 240 -20.94 23.65 13.74
C LYS I 240 -21.20 24.90 14.57
N GLU I 241 -20.66 26.06 14.17
CA GLU I 241 -20.82 27.26 15.00
C GLU I 241 -22.30 27.63 15.14
N THR I 242 -23.06 27.58 14.04
CA THR I 242 -24.47 27.86 14.14
C THR I 242 -25.15 26.83 15.04
N MET I 243 -24.74 25.56 14.92
CA MET I 243 -25.26 24.52 15.80
C MET I 243 -24.97 24.84 17.26
N THR I 244 -23.76 25.35 17.53
CA THR I 244 -23.40 25.75 18.89
C THR I 244 -24.28 26.90 19.36
N MET I 245 -24.58 27.85 18.46
CA MET I 245 -25.46 28.96 18.80
C MET I 245 -26.87 28.48 19.11
N ILE I 246 -27.35 27.47 18.36
CA ILE I 246 -28.67 26.91 18.67
C ILE I 246 -28.69 26.46 20.11
N LEU I 247 -27.61 25.83 20.57
CA LEU I 247 -27.57 25.26 21.90
C LEU I 247 -27.42 26.31 22.99
N LYS I 248 -26.62 27.35 22.77
CA LYS I 248 -26.29 28.23 23.89
C LYS I 248 -26.50 29.72 23.71
N ALA I 249 -27.03 30.20 22.58
CA ALA I 249 -26.98 31.64 22.37
C ALA I 249 -28.16 32.31 23.04
N LYS I 250 -27.89 33.44 23.69
CA LYS I 250 -28.93 34.28 24.28
C LYS I 250 -29.02 35.54 23.44
N LEU I 251 -30.21 35.83 22.92
CA LEU I 251 -30.40 36.86 21.92
C LEU I 251 -31.29 37.97 22.46
N GLY I 252 -31.12 39.17 21.89
CA GLY I 252 -31.95 40.31 22.22
C GLY I 252 -33.07 40.48 21.21
N MET I 253 -34.29 40.58 21.72
CA MET I 253 -35.47 40.70 20.87
C MET I 253 -35.39 41.98 20.04
N PRO I 254 -35.58 41.91 18.72
CA PRO I 254 -35.64 43.14 17.92
C PRO I 254 -36.82 44.01 18.33
N GLN I 255 -36.55 45.32 18.45
CA GLN I 255 -37.55 46.26 18.93
C GLN I 255 -38.46 46.77 17.83
N PHE I 256 -38.17 46.46 16.56
CA PHE I 256 -39.12 46.78 15.52
C PHE I 256 -40.30 45.82 15.49
N LEU I 257 -40.21 44.68 16.18
CA LEU I 257 -41.34 43.79 16.25
C LEU I 257 -42.38 44.31 17.24
N SER I 258 -43.64 44.08 16.93
CA SER I 258 -44.69 44.48 17.83
C SER I 258 -44.70 43.55 19.05
N PRO I 259 -45.21 44.01 20.20
CA PRO I 259 -45.24 43.14 21.38
C PRO I 259 -45.95 41.83 21.13
N GLU I 260 -46.97 41.81 20.28
CA GLU I 260 -47.64 40.56 19.94
C GLU I 260 -46.68 39.59 19.25
N ALA I 261 -45.84 40.07 18.34
CA ALA I 261 -44.86 39.20 17.69
C ALA I 261 -43.80 38.74 18.68
N GLN I 262 -43.28 39.67 19.49
CA GLN I 262 -42.31 39.33 20.52
C GLN I 262 -42.91 38.32 21.49
N SER I 263 -44.19 38.48 21.78
CA SER I 263 -44.89 37.59 22.69
C SER I 263 -44.81 36.15 22.21
N LEU I 264 -45.11 35.90 20.93
CA LEU I 264 -45.06 34.51 20.49
C LEU I 264 -43.63 33.98 20.52
N LEU I 265 -42.67 34.78 19.99
CA LEU I 265 -41.29 34.29 19.84
C LEU I 265 -40.68 33.83 21.14
N ARG I 266 -40.91 34.58 22.23
CA ARG I 266 -40.36 34.18 23.52
C ARG I 266 -40.94 32.85 23.98
N MET I 267 -42.24 32.66 23.79
CA MET I 267 -42.90 31.41 24.15
C MET I 267 -42.43 30.28 23.24
N LEU I 268 -42.14 30.60 21.95
CA LEU I 268 -41.64 29.62 20.98
C LEU I 268 -40.17 29.31 21.20
N PHE I 269 -39.35 30.28 21.57
CA PHE I 269 -37.91 30.05 21.67
C PHE I 269 -37.55 29.59 23.08
N LYS I 270 -37.96 28.36 23.37
CA LYS I 270 -37.61 27.64 24.59
C LYS I 270 -36.87 26.38 24.19
N ARG I 271 -35.65 26.22 24.71
CA ARG I 271 -34.78 25.11 24.30
C ARG I 271 -35.30 23.76 24.78
N ASN I 272 -36.08 23.74 25.85
CA ASN I 272 -36.68 22.53 26.39
C ASN I 272 -37.94 22.17 25.61
N PRO I 273 -38.03 20.93 25.09
CA PRO I 273 -39.21 20.58 24.25
C PRO I 273 -40.54 20.73 24.96
N ALA I 274 -40.66 20.21 26.19
CA ALA I 274 -41.93 20.24 26.90
C ALA I 274 -42.30 21.66 27.30
N ASN I 275 -41.31 22.51 27.54
CA ASN I 275 -41.59 23.90 27.89
C ASN I 275 -42.07 24.72 26.70
N ARG I 276 -41.94 24.17 25.48
CA ARG I 276 -42.34 24.86 24.26
C ARG I 276 -43.79 24.56 23.91
N LEU I 277 -44.44 25.53 23.28
CA LEU I 277 -45.83 25.45 22.87
C LEU I 277 -46.06 24.39 21.78
N GLY I 278 -47.27 23.82 21.78
CA GLY I 278 -47.70 22.78 20.89
C GLY I 278 -47.58 21.36 21.43
N ALA I 279 -46.77 21.16 22.47
CA ALA I 279 -46.71 19.88 23.16
C ALA I 279 -47.48 19.88 24.47
N GLY I 280 -48.09 21.00 24.85
CA GLY I 280 -48.79 21.08 26.12
C GLY I 280 -50.16 20.44 26.06
N PRO I 281 -50.86 20.52 27.21
CA PRO I 281 -52.19 19.89 27.28
C PRO I 281 -53.16 20.51 26.31
N ASP I 282 -53.17 21.84 26.23
CA ASP I 282 -54.02 22.52 25.28
C ASP I 282 -53.48 22.35 23.87
N GLY I 283 -52.17 22.16 23.75
CA GLY I 283 -51.57 21.84 22.47
C GLY I 283 -51.59 23.01 21.51
N VAL I 284 -52.11 22.74 20.32
CA VAL I 284 -52.08 23.67 19.20
C VAL I 284 -52.91 24.93 19.44
N GLU I 285 -54.02 24.82 20.18
CA GLU I 285 -54.83 26.00 20.41
C GLU I 285 -54.13 27.01 21.32
N GLU I 286 -53.09 26.58 22.05
CA GLU I 286 -52.23 27.54 22.73
C GLU I 286 -51.72 28.59 21.76
N ILE I 287 -51.26 28.14 20.58
CA ILE I 287 -50.75 29.06 19.58
C ILE I 287 -51.92 29.76 18.87
N LYS I 288 -53.00 29.01 18.58
CA LYS I 288 -54.15 29.61 17.91
C LYS I 288 -54.76 30.74 18.74
N ARG I 289 -54.84 30.56 20.06
CA ARG I 289 -55.41 31.55 20.96
C ARG I 289 -54.48 32.73 21.21
N HIS I 290 -53.27 32.67 20.69
CA HIS I 290 -52.25 33.67 21.02
C HIS I 290 -52.64 35.06 20.54
N SER I 291 -52.11 36.08 21.23
CA SER I 291 -52.42 37.46 20.85
C SER I 291 -51.94 37.78 19.45
N PHE I 292 -50.85 37.14 19.00
CA PHE I 292 -50.40 37.31 17.62
C PHE I 292 -51.46 36.80 16.65
N PHE I 293 -51.95 35.57 16.88
CA PHE I 293 -52.98 34.96 16.04
C PHE I 293 -54.39 35.36 16.45
N SER I 294 -54.56 36.53 17.08
CA SER I 294 -55.87 36.91 17.57
C SER I 294 -56.88 37.11 16.45
N THR I 295 -56.44 37.68 15.33
CA THR I 295 -57.33 38.09 14.25
C THR I 295 -57.64 37.00 13.23
N ILE I 296 -57.16 35.78 13.43
CA ILE I 296 -57.30 34.74 12.42
C ILE I 296 -58.49 33.87 12.80
N ASP I 297 -59.44 33.73 11.87
CA ASP I 297 -60.54 32.79 12.02
C ASP I 297 -60.08 31.44 11.49
N TRP I 298 -59.78 30.53 12.40
CA TRP I 298 -59.14 29.27 12.04
C TRP I 298 -60.08 28.39 11.20
N ASN I 299 -61.39 28.54 11.37
CA ASN I 299 -62.30 27.72 10.58
C ASN I 299 -62.40 28.20 9.13
N LYS I 300 -62.54 29.52 8.90
CA LYS I 300 -62.48 30.02 7.53
C LYS I 300 -61.12 29.80 6.90
N LEU I 301 -60.05 29.89 7.69
CA LEU I 301 -58.72 29.64 7.13
C LEU I 301 -58.62 28.23 6.57
N TYR I 302 -59.11 27.23 7.33
CA TYR I 302 -59.09 25.85 6.83
C TYR I 302 -59.97 25.70 5.60
N ARG I 303 -61.07 26.45 5.55
CA ARG I 303 -62.01 26.44 4.43
C ARG I 303 -61.54 27.27 3.25
N ARG I 304 -60.36 27.89 3.35
CA ARG I 304 -59.82 28.74 2.28
C ARG I 304 -60.79 29.86 1.93
N GLU I 305 -61.51 30.35 2.94
CA GLU I 305 -62.41 31.48 2.78
C GLU I 305 -61.74 32.78 3.18
N ILE I 306 -60.45 32.75 3.50
CA ILE I 306 -59.66 33.94 3.79
C ILE I 306 -58.75 34.17 2.58
N HIS I 307 -58.91 35.31 1.92
CA HIS I 307 -58.05 35.57 0.76
C HIS I 307 -56.63 35.89 1.22
N PRO I 308 -55.61 35.37 0.52
CA PRO I 308 -54.23 35.61 0.94
C PRO I 308 -53.83 37.06 0.75
N PRO I 309 -52.84 37.55 1.52
CA PRO I 309 -52.41 38.95 1.36
C PRO I 309 -51.86 39.25 -0.02
N PHE I 310 -51.16 38.30 -0.63
CA PHE I 310 -50.54 38.49 -1.93
C PHE I 310 -51.02 37.40 -2.87
N LYS I 311 -51.48 37.81 -4.05
CA LYS I 311 -51.85 36.83 -5.05
C LYS I 311 -50.65 36.57 -5.95
N PRO I 312 -50.40 35.31 -6.33
CA PRO I 312 -49.20 35.04 -7.13
C PRO I 312 -49.22 35.77 -8.46
N ALA I 313 -50.28 35.59 -9.25
CA ALA I 313 -50.46 36.37 -10.47
C ALA I 313 -50.42 37.87 -10.16
N THR I 314 -49.58 38.60 -10.90
CA THR I 314 -49.56 40.06 -10.83
C THR I 314 -48.82 40.63 -12.02
N ARG J 13 -42.15 50.97 12.91
CA ARG J 13 -41.54 50.84 11.59
C ARG J 13 -40.84 49.50 11.44
N ARG J 14 -41.20 48.75 10.40
CA ARG J 14 -40.64 47.42 10.20
C ARG J 14 -39.54 47.44 9.15
N PRO J 15 -38.62 46.48 9.20
CA PRO J 15 -37.45 46.53 8.32
C PRO J 15 -37.77 46.04 6.92
N PRO J 16 -37.00 46.48 5.93
CA PRO J 16 -37.06 45.86 4.60
C PRO J 16 -36.38 44.50 4.63
N VAL J 17 -37.07 43.51 4.08
CA VAL J 17 -36.64 42.13 4.12
C VAL J 17 -36.52 41.59 2.69
N LYS J 18 -35.35 41.05 2.35
CA LYS J 18 -35.15 40.38 1.07
C LYS J 18 -34.45 39.03 1.28
N PHE J 19 -34.88 38.01 0.54
CA PHE J 19 -34.32 36.67 0.66
C PHE J 19 -33.67 36.24 -0.65
N ILE J 20 -32.84 35.21 -0.54
CA ILE J 20 -32.17 34.57 -1.67
C ILE J 20 -32.74 33.17 -1.78
N PHE J 21 -33.54 32.91 -2.81
CA PHE J 21 -34.09 31.56 -2.99
C PHE J 21 -33.06 30.67 -3.69
N PRO J 22 -33.28 29.35 -3.72
CA PRO J 22 -32.18 28.42 -3.54
C PRO J 22 -31.07 29.02 -2.69
N PRO J 23 -31.28 29.12 -1.39
CA PRO J 23 -30.31 29.74 -0.50
C PRO J 23 -28.96 29.05 -0.60
N PRO J 24 -27.87 29.82 -0.65
CA PRO J 24 -26.56 29.20 -0.78
C PRO J 24 -26.20 28.46 0.49
N PRO J 25 -25.47 27.35 0.39
CA PRO J 25 -25.02 26.68 1.62
C PRO J 25 -24.06 27.62 2.32
N LEU J 26 -24.38 27.99 3.55
CA LEU J 26 -23.46 28.89 4.24
C LEU J 26 -22.14 28.21 4.58
N SER J 27 -22.04 26.89 4.44
CA SER J 27 -20.74 26.24 4.57
C SER J 27 -19.77 26.89 3.60
N SER J 28 -20.22 27.11 2.37
CA SER J 28 -19.51 27.89 1.37
C SER J 28 -19.77 29.38 1.62
N LEU J 29 -19.04 30.22 0.89
CA LEU J 29 -19.20 31.67 1.00
C LEU J 29 -18.98 32.16 2.43
N PRO J 30 -17.87 31.80 3.08
CA PRO J 30 -17.70 32.14 4.50
C PRO J 30 -17.56 33.62 4.77
N GLY J 31 -16.73 34.32 4.01
CA GLY J 31 -16.46 35.72 4.28
C GLY J 31 -17.20 36.70 3.40
N PHE J 32 -18.08 36.22 2.52
CA PHE J 32 -18.78 37.10 1.61
C PHE J 32 -19.82 37.93 2.35
N GLY J 33 -19.93 39.20 1.96
CA GLY J 33 -20.88 40.06 2.63
C GLY J 33 -22.31 39.71 2.24
N ARG J 34 -23.21 39.76 3.22
CA ARG J 34 -24.63 39.52 3.01
C ARG J 34 -25.38 40.76 3.43
N PRO J 35 -25.68 41.67 2.50
CA PRO J 35 -26.39 42.91 2.87
C PRO J 35 -27.85 42.63 3.20
N ARG J 36 -28.30 43.20 4.30
CA ARG J 36 -29.63 42.95 4.84
C ARG J 36 -30.07 44.22 5.55
N GLY J 37 -31.37 44.47 5.53
CA GLY J 37 -31.89 45.67 6.19
C GLY J 37 -31.58 45.66 7.68
N TYR J 38 -31.66 44.48 8.29
CA TYR J 38 -31.34 44.25 9.69
C TYR J 38 -30.27 43.18 9.76
N ALA J 39 -29.20 43.45 10.51
CA ALA J 39 -28.06 42.54 10.53
C ALA J 39 -28.42 41.20 11.14
N GLY J 40 -29.18 41.20 12.24
CA GLY J 40 -29.53 39.98 12.92
C GLY J 40 -29.59 40.17 14.43
N PRO J 41 -29.97 39.12 15.15
CA PRO J 41 -30.08 39.25 16.61
C PRO J 41 -28.71 39.42 17.25
N THR J 42 -28.64 40.31 18.22
CA THR J 42 -27.41 40.52 18.96
C THR J 42 -27.32 39.47 20.06
N VAL J 43 -26.17 38.80 20.14
CA VAL J 43 -25.95 37.73 21.11
C VAL J 43 -25.50 38.32 22.45
N ILE J 44 -26.36 38.18 23.46
CA ILE J 44 -26.03 38.70 24.78
C ILE J 44 -24.90 37.90 25.42
N ASP J 45 -25.00 36.57 25.35
CA ASP J 45 -23.99 35.64 25.88
C ASP J 45 -24.39 34.24 25.43
N MET J 46 -23.59 33.25 25.81
CA MET J 46 -23.93 31.85 25.59
C MET J 46 -24.35 31.12 26.86
N SER J 47 -25.29 31.66 27.64
CA SER J 47 -25.72 31.00 28.89
C SER J 47 -26.45 29.70 28.65
N ALA J 48 -26.89 29.44 27.42
CA ALA J 48 -27.77 28.32 27.09
C ALA J 48 -29.03 28.30 27.97
N PRO J 49 -29.70 29.44 28.15
CA PRO J 49 -30.91 29.45 28.97
C PRO J 49 -32.08 28.90 28.18
N ASP J 50 -33.07 28.41 28.92
CA ASP J 50 -34.28 27.92 28.25
C ASP J 50 -34.94 29.05 27.47
N ASP J 51 -34.99 30.25 28.04
CA ASP J 51 -35.53 31.41 27.34
C ASP J 51 -34.43 31.95 26.44
N VAL J 52 -34.58 31.75 25.12
CA VAL J 52 -33.53 32.16 24.18
C VAL J 52 -33.36 33.67 24.19
N PHE J 53 -34.46 34.40 24.30
CA PHE J 53 -34.41 35.86 24.24
C PHE J 53 -34.30 36.48 25.62
N ALA J 54 -33.90 37.75 25.62
CA ALA J 54 -33.68 38.54 26.82
C ALA J 54 -34.90 39.38 27.19
N GLU J 55 -35.14 39.53 28.48
CA GLU J 55 -36.26 40.33 28.98
C GLU J 55 -35.98 41.81 28.65
N ASP J 56 -36.90 42.45 27.92
CA ASP J 56 -36.69 43.86 27.60
C ASP J 56 -36.85 44.69 28.87
N THR J 57 -36.01 45.70 29.04
CA THR J 57 -36.08 46.54 30.24
C THR J 57 -36.04 45.70 31.51
N SER K 12 3.63 14.94 -23.72
CA SER K 12 4.13 16.10 -22.96
C SER K 12 2.97 16.94 -22.43
N ILE K 13 2.35 16.42 -21.36
CA ILE K 13 1.21 17.04 -20.70
C ILE K 13 1.66 17.79 -19.45
N LYS K 14 1.16 19.00 -19.27
CA LYS K 14 1.41 19.78 -18.05
C LYS K 14 0.10 20.12 -17.36
N GLU K 15 0.04 19.82 -16.06
CA GLU K 15 -1.12 20.18 -15.24
C GLU K 15 -0.81 21.49 -14.55
N ILE K 16 -1.66 22.49 -14.78
CA ILE K 16 -1.50 23.82 -14.20
C ILE K 16 -2.56 23.96 -13.12
N ALA K 17 -2.12 24.12 -11.88
CA ALA K 17 -3.05 24.31 -10.79
C ALA K 17 -3.51 25.76 -10.79
N ILE K 18 -4.83 25.96 -10.72
CA ILE K 18 -5.40 27.30 -10.67
C ILE K 18 -5.61 27.62 -9.20
N THR K 19 -4.73 28.47 -8.68
CA THR K 19 -4.73 28.89 -7.28
C THR K 19 -5.03 30.36 -7.12
N HIS K 20 -4.50 31.18 -8.02
CA HIS K 20 -4.57 32.63 -7.89
C HIS K 20 -4.62 33.24 -9.28
N HIS K 21 -5.41 34.29 -9.42
CA HIS K 21 -5.46 35.04 -10.66
C HIS K 21 -6.07 36.40 -10.37
N VAL K 22 -5.50 37.42 -11.01
CA VAL K 22 -6.06 38.76 -10.97
C VAL K 22 -5.92 39.31 -12.37
N LYS K 23 -7.03 39.78 -12.92
CA LYS K 23 -6.91 40.32 -14.26
C LYS K 23 -6.28 41.70 -14.14
N GLU K 24 -5.26 41.94 -14.95
CA GLU K 24 -4.47 43.16 -14.80
C GLU K 24 -5.22 44.46 -15.06
N GLY K 25 -4.80 45.48 -14.33
CA GLY K 25 -5.46 46.75 -14.18
C GLY K 25 -6.46 46.75 -13.05
N HIS K 26 -6.51 45.66 -12.26
CA HIS K 26 -7.34 45.54 -11.08
C HIS K 26 -6.48 44.95 -9.97
N GLU K 27 -7.02 44.99 -8.76
CA GLU K 27 -6.35 44.52 -7.57
C GLU K 27 -6.79 43.12 -7.16
N LYS K 28 -5.93 42.44 -6.39
CA LYS K 28 -6.25 41.10 -5.92
C LYS K 28 -7.55 41.12 -5.11
N ALA K 29 -8.41 40.14 -5.35
CA ALA K 29 -9.74 40.09 -4.76
C ALA K 29 -9.83 39.04 -3.67
N ASP K 30 -10.84 39.21 -2.83
CA ASP K 30 -11.11 38.32 -1.71
C ASP K 30 -12.60 38.35 -1.43
N PRO K 31 -13.11 37.44 -0.60
CA PRO K 31 -14.57 37.37 -0.40
C PRO K 31 -15.19 38.68 0.10
N SER K 32 -14.43 39.53 0.79
CA SER K 32 -15.01 40.76 1.33
C SER K 32 -15.51 41.70 0.25
N GLN K 33 -14.89 41.68 -0.93
CA GLN K 33 -15.22 42.65 -1.97
C GLN K 33 -16.45 42.27 -2.77
N PHE K 34 -17.06 41.12 -2.49
CA PHE K 34 -18.21 40.66 -3.24
C PHE K 34 -19.43 40.55 -2.34
N GLU K 35 -20.59 40.80 -2.94
CA GLU K 35 -21.89 40.64 -2.31
C GLU K 35 -22.71 39.61 -3.05
N LEU K 36 -23.22 38.62 -2.32
CA LEU K 36 -24.02 37.57 -2.91
C LEU K 36 -25.42 38.07 -3.26
N LEU K 37 -25.89 37.70 -4.45
CA LEU K 37 -27.18 38.15 -4.95
C LEU K 37 -28.16 37.00 -5.18
N LYS K 38 -27.76 35.96 -5.91
CA LYS K 38 -28.61 34.83 -6.21
C LYS K 38 -27.75 33.68 -6.70
N VAL K 39 -28.39 32.53 -6.93
CA VAL K 39 -27.75 31.36 -7.54
C VAL K 39 -28.13 31.34 -9.02
N LEU K 40 -27.12 31.31 -9.88
CA LEU K 40 -27.37 31.33 -11.31
C LEU K 40 -27.88 29.99 -11.82
N GLY K 41 -27.23 28.90 -11.41
CA GLY K 41 -27.64 27.58 -11.84
C GLY K 41 -26.85 26.53 -11.09
N GLN K 42 -27.17 25.27 -11.35
CA GLN K 42 -26.51 24.15 -10.70
C GLN K 42 -25.79 23.29 -11.72
N GLY K 43 -24.48 23.13 -11.53
CA GLY K 43 -23.69 22.23 -12.35
C GLY K 43 -23.36 20.97 -11.58
N SER K 44 -22.72 20.04 -12.29
CA SER K 44 -22.34 18.77 -11.66
C SER K 44 -21.32 18.98 -10.55
N PHE K 45 -20.41 19.93 -10.73
CA PHE K 45 -19.38 20.23 -9.75
C PHE K 45 -19.81 21.27 -8.73
N GLY K 46 -21.05 21.76 -8.79
CA GLY K 46 -21.53 22.65 -7.76
C GLY K 46 -22.42 23.78 -8.24
N LYS K 47 -22.82 24.65 -7.32
CA LYS K 47 -23.69 25.77 -7.66
C LYS K 47 -22.85 26.92 -8.20
N VAL K 48 -23.44 27.69 -9.11
CA VAL K 48 -22.83 28.90 -9.62
C VAL K 48 -23.59 30.08 -9.06
N PHE K 49 -22.88 31.03 -8.49
CA PHE K 49 -23.48 32.16 -7.81
C PHE K 49 -23.29 33.45 -8.60
N LEU K 50 -24.22 34.39 -8.36
CA LEU K 50 -24.11 35.74 -8.88
C LEU K 50 -23.65 36.64 -7.75
N VAL K 51 -22.55 37.34 -7.97
CA VAL K 51 -21.96 38.20 -6.95
C VAL K 51 -21.78 39.60 -7.51
N LYS K 52 -21.82 40.60 -6.63
CA LYS K 52 -21.59 41.98 -7.00
C LYS K 52 -20.33 42.50 -6.34
N LYS K 53 -19.43 43.04 -7.15
CA LYS K 53 -18.21 43.66 -6.66
C LYS K 53 -18.52 45.00 -6.02
N ILE K 54 -18.08 45.17 -4.76
CA ILE K 54 -18.32 46.39 -4.00
C ILE K 54 -17.09 47.29 -3.96
N SER K 55 -15.98 46.84 -4.52
CA SER K 55 -14.73 47.58 -4.42
C SER K 55 -14.07 47.71 -5.79
N GLY K 56 -13.32 48.78 -5.96
CA GLY K 56 -12.47 48.92 -7.11
C GLY K 56 -13.15 49.64 -8.25
N SER K 57 -12.47 49.57 -9.40
CA SER K 57 -13.02 50.15 -10.62
C SER K 57 -14.24 49.38 -11.12
N ASP K 58 -14.36 48.10 -10.77
CA ASP K 58 -15.51 47.29 -11.17
C ASP K 58 -16.59 47.23 -10.08
N ALA K 59 -16.72 48.28 -9.26
CA ALA K 59 -17.78 48.32 -8.27
C ALA K 59 -19.15 48.34 -8.95
N ARG K 60 -20.09 47.60 -8.36
CA ARG K 60 -21.45 47.38 -8.85
C ARG K 60 -21.51 46.45 -10.05
N GLN K 61 -20.36 45.97 -10.55
CA GLN K 61 -20.35 45.03 -11.66
C GLN K 61 -20.77 43.65 -11.18
N LEU K 62 -21.52 42.95 -12.03
CA LEU K 62 -22.01 41.62 -11.70
C LEU K 62 -21.05 40.58 -12.25
N TYR K 63 -20.81 39.54 -11.45
CA TYR K 63 -19.93 38.45 -11.82
C TYR K 63 -20.61 37.12 -11.54
N ALA K 64 -20.15 36.08 -12.24
CA ALA K 64 -20.52 34.72 -11.93
C ALA K 64 -19.43 34.10 -11.07
N MET K 65 -19.82 33.33 -10.07
CA MET K 65 -18.86 32.75 -9.14
C MET K 65 -19.06 31.25 -9.03
N LYS K 66 -17.98 30.50 -9.17
CA LYS K 66 -17.94 29.08 -8.90
C LYS K 66 -17.05 28.82 -7.69
N VAL K 67 -17.45 27.86 -6.85
CA VAL K 67 -16.67 27.48 -5.67
C VAL K 67 -16.33 26.00 -5.78
N LEU K 68 -15.04 25.68 -5.76
CA LEU K 68 -14.58 24.32 -5.97
C LEU K 68 -13.52 23.99 -4.92
N LYS K 69 -13.28 22.68 -4.75
CA LYS K 69 -12.17 22.25 -3.90
C LYS K 69 -10.84 22.63 -4.53
N LYS K 70 -10.69 22.35 -5.83
CA LYS K 70 -9.53 22.78 -6.59
C LYS K 70 -9.90 22.71 -8.07
N ALA K 71 -9.09 23.37 -8.88
CA ALA K 71 -9.27 23.33 -10.33
C ALA K 71 -7.90 23.33 -10.99
N THR K 72 -7.71 22.44 -11.96
CA THR K 72 -6.45 22.32 -12.68
C THR K 72 -6.72 22.34 -14.18
N LEU K 73 -5.75 22.85 -14.94
CA LEU K 73 -5.78 22.86 -16.40
C LEU K 73 -4.67 21.98 -16.96
N LYS K 74 -5.06 20.97 -17.73
CA LYS K 74 -4.12 20.12 -18.46
C LYS K 74 -3.90 20.72 -19.85
N VAL K 75 -2.65 21.04 -20.17
CA VAL K 75 -2.29 21.66 -21.44
C VAL K 75 -1.24 20.81 -22.13
N ARG K 76 -1.46 20.50 -23.41
CA ARG K 76 -0.48 19.78 -24.21
C ARG K 76 0.45 20.77 -24.91
N ASP K 77 1.74 20.70 -24.59
CA ASP K 77 2.77 21.55 -25.18
C ASP K 77 2.42 23.04 -25.06
N ASP K 86 -0.65 33.11 -17.07
CA ASP K 86 -0.42 33.21 -18.50
C ASP K 86 -1.52 32.50 -19.28
N ILE K 87 -1.65 31.19 -19.00
CA ILE K 87 -2.62 30.35 -19.69
C ILE K 87 -4.04 30.84 -19.49
N LEU K 88 -4.32 31.50 -18.37
CA LEU K 88 -5.67 31.97 -18.09
C LEU K 88 -6.07 33.11 -19.01
N VAL K 89 -5.10 33.91 -19.44
CA VAL K 89 -5.36 34.92 -20.46
C VAL K 89 -5.28 34.30 -21.86
N GLU K 90 -4.50 33.22 -22.00
CA GLU K 90 -4.38 32.56 -23.30
C GLU K 90 -5.73 32.02 -23.78
N VAL K 91 -6.53 31.49 -22.85
CA VAL K 91 -7.84 30.94 -23.19
C VAL K 91 -8.86 32.02 -23.53
N ASN K 92 -8.55 33.30 -23.29
CA ASN K 92 -9.50 34.35 -23.61
C ASN K 92 -9.86 34.33 -25.08
N HIS K 93 -11.16 34.32 -25.35
CA HIS K 93 -11.72 34.16 -26.69
C HIS K 93 -13.09 34.82 -26.69
N PRO K 94 -13.58 35.27 -27.85
CA PRO K 94 -14.92 35.88 -27.89
C PRO K 94 -16.03 34.98 -27.39
N PHE K 95 -15.91 33.66 -27.54
CA PHE K 95 -17.01 32.75 -27.22
C PHE K 95 -16.69 31.83 -26.04
N ILE K 96 -15.76 32.24 -25.18
CA ILE K 96 -15.41 31.49 -23.99
C ILE K 96 -15.50 32.43 -22.80
N VAL K 97 -16.08 31.94 -21.70
CA VAL K 97 -16.24 32.77 -20.47
C VAL K 97 -14.85 33.22 -20.01
N LYS K 98 -14.70 34.48 -19.63
CA LYS K 98 -13.38 35.00 -19.18
C LYS K 98 -13.30 34.97 -17.65
N LEU K 99 -12.19 34.44 -17.13
CA LEU K 99 -11.96 34.39 -15.66
C LEU K 99 -11.42 35.76 -15.24
N HIS K 100 -12.04 36.39 -14.25
CA HIS K 100 -11.58 37.74 -13.80
C HIS K 100 -10.73 37.61 -12.54
N TYR K 101 -11.19 36.83 -11.56
CA TYR K 101 -10.45 36.66 -10.32
C TYR K 101 -10.48 35.20 -9.91
N ALA K 102 -9.41 34.77 -9.23
CA ALA K 102 -9.36 33.45 -8.61
C ALA K 102 -8.62 33.58 -7.29
N PHE K 103 -9.21 33.04 -6.22
CA PHE K 103 -8.57 33.08 -4.91
C PHE K 103 -9.06 31.92 -4.07
N GLN K 104 -8.32 31.63 -3.00
CA GLN K 104 -8.62 30.50 -2.13
C GLN K 104 -8.88 31.00 -0.72
N THR K 105 -9.88 30.41 -0.07
CA THR K 105 -10.21 30.77 1.30
C THR K 105 -10.92 29.59 1.94
N GLU K 106 -10.49 29.20 3.14
CA GLU K 106 -11.13 28.12 3.90
C GLU K 106 -11.10 26.81 3.11
N GLY K 107 -9.97 26.55 2.44
CA GLY K 107 -9.83 25.35 1.65
C GLY K 107 -10.75 25.25 0.46
N LYS K 108 -11.21 26.39 -0.06
CA LYS K 108 -12.11 26.44 -1.19
C LYS K 108 -11.56 27.39 -2.24
N LEU K 109 -11.76 27.05 -3.51
CA LEU K 109 -11.29 27.86 -4.63
C LEU K 109 -12.46 28.65 -5.21
N TYR K 110 -12.26 29.94 -5.40
CA TYR K 110 -13.31 30.84 -5.87
C TYR K 110 -12.92 31.39 -7.24
N LEU K 111 -13.75 31.12 -8.24
CA LEU K 111 -13.53 31.59 -9.61
C LEU K 111 -14.55 32.67 -9.92
N ILE K 112 -14.07 33.87 -10.25
CA ILE K 112 -14.90 35.00 -10.62
C ILE K 112 -14.93 35.08 -12.14
N LEU K 113 -16.11 34.89 -12.71
CA LEU K 113 -16.28 34.70 -14.15
C LEU K 113 -17.22 35.75 -14.71
N ASP K 114 -17.31 35.79 -16.03
CA ASP K 114 -18.30 36.64 -16.68
C ASP K 114 -19.71 36.24 -16.26
N PHE K 115 -20.53 37.23 -15.95
CA PHE K 115 -21.95 36.96 -15.73
C PHE K 115 -22.64 36.95 -17.09
N LEU K 116 -23.01 35.75 -17.54
CA LEU K 116 -23.64 35.59 -18.85
C LEU K 116 -25.13 35.83 -18.71
N ARG K 117 -25.61 36.93 -19.29
CA ARG K 117 -26.97 37.41 -19.15
C ARG K 117 -27.88 36.93 -20.27
N GLY K 118 -27.33 36.22 -21.24
CA GLY K 118 -28.12 35.73 -22.37
C GLY K 118 -28.83 34.42 -22.14
N GLY K 119 -28.46 33.69 -21.08
CA GLY K 119 -29.05 32.40 -20.83
C GLY K 119 -28.45 31.30 -21.68
N ASP K 120 -29.04 30.12 -21.56
CA ASP K 120 -28.54 28.98 -22.32
C ASP K 120 -29.14 28.97 -23.72
N LEU K 121 -28.37 28.42 -24.67
CA LEU K 121 -28.82 28.37 -26.05
C LEU K 121 -29.99 27.41 -26.23
N PHE K 122 -29.98 26.27 -25.53
CA PHE K 122 -30.98 25.25 -25.76
C PHE K 122 -32.38 25.72 -25.36
N THR K 123 -32.49 26.51 -24.28
CA THR K 123 -33.78 27.11 -23.93
C THR K 123 -34.21 28.14 -24.97
N ARG K 124 -33.27 28.93 -25.48
CA ARG K 124 -33.60 29.91 -26.52
C ARG K 124 -34.13 29.19 -27.76
N LEU K 125 -33.49 28.10 -28.14
CA LEU K 125 -33.97 27.28 -29.26
C LEU K 125 -35.34 26.69 -28.94
N SER K 126 -35.51 26.21 -27.71
CA SER K 126 -36.80 25.67 -27.29
C SER K 126 -37.85 26.76 -27.31
N LYS K 127 -37.47 27.98 -26.96
CA LYS K 127 -38.39 29.10 -26.98
C LYS K 127 -38.87 29.39 -28.41
N GLU K 128 -37.97 29.24 -29.39
CA GLU K 128 -38.35 29.42 -30.78
C GLU K 128 -39.22 28.27 -31.28
N VAL K 129 -38.99 27.06 -30.77
CA VAL K 129 -39.72 25.82 -31.08
C VAL K 129 -39.38 25.35 -32.50
N MET K 130 -39.65 26.17 -33.50
CA MET K 130 -39.36 25.88 -34.90
C MET K 130 -38.29 26.83 -35.41
N PHE K 131 -37.20 26.27 -35.93
CA PHE K 131 -36.16 27.10 -36.51
C PHE K 131 -35.52 26.38 -37.69
N THR K 132 -34.66 27.11 -38.39
CA THR K 132 -33.99 26.64 -39.59
C THR K 132 -32.58 26.15 -39.26
N GLU K 133 -31.98 25.45 -40.23
CA GLU K 133 -30.59 25.01 -40.08
C GLU K 133 -29.63 26.18 -40.01
N GLU K 134 -29.91 27.24 -40.78
CA GLU K 134 -29.04 28.42 -40.75
C GLU K 134 -28.97 29.04 -39.37
N ASP K 135 -30.07 28.98 -38.61
CA ASP K 135 -30.06 29.48 -37.24
C ASP K 135 -29.10 28.66 -36.37
N VAL K 136 -29.26 27.33 -36.39
CA VAL K 136 -28.36 26.46 -35.63
C VAL K 136 -26.95 26.56 -36.19
N LYS K 137 -26.83 26.78 -37.50
CA LYS K 137 -25.53 26.85 -38.16
C LYS K 137 -24.65 27.92 -37.52
N PHE K 138 -25.25 29.07 -37.23
CA PHE K 138 -24.51 30.18 -36.63
C PHE K 138 -23.90 29.77 -35.29
N TYR K 139 -24.69 29.09 -34.45
CA TYR K 139 -24.20 28.73 -33.12
C TYR K 139 -23.15 27.64 -33.18
N LEU K 140 -23.30 26.69 -34.10
CA LEU K 140 -22.27 25.67 -34.29
C LEU K 140 -20.96 26.29 -34.74
N ALA K 141 -21.03 27.29 -35.62
CA ALA K 141 -19.82 27.91 -36.14
C ALA K 141 -19.05 28.65 -35.04
N GLU K 142 -19.77 29.42 -34.21
CA GLU K 142 -19.12 30.09 -33.09
C GLU K 142 -18.57 29.07 -32.09
N LEU K 143 -19.31 27.98 -31.87
CA LEU K 143 -18.83 26.91 -31.01
C LEU K 143 -17.56 26.28 -31.58
N ALA K 144 -17.50 26.12 -32.91
CA ALA K 144 -16.33 25.53 -33.54
C ALA K 144 -15.09 26.40 -33.34
N LEU K 145 -15.26 27.72 -33.45
CA LEU K 145 -14.13 28.63 -33.22
C LEU K 145 -13.63 28.52 -31.79
N ALA K 146 -14.55 28.45 -30.82
CA ALA K 146 -14.14 28.35 -29.41
C ALA K 146 -13.41 27.05 -29.15
N LEU K 147 -13.91 25.94 -29.69
CA LEU K 147 -13.24 24.65 -29.51
C LEU K 147 -11.85 24.67 -30.13
N ASP K 148 -11.73 25.23 -31.33
CA ASP K 148 -10.44 25.28 -32.01
C ASP K 148 -9.43 26.10 -31.23
N HIS K 149 -9.87 27.22 -30.64
CA HIS K 149 -8.97 28.05 -29.85
C HIS K 149 -8.39 27.29 -28.67
N LEU K 150 -9.24 26.53 -27.97
CA LEU K 150 -8.74 25.69 -26.88
C LEU K 150 -7.83 24.60 -27.41
N HIS K 151 -8.20 24.02 -28.56
CA HIS K 151 -7.33 23.03 -29.20
C HIS K 151 -5.99 23.64 -29.58
N SER K 152 -5.99 24.91 -30.01
CA SER K 152 -4.74 25.56 -30.39
C SER K 152 -3.78 25.65 -29.22
N LEU K 153 -4.32 25.80 -28.01
CA LEU K 153 -3.50 25.84 -26.80
C LEU K 153 -3.26 24.47 -26.21
N GLY K 154 -3.75 23.40 -26.86
CA GLY K 154 -3.54 22.06 -26.36
C GLY K 154 -4.53 21.62 -25.30
N ILE K 155 -5.60 22.37 -25.11
CA ILE K 155 -6.60 22.07 -24.08
C ILE K 155 -7.77 21.33 -24.73
N ILE K 156 -8.33 20.39 -23.97
CA ILE K 156 -9.46 19.58 -24.43
C ILE K 156 -10.66 19.97 -23.58
N TYR K 157 -11.80 20.22 -24.23
CA TYR K 157 -12.98 20.59 -23.44
C TYR K 157 -13.46 19.42 -22.59
N ARG K 158 -13.28 18.19 -23.09
CA ARG K 158 -13.53 16.95 -22.35
C ARG K 158 -15.02 16.68 -22.17
N ASP K 159 -15.74 17.57 -21.50
CA ASP K 159 -17.14 17.33 -21.17
C ASP K 159 -17.99 18.46 -21.74
N LEU K 160 -18.15 18.48 -23.07
CA LEU K 160 -18.97 19.48 -23.74
C LEU K 160 -20.43 19.02 -23.75
N LYS K 161 -21.31 19.86 -23.22
CA LYS K 161 -22.72 19.52 -23.07
C LYS K 161 -23.53 20.80 -23.06
N PRO K 162 -24.87 20.70 -23.22
CA PRO K 162 -25.69 21.92 -23.33
C PRO K 162 -25.57 22.88 -22.16
N GLU K 163 -25.27 22.39 -20.96
CA GLU K 163 -25.15 23.28 -19.80
C GLU K 163 -24.02 24.28 -19.97
N ASN K 164 -22.99 23.93 -20.73
CA ASN K 164 -21.82 24.77 -20.91
C ASN K 164 -21.99 25.79 -22.02
N ILE K 165 -23.05 25.68 -22.81
CA ILE K 165 -23.27 26.53 -23.98
C ILE K 165 -24.28 27.60 -23.56
N LEU K 166 -23.78 28.78 -23.24
CA LEU K 166 -24.60 29.91 -22.83
C LEU K 166 -24.46 31.02 -23.86
N LEU K 167 -25.27 32.06 -23.67
CA LEU K 167 -25.28 33.22 -24.56
C LEU K 167 -24.90 34.46 -23.78
N ASP K 168 -24.40 35.47 -24.48
CA ASP K 168 -24.11 36.74 -23.83
C ASP K 168 -25.28 37.70 -24.09
N GLU K 169 -25.10 38.96 -23.73
CA GLU K 169 -26.16 39.95 -23.88
C GLU K 169 -26.60 40.10 -25.34
N GLU K 170 -25.66 39.97 -26.27
CA GLU K 170 -25.99 40.11 -27.68
C GLU K 170 -26.54 38.83 -28.30
N GLY K 171 -26.43 37.70 -27.60
CA GLY K 171 -26.88 36.43 -28.13
C GLY K 171 -25.77 35.58 -28.70
N HIS K 172 -24.51 35.96 -28.48
CA HIS K 172 -23.38 35.19 -28.99
C HIS K 172 -23.05 34.03 -28.06
N ILE K 173 -22.45 32.99 -28.65
CA ILE K 173 -22.10 31.81 -27.89
C ILE K 173 -21.08 32.18 -26.81
N LYS K 174 -21.24 31.59 -25.63
CA LYS K 174 -20.30 31.74 -24.53
C LYS K 174 -20.20 30.42 -23.78
N LEU K 175 -19.05 29.76 -23.85
CA LEU K 175 -18.82 28.54 -23.10
C LEU K 175 -18.57 28.86 -21.63
N THR K 176 -19.20 28.10 -20.74
CA THR K 176 -19.08 28.34 -19.31
C THR K 176 -17.76 27.85 -18.73
N ASP K 177 -16.98 27.09 -19.49
CA ASP K 177 -15.73 26.56 -19.01
C ASP K 177 -14.76 26.51 -20.19
N PHE K 178 -13.48 26.27 -19.89
CA PHE K 178 -12.45 26.18 -20.91
C PHE K 178 -11.51 25.00 -20.64
N GLY K 179 -12.09 23.84 -20.34
CA GLY K 179 -11.30 22.64 -20.17
C GLY K 179 -10.77 22.39 -18.78
N LEU K 180 -11.29 23.10 -17.78
CA LEU K 180 -10.83 22.92 -16.41
C LEU K 180 -11.17 21.53 -15.86
N SER K 181 -10.20 20.94 -15.16
CA SER K 181 -10.44 19.74 -14.36
C SER K 181 -10.72 20.20 -12.94
N LYS K 182 -11.96 20.02 -12.50
CA LYS K 182 -12.44 20.61 -11.26
C LYS K 182 -12.75 19.54 -10.24
N GLU K 183 -12.68 19.93 -8.97
CA GLU K 183 -13.06 19.09 -7.85
C GLU K 183 -14.07 19.85 -7.02
N SER K 184 -15.26 19.29 -6.84
CA SER K 184 -16.30 19.99 -6.11
C SER K 184 -15.95 20.03 -4.62
N ILE K 185 -16.57 20.98 -3.92
CA ILE K 185 -16.39 21.06 -2.47
C ILE K 185 -17.17 19.96 -1.76
N ASP K 186 -16.88 19.80 -0.48
CA ASP K 186 -17.45 18.70 0.28
C ASP K 186 -18.97 18.77 0.32
N HIS K 187 -19.52 19.99 0.40
CA HIS K 187 -20.97 20.12 0.39
C HIS K 187 -21.56 19.68 -0.94
N GLU K 188 -20.87 19.97 -2.04
CA GLU K 188 -21.38 19.64 -3.36
C GLU K 188 -20.88 18.30 -3.89
N LYS K 189 -19.94 17.66 -3.19
CA LYS K 189 -19.40 16.40 -3.67
C LYS K 189 -20.43 15.28 -3.64
N LYS K 190 -20.43 14.49 -4.69
CA LYS K 190 -21.33 13.36 -4.82
C LYS K 190 -20.65 12.11 -4.29
N ALA K 191 -21.45 11.20 -3.73
CA ALA K 191 -20.91 10.00 -3.12
C ALA K 191 -20.25 9.10 -4.16
N TYR K 192 -20.83 9.01 -5.34
CA TYR K 192 -20.37 8.11 -6.40
C TYR K 192 -19.63 8.92 -7.46
N SER K 193 -18.42 8.46 -7.82
CA SER K 193 -17.56 9.21 -8.72
C SER K 193 -18.14 9.33 -10.13
N PHE K 194 -18.77 8.27 -10.62
CA PHE K 194 -19.36 8.26 -11.97
C PHE K 194 -18.34 8.66 -13.05
N THR K 197 -23.48 12.03 -18.60
CA THR K 197 -22.67 12.77 -19.56
C THR K 197 -22.23 11.88 -20.72
N VAL K 198 -22.77 10.66 -20.75
CA VAL K 198 -22.32 9.71 -21.77
C VAL K 198 -22.93 10.02 -23.12
N GLU K 199 -24.05 10.76 -23.16
CA GLU K 199 -24.76 10.95 -24.41
C GLU K 199 -23.87 11.62 -25.46
N TYR K 200 -22.99 12.52 -25.01
CA TYR K 200 -22.12 13.27 -25.90
C TYR K 200 -20.70 12.72 -25.97
N MET K 201 -20.42 11.59 -25.32
CA MET K 201 -19.06 11.06 -25.28
C MET K 201 -18.70 10.35 -26.59
N ALA K 202 -17.44 10.51 -26.98
CA ALA K 202 -16.90 9.89 -28.18
C ALA K 202 -16.58 8.42 -27.95
N PRO K 203 -16.50 7.62 -29.02
CA PRO K 203 -16.21 6.19 -28.83
C PRO K 203 -14.90 5.92 -28.09
N GLU K 204 -13.84 6.69 -28.36
CA GLU K 204 -12.58 6.45 -27.66
C GLU K 204 -12.69 6.78 -26.17
N VAL K 205 -13.40 7.85 -25.83
CA VAL K 205 -13.56 8.24 -24.42
C VAL K 205 -14.36 7.18 -23.67
N VAL K 206 -15.43 6.68 -24.30
CA VAL K 206 -16.28 5.66 -23.72
C VAL K 206 -15.52 4.34 -23.55
N ASN K 207 -14.65 4.01 -24.50
CA ASN K 207 -13.78 2.84 -24.40
C ASN K 207 -12.65 3.06 -23.41
N ARG K 208 -12.50 4.27 -22.88
CA ARG K 208 -11.41 4.64 -21.99
C ARG K 208 -10.07 4.41 -22.67
N ARG K 209 -10.06 4.49 -24.00
CA ARG K 209 -8.81 4.35 -24.75
C ARG K 209 -8.05 5.66 -24.83
N GLY K 210 -8.75 6.79 -24.68
CA GLY K 210 -8.12 8.09 -24.80
C GLY K 210 -9.07 9.21 -25.17
N HIS K 211 -8.72 10.41 -24.73
CA HIS K 211 -9.52 11.61 -24.96
C HIS K 211 -8.71 12.58 -25.83
N THR K 212 -9.09 12.73 -27.10
CA THR K 212 -8.38 13.59 -28.05
C THR K 212 -9.24 14.76 -28.52
N GLN K 213 -8.61 15.71 -29.22
CA GLN K 213 -9.35 16.85 -29.76
C GLN K 213 -10.39 16.39 -30.77
N SER K 214 -10.23 15.17 -31.32
CA SER K 214 -11.24 14.61 -32.20
C SER K 214 -12.48 14.18 -31.41
N ALA K 215 -12.32 13.88 -30.13
CA ALA K 215 -13.47 13.54 -29.29
C ALA K 215 -14.38 14.75 -29.11
N ASP K 216 -13.79 15.95 -28.99
CA ASP K 216 -14.60 17.16 -28.89
C ASP K 216 -15.46 17.34 -30.12
N TRP K 217 -14.91 17.03 -31.30
CA TRP K 217 -15.69 17.17 -32.53
C TRP K 217 -16.78 16.12 -32.63
N TRP K 218 -16.60 14.96 -31.99
CA TRP K 218 -17.69 14.00 -31.90
C TRP K 218 -18.86 14.56 -31.09
N SER K 219 -18.51 15.13 -29.93
CA SER K 219 -19.51 15.79 -29.07
C SER K 219 -20.14 16.91 -29.91
N PHE K 220 -19.29 17.67 -30.60
CA PHE K 220 -19.74 18.73 -31.49
C PHE K 220 -20.77 18.19 -32.46
N GLY K 221 -20.54 16.98 -32.98
CA GLY K 221 -21.50 16.36 -33.88
C GLY K 221 -22.79 15.98 -33.19
N VAL K 222 -22.68 15.45 -31.95
CA VAL K 222 -23.86 15.09 -31.18
C VAL K 222 -24.69 16.34 -30.86
N LEU K 223 -24.01 17.44 -30.53
CA LEU K 223 -24.71 18.69 -30.30
C LEU K 223 -25.40 19.18 -31.56
N MET K 224 -24.71 19.12 -32.70
CA MET K 224 -25.33 19.48 -33.97
C MET K 224 -26.54 18.60 -34.26
N PHE K 225 -26.40 17.29 -34.04
CA PHE K 225 -27.53 16.38 -34.23
C PHE K 225 -28.69 16.74 -33.31
N GLU K 226 -28.41 16.95 -32.02
CA GLU K 226 -29.47 17.23 -31.08
C GLU K 226 -30.15 18.57 -31.38
N MET K 227 -29.38 19.58 -31.77
CA MET K 227 -29.98 20.87 -32.08
C MET K 227 -30.88 20.80 -33.30
N LEU K 228 -30.48 20.05 -34.32
CA LEU K 228 -31.26 20.00 -35.55
C LEU K 228 -32.47 19.07 -35.45
N THR K 229 -32.37 17.99 -34.68
CA THR K 229 -33.47 17.04 -34.58
C THR K 229 -34.30 17.20 -33.30
N GLY K 230 -33.72 17.76 -32.24
CA GLY K 230 -34.38 17.77 -30.95
C GLY K 230 -34.20 16.51 -30.15
N THR K 231 -33.46 15.52 -30.67
CA THR K 231 -33.25 14.26 -29.99
C THR K 231 -31.76 13.93 -30.06
N LEU K 232 -31.32 13.11 -29.12
CA LEU K 232 -29.93 12.67 -29.05
C LEU K 232 -29.73 11.45 -29.94
N PRO K 233 -28.57 11.32 -30.59
CA PRO K 233 -28.38 10.20 -31.52
C PRO K 233 -28.38 8.83 -30.86
N PHE K 234 -27.75 8.71 -29.68
CA PHE K 234 -27.67 7.43 -28.98
C PHE K 234 -28.40 7.56 -27.64
N GLN K 235 -29.56 6.92 -27.54
CA GLN K 235 -30.38 6.94 -26.33
C GLN K 235 -30.83 5.53 -25.97
N GLY K 236 -30.59 5.14 -24.72
CA GLY K 236 -30.91 3.82 -24.23
C GLY K 236 -31.77 3.89 -22.99
N LYS K 237 -32.11 2.71 -22.46
CA LYS K 237 -32.97 2.67 -21.28
C LYS K 237 -32.23 3.21 -20.06
N ASP K 238 -30.96 2.84 -19.90
CA ASP K 238 -30.11 3.39 -18.85
C ASP K 238 -28.73 3.66 -19.43
N ARG K 239 -27.82 4.13 -18.57
CA ARG K 239 -26.48 4.52 -19.01
C ARG K 239 -25.77 3.39 -19.74
N LYS K 240 -25.88 2.15 -19.24
CA LYS K 240 -25.16 1.04 -19.86
C LYS K 240 -25.62 0.81 -21.29
N GLU K 241 -26.93 0.80 -21.52
CA GLU K 241 -27.42 0.58 -22.89
C GLU K 241 -26.98 1.72 -23.81
N THR K 242 -27.04 2.96 -23.32
CA THR K 242 -26.59 4.10 -24.11
C THR K 242 -25.12 3.99 -24.47
N MET K 243 -24.28 3.55 -23.52
CA MET K 243 -22.87 3.38 -23.81
C MET K 243 -22.65 2.34 -24.88
N THR K 244 -23.42 1.24 -24.84
CA THR K 244 -23.30 0.21 -25.87
C THR K 244 -23.64 0.76 -27.25
N MET K 245 -24.67 1.62 -27.32
CA MET K 245 -25.09 2.19 -28.59
C MET K 245 -24.02 3.10 -29.19
N ILE K 246 -23.42 3.95 -28.36
CA ILE K 246 -22.38 4.86 -28.85
C ILE K 246 -21.26 4.07 -29.51
N LEU K 247 -20.84 2.98 -28.87
CA LEU K 247 -19.76 2.19 -29.43
C LEU K 247 -20.23 1.33 -30.59
N LYS K 248 -21.43 0.75 -30.50
CA LYS K 248 -21.83 -0.33 -31.41
C LYS K 248 -23.25 -0.15 -31.98
N ALA K 249 -23.50 0.89 -32.77
CA ALA K 249 -24.86 1.08 -33.27
C ALA K 249 -24.84 1.76 -34.63
N LYS K 250 -25.72 1.31 -35.53
CA LYS K 250 -25.88 1.93 -36.84
C LYS K 250 -27.25 2.61 -36.93
N LEU K 251 -27.23 3.88 -37.35
CA LEU K 251 -28.39 4.74 -37.35
C LEU K 251 -28.80 5.08 -38.78
N GLY K 252 -30.08 5.34 -38.97
CA GLY K 252 -30.60 5.80 -40.24
C GLY K 252 -30.71 7.31 -40.25
N MET K 253 -30.09 7.92 -41.25
CA MET K 253 -30.04 9.38 -41.33
C MET K 253 -31.45 9.94 -41.41
N PRO K 254 -31.82 10.87 -40.53
CA PRO K 254 -33.13 11.54 -40.69
C PRO K 254 -33.14 12.32 -42.00
N GLN K 255 -34.23 12.17 -42.75
CA GLN K 255 -34.32 12.73 -44.09
C GLN K 255 -34.80 14.19 -44.13
N PHE K 256 -35.28 14.74 -43.01
CA PHE K 256 -35.62 16.15 -43.01
C PHE K 256 -34.40 17.04 -42.92
N LEU K 257 -33.23 16.47 -42.65
CA LEU K 257 -31.98 17.21 -42.64
C LEU K 257 -31.52 17.48 -44.07
N SER K 258 -30.89 18.64 -44.27
CA SER K 258 -30.40 18.99 -45.59
C SER K 258 -29.19 18.13 -45.96
N PRO K 259 -28.93 17.96 -47.26
CA PRO K 259 -27.79 17.10 -47.65
C PRO K 259 -26.46 17.53 -47.05
N GLU K 260 -26.23 18.83 -46.93
CA GLU K 260 -25.00 19.33 -46.32
C GLU K 260 -24.93 18.93 -44.85
N ALA K 261 -26.05 19.04 -44.12
CA ALA K 261 -26.08 18.68 -42.71
C ALA K 261 -25.85 17.18 -42.54
N GLN K 262 -26.49 16.37 -43.38
CA GLN K 262 -26.24 14.94 -43.34
C GLN K 262 -24.78 14.65 -43.66
N SER K 263 -24.24 15.36 -44.65
CA SER K 263 -22.85 15.18 -45.04
C SER K 263 -21.91 15.52 -43.88
N LEU K 264 -22.17 16.65 -43.20
CA LEU K 264 -21.33 17.05 -42.09
C LEU K 264 -21.42 16.03 -40.96
N LEU K 265 -22.64 15.61 -40.62
CA LEU K 265 -22.83 14.64 -39.56
C LEU K 265 -22.13 13.32 -39.87
N ARG K 266 -22.22 12.85 -41.12
CA ARG K 266 -21.55 11.61 -41.47
C ARG K 266 -20.04 11.71 -41.31
N MET K 267 -19.45 12.84 -41.70
CA MET K 267 -18.00 12.97 -41.57
C MET K 267 -17.56 13.06 -40.11
N LEU K 268 -18.34 13.69 -39.24
CA LEU K 268 -17.97 13.75 -37.83
C LEU K 268 -18.29 12.44 -37.12
N PHE K 269 -19.41 11.80 -37.48
CA PHE K 269 -19.85 10.60 -36.77
C PHE K 269 -19.15 9.39 -37.39
N LYS K 270 -17.83 9.34 -37.16
CA LYS K 270 -16.98 8.21 -37.50
C LYS K 270 -16.36 7.71 -36.21
N ARG K 271 -16.50 6.41 -35.95
CA ARG K 271 -16.15 5.85 -34.65
C ARG K 271 -14.64 5.86 -34.39
N ASN K 272 -13.83 5.78 -35.43
CA ASN K 272 -12.38 5.90 -35.28
C ASN K 272 -11.99 7.37 -35.28
N PRO K 273 -11.24 7.85 -34.29
CA PRO K 273 -10.84 9.27 -34.29
C PRO K 273 -10.11 9.71 -35.56
N ALA K 274 -9.25 8.84 -36.12
CA ALA K 274 -8.48 9.24 -37.29
C ALA K 274 -9.37 9.47 -38.50
N ASN K 275 -10.46 8.71 -38.62
CA ASN K 275 -11.38 8.94 -39.73
C ASN K 275 -12.26 10.15 -39.51
N ARG K 276 -12.29 10.68 -38.30
CA ARG K 276 -13.23 11.74 -37.95
C ARG K 276 -12.80 13.07 -38.55
N LEU K 277 -13.79 13.85 -38.97
CA LEU K 277 -13.52 15.16 -39.54
C LEU K 277 -12.94 16.08 -38.46
N GLY K 278 -11.98 16.89 -38.85
CA GLY K 278 -11.28 17.74 -37.90
C GLY K 278 -10.04 17.13 -37.30
N ALA K 279 -9.83 15.82 -37.46
CA ALA K 279 -8.63 15.15 -36.98
C ALA K 279 -7.55 15.02 -38.05
N GLY K 280 -7.82 15.51 -39.26
CA GLY K 280 -6.85 15.45 -40.33
C GLY K 280 -5.83 16.56 -40.25
N PRO K 281 -4.96 16.61 -41.26
CA PRO K 281 -3.92 17.65 -41.29
C PRO K 281 -4.51 19.05 -41.33
N ASP K 282 -5.61 19.22 -42.07
CA ASP K 282 -6.23 20.53 -42.20
C ASP K 282 -6.82 21.01 -40.88
N GLY K 283 -7.13 20.09 -39.98
CA GLY K 283 -7.59 20.47 -38.65
C GLY K 283 -9.00 21.03 -38.73
N VAL K 284 -9.21 22.18 -38.08
CA VAL K 284 -10.55 22.75 -38.02
C VAL K 284 -10.96 23.32 -39.37
N GLU K 285 -10.00 23.67 -40.23
CA GLU K 285 -10.35 24.20 -41.54
C GLU K 285 -11.04 23.16 -42.40
N GLU K 286 -10.86 21.88 -42.10
CA GLU K 286 -11.70 20.83 -42.67
C GLU K 286 -13.17 21.11 -42.43
N ILE K 287 -13.50 21.49 -41.20
CA ILE K 287 -14.89 21.77 -40.85
C ILE K 287 -15.33 23.13 -41.39
N LYS K 288 -14.49 24.14 -41.28
CA LYS K 288 -14.88 25.49 -41.77
C LYS K 288 -15.10 25.44 -43.27
N ARG K 289 -14.41 24.53 -43.96
CA ARG K 289 -14.44 24.40 -45.43
C ARG K 289 -15.62 23.54 -45.86
N HIS K 290 -16.34 22.93 -44.92
CA HIS K 290 -17.48 22.03 -45.25
C HIS K 290 -18.64 22.83 -45.87
N SER K 291 -19.45 22.16 -46.69
CA SER K 291 -20.56 22.80 -47.37
C SER K 291 -21.63 23.29 -46.39
N PHE K 292 -21.75 22.63 -45.24
CA PHE K 292 -22.72 23.09 -44.25
C PHE K 292 -22.44 24.52 -43.83
N PHE K 293 -21.17 24.83 -43.56
CA PHE K 293 -20.75 26.18 -43.15
C PHE K 293 -20.40 27.07 -44.34
N SER K 294 -20.89 26.77 -45.54
CA SER K 294 -20.54 27.57 -46.71
C SER K 294 -21.03 29.00 -46.58
N THR K 295 -22.16 29.19 -45.88
CA THR K 295 -22.77 30.50 -45.75
C THR K 295 -22.15 31.33 -44.65
N ILE K 296 -21.12 30.80 -43.97
CA ILE K 296 -20.53 31.43 -42.80
C ILE K 296 -19.21 32.10 -43.19
N ASP K 297 -19.09 33.39 -42.90
CA ASP K 297 -17.81 34.10 -42.95
C ASP K 297 -17.16 33.97 -41.58
N TRP K 298 -16.12 33.14 -41.49
CA TRP K 298 -15.57 32.76 -40.19
C TRP K 298 -14.85 33.90 -39.47
N ASN K 299 -14.16 34.78 -40.20
CA ASN K 299 -13.49 35.87 -39.51
C ASN K 299 -14.45 36.98 -39.10
N LYS K 300 -15.44 37.29 -39.94
CA LYS K 300 -16.49 38.21 -39.50
C LYS K 300 -17.18 37.67 -38.26
N LEU K 301 -17.38 36.35 -38.22
CA LEU K 301 -17.96 35.70 -37.05
C LEU K 301 -17.08 35.88 -35.83
N TYR K 302 -15.76 35.72 -35.99
CA TYR K 302 -14.84 35.89 -34.87
C TYR K 302 -14.85 37.32 -34.37
N ARG K 303 -15.01 38.29 -35.28
CA ARG K 303 -15.07 39.70 -34.90
C ARG K 303 -16.42 40.11 -34.36
N ARG K 304 -17.35 39.16 -34.27
CA ARG K 304 -18.70 39.41 -33.75
C ARG K 304 -19.41 40.49 -34.56
N GLU K 305 -19.14 40.52 -35.86
CA GLU K 305 -19.80 41.42 -36.80
C GLU K 305 -20.99 40.77 -37.49
N ILE K 306 -21.29 39.51 -37.17
CA ILE K 306 -22.45 38.80 -37.67
C ILE K 306 -23.45 38.70 -36.53
N HIS K 307 -24.65 39.24 -36.73
CA HIS K 307 -25.65 39.23 -35.67
C HIS K 307 -26.16 37.82 -35.42
N PRO K 308 -26.40 37.45 -34.16
CA PRO K 308 -26.96 36.13 -33.88
C PRO K 308 -28.39 36.05 -34.39
N PRO K 309 -28.88 34.84 -34.74
CA PRO K 309 -30.26 34.75 -35.24
C PRO K 309 -31.30 35.19 -34.24
N PHE K 310 -31.09 34.91 -32.96
CA PHE K 310 -32.04 35.25 -31.91
C PHE K 310 -31.33 36.09 -30.86
N LYS K 311 -31.97 37.18 -30.47
CA LYS K 311 -31.49 38.05 -29.40
C LYS K 311 -32.09 37.59 -28.08
N PRO K 312 -31.32 37.63 -26.99
CA PRO K 312 -31.81 37.05 -25.74
C PRO K 312 -33.06 37.73 -25.23
N ALA K 313 -34.01 36.90 -24.81
CA ALA K 313 -35.30 37.32 -24.30
C ALA K 313 -35.20 38.34 -23.17
N THR K 314 -36.25 39.15 -23.06
CA THR K 314 -36.50 40.08 -21.94
C THR K 314 -36.18 39.45 -20.58
N ARG L 12 -36.67 22.45 -46.47
CA ARG L 12 -37.43 21.24 -46.13
C ARG L 12 -38.22 21.46 -44.85
N ARG L 13 -39.07 20.51 -44.49
CA ARG L 13 -39.90 20.62 -43.29
C ARG L 13 -39.11 20.11 -42.10
N ARG L 14 -38.91 20.95 -41.10
CA ARG L 14 -38.14 20.62 -39.93
C ARG L 14 -39.06 20.38 -38.72
N PRO L 15 -38.63 19.58 -37.76
CA PRO L 15 -39.50 19.26 -36.62
C PRO L 15 -39.47 20.34 -35.56
N PRO L 16 -40.53 20.46 -34.76
CA PRO L 16 -40.45 21.30 -33.57
C PRO L 16 -39.64 20.60 -32.49
N VAL L 17 -38.72 21.35 -31.87
CA VAL L 17 -37.81 20.81 -30.88
C VAL L 17 -38.00 21.56 -29.57
N LYS L 18 -38.11 20.80 -28.48
CA LYS L 18 -38.17 21.35 -27.13
C LYS L 18 -37.17 20.61 -26.24
N PHE L 19 -36.45 21.36 -25.43
CA PHE L 19 -35.43 20.82 -24.53
C PHE L 19 -35.78 21.17 -23.08
N ILE L 20 -35.15 20.47 -22.15
CA ILE L 20 -35.32 20.71 -20.72
C ILE L 20 -33.98 21.18 -20.15
N PHE L 21 -33.92 22.44 -19.68
CA PHE L 21 -32.64 22.82 -19.08
C PHE L 21 -32.57 22.45 -17.60
N PRO L 22 -31.46 22.71 -16.90
CA PRO L 22 -30.93 21.74 -15.97
C PRO L 22 -31.28 20.33 -16.44
N PRO L 23 -30.69 19.90 -17.55
CA PRO L 23 -31.10 18.67 -18.23
C PRO L 23 -31.05 17.46 -17.32
N PRO L 24 -32.11 16.66 -17.32
CA PRO L 24 -32.15 15.46 -16.49
C PRO L 24 -31.29 14.36 -17.07
N PRO L 25 -30.62 13.57 -16.22
CA PRO L 25 -29.88 12.40 -16.73
C PRO L 25 -30.89 11.37 -17.20
N LEU L 26 -30.61 10.73 -18.35
CA LEU L 26 -31.54 9.71 -18.83
C LEU L 26 -31.53 8.46 -17.95
N SER L 27 -30.52 8.31 -17.08
CA SER L 27 -30.58 7.23 -16.10
C SER L 27 -31.91 7.32 -15.37
N SER L 28 -32.31 8.54 -15.00
CA SER L 28 -33.67 8.85 -14.60
C SER L 28 -34.49 9.18 -15.85
N LEU L 29 -35.81 9.17 -15.72
CA LEU L 29 -36.73 9.52 -16.80
C LEU L 29 -36.50 8.72 -18.09
N PRO L 30 -36.39 7.38 -18.01
CA PRO L 30 -36.02 6.60 -19.21
C PRO L 30 -37.08 6.51 -20.30
N GLY L 31 -38.31 6.21 -19.94
CA GLY L 31 -39.36 5.89 -20.89
C GLY L 31 -40.42 6.92 -21.18
N PHE L 32 -40.27 8.17 -20.72
CA PHE L 32 -41.35 9.13 -20.87
C PHE L 32 -41.58 9.51 -22.33
N GLY L 33 -42.85 9.60 -22.71
CA GLY L 33 -43.20 9.81 -24.11
C GLY L 33 -42.91 11.20 -24.64
N ARG L 34 -42.58 11.26 -25.94
CA ARG L 34 -42.37 12.51 -26.67
C ARG L 34 -43.34 12.58 -27.84
N PRO L 35 -44.58 13.03 -27.60
CA PRO L 35 -45.56 13.05 -28.70
C PRO L 35 -45.29 14.08 -29.78
N ARG L 36 -44.87 15.30 -29.41
CA ARG L 36 -44.87 16.37 -30.40
C ARG L 36 -43.60 16.37 -31.25
N GLY L 37 -42.48 15.94 -30.68
CA GLY L 37 -41.23 15.96 -31.39
C GLY L 37 -40.96 14.73 -32.22
N TYR L 38 -39.80 14.75 -32.88
CA TYR L 38 -39.33 13.63 -33.68
C TYR L 38 -38.92 12.49 -32.77
N ALA L 39 -39.31 11.27 -33.12
CA ALA L 39 -39.11 10.14 -32.22
C ALA L 39 -37.63 9.92 -31.93
N GLY L 40 -36.80 9.99 -32.95
CA GLY L 40 -35.38 9.78 -32.79
C GLY L 40 -34.82 9.02 -33.98
N PRO L 41 -33.51 8.86 -34.03
CA PRO L 41 -32.92 8.09 -35.13
C PRO L 41 -33.26 6.61 -35.00
N THR L 42 -33.57 6.00 -36.14
CA THR L 42 -33.89 4.58 -36.15
C THR L 42 -32.60 3.75 -36.13
N VAL L 43 -32.56 2.77 -35.22
CA VAL L 43 -31.40 1.89 -35.07
C VAL L 43 -31.54 0.73 -36.05
N ILE L 44 -30.68 0.71 -37.07
CA ILE L 44 -30.75 -0.35 -38.07
C ILE L 44 -30.35 -1.69 -37.47
N ASP L 45 -29.26 -1.70 -36.70
CA ASP L 45 -28.74 -2.89 -36.05
C ASP L 45 -27.65 -2.46 -35.07
N MET L 46 -27.11 -3.42 -34.34
CA MET L 46 -25.94 -3.15 -33.50
C MET L 46 -24.69 -3.67 -34.18
N SER L 47 -24.58 -3.35 -35.48
CA SER L 47 -23.48 -3.81 -36.31
C SER L 47 -22.14 -3.19 -35.94
N ALA L 48 -22.16 -2.10 -35.18
CA ALA L 48 -20.96 -1.35 -34.81
C ALA L 48 -20.07 -0.94 -36.00
N PRO L 49 -20.63 -0.40 -37.09
CA PRO L 49 -19.80 -0.01 -38.21
C PRO L 49 -19.10 1.31 -37.92
N ASP L 50 -17.99 1.52 -38.64
CA ASP L 50 -17.24 2.76 -38.47
C ASP L 50 -18.09 3.97 -38.81
N ASP L 51 -18.83 3.90 -39.92
CA ASP L 51 -19.73 4.97 -40.29
C ASP L 51 -21.03 4.74 -39.53
N VAL L 52 -21.30 5.63 -38.58
CA VAL L 52 -22.43 5.44 -37.67
C VAL L 52 -23.74 5.42 -38.44
N PHE L 53 -23.86 6.26 -39.46
CA PHE L 53 -25.09 6.35 -40.24
C PHE L 53 -24.92 5.48 -41.46
N ALA L 54 -25.94 4.70 -41.79
CA ALA L 54 -25.85 3.89 -42.99
C ALA L 54 -26.10 4.78 -44.19
N GLU L 55 -25.37 4.55 -45.27
CA GLU L 55 -25.50 5.42 -46.41
C GLU L 55 -26.89 5.27 -47.02
N ASP L 56 -27.41 6.37 -47.55
CA ASP L 56 -28.75 6.36 -48.14
C ASP L 56 -28.86 5.44 -49.35
PG ANP M . -2.02 -6.03 22.16
O1G ANP M . -3.21 -5.56 22.94
O2G ANP M . -2.13 -5.57 20.65
O3G ANP M . -0.73 -5.35 22.77
PB ANP M . -2.58 -8.68 21.17
O1B ANP M . -2.77 -10.06 21.73
O2B ANP M . -3.97 -8.09 20.82
N3B ANP M . -1.85 -7.71 22.34
PA ANP M . -1.69 -7.83 18.64
O1A ANP M . -2.99 -7.80 17.95
O2A ANP M . -1.09 -6.50 19.08
O3A ANP M . -1.68 -8.83 19.90
O5' ANP M . -0.68 -8.57 17.70
C5' ANP M . 0.68 -8.63 18.11
C4' ANP M . 1.54 -8.74 16.89
O4' ANP M . 1.26 -9.99 16.22
C3' ANP M . 1.29 -7.68 15.83
O3' ANP M . 2.03 -6.49 16.10
C2' ANP M . 1.76 -8.38 14.56
O2' ANP M . 3.17 -8.38 14.43
C1' ANP M . 1.25 -9.81 14.82
N9 ANP M . -0.09 -10.06 14.32
C8 ANP M . -1.27 -9.91 14.99
N7 ANP M . -2.33 -10.21 14.30
C5 ANP M . -1.81 -10.58 13.06
C6 ANP M . -2.43 -11.00 11.87
N6 ANP M . -3.74 -11.14 11.71
N1 ANP M . -1.61 -11.30 10.82
C2 ANP M . -0.30 -11.17 10.98
N3 ANP M . 0.39 -10.78 12.05
C4 ANP M . -0.43 -10.49 13.06
PG ANP N . 14.13 -18.73 29.35
O1G ANP N . 15.29 -19.14 30.20
O2G ANP N . 12.85 -19.52 29.82
O3G ANP N . 14.38 -19.10 27.85
PB ANP N . 15.13 -16.07 29.27
O1B ANP N . 14.84 -14.75 29.91
O2B ANP N . 16.44 -16.68 29.82
N3B ANP N . 13.81 -17.08 29.51
PA ANP N . 16.26 -16.55 26.77
O1A ANP N . 17.68 -16.47 27.17
O2A ANP N . 15.70 -17.95 26.54
O3A ANP N . 15.31 -15.76 27.75
O5' ANP N . 16.15 -15.68 25.46
C5' ANP N . 14.89 -15.54 24.79
C4' ANP N . 15.16 -15.28 23.34
O4' ANP N . 15.87 -14.01 23.20
C3' ANP N . 16.08 -16.29 22.67
O3' ANP N . 15.32 -17.40 22.20
C2' ANP N . 16.66 -15.46 21.52
O2' ANP N . 15.74 -15.34 20.45
C1' ANP N . 16.87 -14.11 22.20
N9 ANP N . 18.17 -13.95 22.82
C8 ANP N . 18.52 -14.24 24.11
N7 ANP N . 19.78 -14.00 24.38
C5 ANP N . 20.30 -13.53 23.18
C6 ANP N . 21.58 -13.09 22.81
N6 ANP N . 22.63 -13.06 23.63
N1 ANP N . 21.75 -12.68 21.53
C2 ANP N . 20.71 -12.70 20.70
N3 ANP N . 19.45 -13.09 20.94
C4 ANP N . 19.31 -13.49 22.22
PG ANP O . 15.53 -14.95 -20.15
O1G ANP O . 16.57 -15.67 -20.94
O2G ANP O . 14.19 -14.92 -20.97
O3G ANP O . 15.32 -15.68 -18.79
PB ANP O . 14.89 -12.24 -19.65
O1B ANP O . 15.46 -10.89 -19.94
O2B ANP O . 13.65 -12.53 -20.54
N3B ANP O . 16.09 -13.37 -19.90
PA ANP O . 13.39 -13.10 -17.41
O1A ANP O . 12.02 -12.82 -17.91
O2A ANP O . 13.82 -14.58 -17.40
O3A ANP O . 14.50 -12.24 -18.14
O5' ANP O . 13.52 -12.48 -15.97
C5' ANP O . 14.76 -12.64 -15.25
C4' ANP O . 14.46 -12.56 -13.78
O4' ANP O . 13.94 -11.23 -13.48
C3' ANP O . 13.39 -13.50 -13.26
O3' ANP O . 13.94 -14.76 -12.91
C2' ANP O . 12.87 -12.75 -12.03
O2' ANP O . 13.75 -12.92 -10.92
C1' ANP O . 12.91 -11.31 -12.52
N9 ANP O . 11.67 -10.85 -13.14
C8 ANP O . 11.31 -10.89 -14.46
N7 ANP O . 10.13 -10.40 -14.71
C5 ANP O . 9.67 -9.99 -13.47
C6 ANP O . 8.47 -9.40 -13.05
N6 ANP O . 7.46 -9.08 -13.87
N1 ANP O . 8.32 -9.12 -11.73
C2 ANP O . 9.32 -9.44 -10.90
N3 ANP O . 10.50 -10.02 -11.17
C4 ANP O . 10.60 -10.27 -12.49
PG ANP P . 33.58 -6.35 -12.13
O1G ANP P . 34.88 -5.94 -12.73
O2G ANP P . 33.65 -6.18 -10.58
O3G ANP P . 32.45 -5.39 -12.65
PB ANP P . 33.63 -9.22 -11.66
O1B ANP P . 33.57 -10.44 -12.50
O2B ANP P . 35.06 -9.04 -11.11
N3B ANP P . 33.16 -7.92 -12.61
PA ANP P . 32.60 -8.62 -9.10
O1A ANP P . 33.84 -8.78 -8.32
O2A ANP P . 32.15 -7.18 -9.40
O3A ANP P . 32.62 -9.43 -10.47
O5' ANP P . 31.47 -9.38 -8.32
C5' ANP P . 30.11 -9.26 -8.74
C4' ANP P . 29.24 -9.46 -7.53
O4' ANP P . 29.42 -10.80 -7.01
C3' ANP P . 29.54 -8.55 -6.36
O3' ANP P . 28.86 -7.31 -6.49
C2' ANP P . 29.01 -9.37 -5.18
O2' ANP P . 27.59 -9.25 -5.09
C1' ANP P . 29.40 -10.79 -5.60
N9 ANP P . 30.70 -11.22 -5.09
C8 ANP P . 31.92 -11.11 -5.70
N7 ANP P . 32.92 -11.60 -5.00
C5 ANP P . 32.31 -12.06 -3.84
C6 ANP P . 32.81 -12.69 -2.69
N6 ANP P . 34.10 -12.98 -2.50
N1 ANP P . 31.93 -13.03 -1.72
C2 ANP P . 30.63 -12.75 -1.90
N3 ANP P . 30.05 -12.15 -2.95
C4 ANP P . 30.94 -11.84 -3.89
PG ANP Q . -35.68 18.87 0.28
O1G ANP Q . -35.52 17.79 1.29
O2G ANP Q . -37.13 19.44 0.38
O3G ANP Q . -34.67 20.02 0.62
PB ANP Q . -36.76 17.68 -1.98
O1B ANP Q . -36.41 16.65 -3.01
O2B ANP Q . -37.73 17.14 -0.92
N3B ANP Q . -35.35 18.21 -1.26
PA ANP Q . -38.22 20.09 -2.29
O1A ANP Q . -39.51 19.72 -1.66
O2A ANP Q . -37.31 20.93 -1.39
O3A ANP Q . -37.39 18.86 -2.82
O5' ANP Q . -38.47 20.84 -3.64
C5' ANP Q . -37.34 21.53 -4.18
C4' ANP Q . -37.85 22.68 -5.01
O4' ANP Q . -38.56 22.17 -6.15
C3' ANP Q . -38.85 23.57 -4.29
O3' ANP Q . -38.20 24.57 -3.51
C2' ANP Q . -39.64 24.15 -5.47
O2' ANP Q . -38.90 25.19 -6.11
C1' ANP Q . -39.72 22.94 -6.39
N9 ANP Q . -40.88 22.10 -6.12
C8 ANP Q . -40.94 21.05 -5.25
N7 ANP Q . -42.10 20.45 -5.20
C5 ANP Q . -42.85 21.14 -6.15
C6 ANP Q . -44.18 20.99 -6.59
N6 ANP Q . -45.02 20.06 -6.12
N1 ANP Q . -44.63 21.86 -7.53
C2 ANP Q . -43.79 22.79 -7.99
N3 ANP Q . -42.52 23.02 -7.65
C4 ANP Q . -42.11 22.16 -6.72
PG ANP R . -20.61 20.90 -15.39
O1G ANP R . -19.37 20.12 -15.60
O2G ANP R . -20.77 21.91 -16.57
O3G ANP R . -21.84 19.92 -15.44
PB ANP R . -19.97 23.15 -13.69
O1B ANP R . -19.60 23.36 -12.27
O2B ANP R . -18.72 23.31 -14.60
N3B ANP R . -20.60 21.60 -13.84
PA ANP R . -21.56 24.61 -15.48
O1A ANP R . -20.52 25.17 -16.36
O2A ANP R . -22.31 23.39 -16.04
O3A ANP R . -21.04 24.23 -14.05
O5' ANP R . -22.60 25.72 -15.10
C5' ANP R . -23.82 25.21 -14.55
C4' ANP R . -24.92 26.19 -14.84
O4' ANP R . -24.66 27.43 -14.14
C3' ANP R . -25.01 26.60 -16.31
O3' ANP R . -25.77 25.66 -17.06
C2' ANP R . -25.67 27.97 -16.21
O2' ANP R . -27.07 27.88 -15.97
C1' ANP R . -24.98 28.54 -14.97
N9 ANP R . -23.75 29.26 -15.24
C8 ANP R . -22.48 28.77 -15.27
N7 ANP R . -21.56 29.66 -15.54
C5 ANP R . -22.29 30.82 -15.71
C6 ANP R . -21.90 32.14 -16.01
N6 ANP R . -20.63 32.52 -16.22
N1 ANP R . -22.88 33.08 -16.11
C2 ANP R . -24.14 32.71 -15.90
N3 ANP R . -24.62 31.51 -15.61
C4 ANP R . -23.64 30.60 -15.53
#